data_3SL4
#
_entry.id   3SL4
#
_cell.length_a   99.375
_cell.length_b   111.088
_cell.length_c   161.215
_cell.angle_alpha   90.000
_cell.angle_beta   90.000
_cell.angle_gamma   90.000
#
_symmetry.space_group_name_H-M   'P 21 21 21'
#
loop_
_entity.id
_entity.type
_entity.pdbx_description
1 polymer "cAMP-specific 3',5'-cyclic phosphodiesterase 4D"
2 non-polymer 'ZINC ION'
3 non-polymer 1,2-ETHANEDIOL
4 non-polymer 'DIMETHYL SULFOXIDE'
5 non-polymer DI(HYDROXYETHYL)ETHER
6 non-polymer 'PHOSPHATE ION'
7 non-polymer 'ethenyl 6-(ethenylcarbamoyl)-2-[(phenylacetyl)amino]-4,5,6,7-tetrahydrothieno[2,3-c]pyridine-3-carboxylate'
8 non-polymer '4-(2-HYDROXYETHYL)-1-PIPERAZINE ETHANESULFONIC ACID'
9 water water
#
_entity_poly.entity_id   1
_entity_poly.type   'polypeptide(L)'
_entity_poly.pdbx_seq_one_letter_code
;IPRFGVKTEQEDVLAKELEDVNKWGLHVFRIAELSGNRPLTVIMHTIFQERDLLKTFKIPVDTLITYLMTLEDHYHADVA
YHNNIHAADVVQSTHVLLSTPALEAVFTDLEILAAIFASAIHDVDHPGVSNQFLINTNSELALMYNDSSVLENHHLAVGF
KLLQEENCDIFQNLTKKQRQSLRKMVIDIVLATDMSKHMNLLADLKTMVETKKVTSSGVLLLDNYSDRIQVLQNMVHCAD
LSNPTKPLQLYRQWTDRIMEEFFRQGDRERERGMEISPMCDKHNASVEKSQVGFIDYIVHPLWETWADLVHPDAQDILDT
LEDNREWYQSTIPQSPSPAPDDPEEGRQGQTEKFQFELTLE
;
_entity_poly.pdbx_strand_id   A,B,C,D
#
loop_
_chem_comp.id
_chem_comp.type
_chem_comp.name
_chem_comp.formula
DMS non-polymer 'DIMETHYL SULFOXIDE' 'C2 H6 O S'
EDO non-polymer 1,2-ETHANEDIOL 'C2 H6 O2'
EPE non-polymer '4-(2-HYDROXYETHYL)-1-PIPERAZINE ETHANESULFONIC ACID' 'C8 H18 N2 O4 S'
JN4 non-polymer 'ethenyl 6-(ethenylcarbamoyl)-2-[(phenylacetyl)amino]-4,5,6,7-tetrahydrothieno[2,3-c]pyridine-3-carboxylate' 'C21 H21 N3 O4 S'
PEG non-polymer DI(HYDROXYETHYL)ETHER 'C4 H10 O3'
PO4 non-polymer 'PHOSPHATE ION' 'O4 P -3'
ZN non-polymer 'ZINC ION' 'Zn 2'
#
# COMPACT_ATOMS: atom_id res chain seq x y z
N GLY A 5 -9.59 -33.98 -27.28
CA GLY A 5 -10.37 -33.92 -26.05
C GLY A 5 -10.05 -35.05 -25.07
N VAL A 6 -8.83 -35.56 -25.15
CA VAL A 6 -8.38 -36.63 -24.26
C VAL A 6 -7.04 -36.29 -23.62
N LYS A 7 -6.89 -36.68 -22.35
CA LYS A 7 -5.69 -36.38 -21.60
C LYS A 7 -4.41 -36.77 -22.36
N THR A 8 -3.37 -35.96 -22.20
CA THR A 8 -2.03 -36.38 -22.61
C THR A 8 -1.61 -37.48 -21.65
N GLU A 9 -0.51 -38.16 -21.95
CA GLU A 9 -0.06 -39.23 -21.07
C GLU A 9 0.41 -38.67 -19.72
N GLN A 10 1.07 -37.52 -19.74
CA GLN A 10 1.45 -36.88 -18.48
C GLN A 10 0.21 -36.53 -17.64
N GLU A 11 -0.81 -35.97 -18.28
CA GLU A 11 -2.06 -35.65 -17.59
C GLU A 11 -2.69 -36.91 -16.98
N ASP A 12 -2.58 -38.03 -17.69
CA ASP A 12 -3.13 -39.29 -17.20
C ASP A 12 -2.41 -39.80 -15.97
N VAL A 13 -1.10 -39.71 -15.98
CA VAL A 13 -0.31 -40.16 -14.84
C VAL A 13 -0.65 -39.27 -13.64
N LEU A 14 -0.73 -37.96 -13.88
CA LEU A 14 -1.13 -37.01 -12.84
C LEU A 14 -2.48 -37.39 -12.25
N ALA A 15 -3.44 -37.70 -13.12
CA ALA A 15 -4.80 -38.04 -12.69
C ALA A 15 -4.84 -39.28 -11.83
N LYS A 16 -3.98 -40.24 -12.14
CA LYS A 16 -3.95 -41.47 -11.35
C LYS A 16 -3.34 -41.18 -9.96
N GLU A 17 -2.31 -40.35 -9.91
CA GLU A 17 -1.73 -39.97 -8.61
C GLU A 17 -2.79 -39.25 -7.76
N LEU A 18 -3.64 -38.46 -8.40
CA LEU A 18 -4.65 -37.68 -7.68
C LEU A 18 -5.80 -38.55 -7.16
N GLU A 19 -5.83 -39.83 -7.53
CA GLU A 19 -6.84 -40.72 -6.97
C GLU A 19 -6.61 -40.98 -5.48
N ASP A 20 -5.42 -40.64 -5.00
CA ASP A 20 -5.08 -40.77 -3.58
C ASP A 20 -5.38 -39.50 -2.78
N VAL A 21 -6.08 -38.53 -3.37
CA VAL A 21 -6.35 -37.24 -2.73
C VAL A 21 -7.09 -37.36 -1.39
N ASN A 22 -7.83 -38.45 -1.19
CA ASN A 22 -8.52 -38.67 0.08
C ASN A 22 -7.65 -39.40 1.11
N LYS A 23 -6.38 -39.65 0.78
CA LYS A 23 -5.55 -40.46 1.68
C LYS A 23 -4.39 -39.70 2.33
N TRP A 24 -4.14 -39.99 3.59
CA TRP A 24 -2.97 -39.47 4.30
C TRP A 24 -1.72 -40.02 3.62
N GLY A 25 -0.81 -39.13 3.21
CA GLY A 25 0.43 -39.56 2.59
C GLY A 25 0.45 -39.49 1.07
N LEU A 26 -0.46 -38.71 0.49
CA LEU A 26 -0.43 -38.46 -0.93
C LEU A 26 0.99 -38.14 -1.38
N HIS A 27 1.39 -38.64 -2.55
CA HIS A 27 2.71 -38.34 -3.10
C HIS A 27 2.70 -36.92 -3.65
N VAL A 28 2.78 -35.92 -2.77
CA VAL A 28 2.59 -34.55 -3.21
C VAL A 28 3.76 -33.99 -4.01
N PHE A 29 4.97 -34.48 -3.75
CA PHE A 29 6.11 -34.03 -4.52
C PHE A 29 6.02 -34.52 -5.97
N ARG A 30 5.51 -35.73 -6.16
CA ARG A 30 5.30 -36.28 -7.51
C ARG A 30 4.23 -35.48 -8.25
N ILE A 31 3.18 -35.12 -7.54
CA ILE A 31 2.11 -34.34 -8.15
C ILE A 31 2.65 -32.98 -8.59
N ALA A 32 3.52 -32.39 -7.77
CA ALA A 32 4.14 -31.12 -8.14
C ALA A 32 4.93 -31.27 -9.44
N GLU A 33 5.63 -32.40 -9.56
CA GLU A 33 6.45 -32.65 -10.75
C GLU A 33 5.54 -32.88 -11.95
N LEU A 34 4.57 -33.75 -11.78
CA LEU A 34 3.72 -34.18 -12.89
C LEU A 34 2.90 -33.01 -13.41
N SER A 35 2.49 -32.12 -12.50
CA SER A 35 1.62 -31.01 -12.87
C SER A 35 2.38 -29.80 -13.39
N GLY A 36 3.70 -29.89 -13.51
CA GLY A 36 4.49 -28.77 -13.97
C GLY A 36 4.56 -27.68 -12.91
N ASN A 37 4.76 -28.10 -11.67
CA ASN A 37 4.76 -27.20 -10.50
C ASN A 37 3.42 -26.49 -10.29
N ARG A 38 2.34 -27.22 -10.48
CA ARG A 38 1.02 -26.72 -10.16
C ARG A 38 0.33 -27.59 -9.11
N PRO A 39 1.06 -28.02 -8.06
CA PRO A 39 0.38 -28.89 -7.10
C PRO A 39 -0.83 -28.23 -6.41
N LEU A 40 -0.72 -26.94 -6.09
CA LEU A 40 -1.79 -26.26 -5.35
C LEU A 40 -3.03 -26.18 -6.24
N THR A 41 -2.84 -25.77 -7.50
CA THR A 41 -3.98 -25.62 -8.41
C THR A 41 -4.68 -26.96 -8.67
N VAL A 42 -3.91 -28.01 -8.99
CA VAL A 42 -4.55 -29.29 -9.32
C VAL A 42 -5.21 -29.95 -8.12
N ILE A 43 -4.58 -29.86 -6.97
CA ILE A 43 -5.15 -30.44 -5.76
C ILE A 43 -6.40 -29.68 -5.30
N MET A 44 -6.33 -28.34 -5.30
CA MET A 44 -7.52 -27.55 -5.02
C MET A 44 -8.67 -27.87 -5.97
N HIS A 45 -8.38 -27.89 -7.26
CA HIS A 45 -9.44 -28.13 -8.24
C HIS A 45 -10.06 -29.49 -7.99
N THR A 46 -9.22 -30.48 -7.74
CA THR A 46 -9.69 -31.84 -7.46
C THR A 46 -10.60 -31.88 -6.23
N ILE A 47 -10.19 -31.22 -5.16
CA ILE A 47 -10.96 -31.21 -3.92
C ILE A 47 -12.27 -30.43 -4.08
N PHE A 48 -12.22 -29.29 -4.76
CA PHE A 48 -13.46 -28.56 -5.01
C PHE A 48 -14.47 -29.39 -5.79
N GLN A 49 -14.02 -30.12 -6.80
CA GLN A 49 -14.91 -30.98 -7.56
C GLN A 49 -15.40 -32.12 -6.68
N GLU A 50 -14.48 -32.74 -5.95
CA GLU A 50 -14.83 -33.88 -5.10
C GLU A 50 -15.87 -33.51 -4.04
N ARG A 51 -15.78 -32.29 -3.50
CA ARG A 51 -16.75 -31.83 -2.50
C ARG A 51 -17.90 -31.02 -3.10
N ASP A 52 -17.98 -30.99 -4.43
CA ASP A 52 -19.05 -30.28 -5.12
C ASP A 52 -19.14 -28.78 -4.76
N LEU A 53 -18.02 -28.18 -4.42
CA LEU A 53 -17.99 -26.77 -4.02
C LEU A 53 -18.30 -25.79 -5.16
N LEU A 54 -18.00 -26.19 -6.39
CA LEU A 54 -18.31 -25.30 -7.52
C LEU A 54 -19.80 -25.10 -7.67
N LYS A 55 -20.56 -26.18 -7.61
CA LYS A 55 -22.01 -26.08 -7.75
C LYS A 55 -22.62 -25.39 -6.53
N THR A 56 -22.21 -25.83 -5.34
CA THR A 56 -22.76 -25.28 -4.11
C THR A 56 -22.56 -23.77 -4.00
N PHE A 57 -21.41 -23.28 -4.42
CA PHE A 57 -21.12 -21.85 -4.27
C PHE A 57 -21.17 -21.08 -5.59
N LYS A 58 -21.66 -21.74 -6.62
CA LYS A 58 -21.84 -21.12 -7.93
C LYS A 58 -20.56 -20.47 -8.41
N ILE A 59 -19.47 -21.21 -8.31
CA ILE A 59 -18.17 -20.68 -8.69
C ILE A 59 -17.89 -21.07 -10.14
N PRO A 60 -17.70 -20.08 -11.03
CA PRO A 60 -17.43 -20.46 -12.42
C PRO A 60 -16.06 -21.12 -12.51
N VAL A 61 -15.94 -22.18 -13.30
CA VAL A 61 -14.71 -22.97 -13.28
C VAL A 61 -13.48 -22.23 -13.80
N ASP A 62 -13.64 -21.37 -14.80
CA ASP A 62 -12.49 -20.61 -15.32
C ASP A 62 -12.01 -19.59 -14.28
N THR A 63 -12.95 -19.04 -13.52
CA THR A 63 -12.62 -18.15 -12.42
C THR A 63 -11.84 -18.88 -11.35
N LEU A 64 -12.28 -20.08 -10.99
CA LEU A 64 -11.58 -20.88 -9.99
C LEU A 64 -10.16 -21.17 -10.45
N ILE A 65 -10.02 -21.64 -11.68
CA ILE A 65 -8.67 -21.94 -12.17
C ILE A 65 -7.78 -20.71 -12.25
N THR A 66 -8.32 -19.60 -12.75
CA THR A 66 -7.56 -18.35 -12.83
C THR A 66 -7.10 -17.90 -11.45
N TYR A 67 -8.01 -17.90 -10.49
CA TYR A 67 -7.62 -17.54 -9.14
C TYR A 67 -6.55 -18.52 -8.62
N LEU A 68 -6.75 -19.81 -8.82
CA LEU A 68 -5.78 -20.77 -8.25
C LEU A 68 -4.39 -20.60 -8.83
N MET A 69 -4.30 -20.40 -10.15
CA MET A 69 -3.00 -20.19 -10.77
C MET A 69 -2.37 -18.90 -10.27
N THR A 70 -3.20 -17.87 -10.13
CA THR A 70 -2.73 -16.59 -9.59
C THR A 70 -2.20 -16.76 -8.15
N LEU A 71 -2.96 -17.46 -7.31
CA LEU A 71 -2.55 -17.69 -5.93
C LEU A 71 -1.24 -18.49 -5.93
N GLU A 72 -1.22 -19.56 -6.71
CA GLU A 72 -0.04 -20.42 -6.72
C GLU A 72 1.22 -19.67 -7.16
N ASP A 73 1.06 -18.78 -8.14
CA ASP A 73 2.15 -17.93 -8.62
C ASP A 73 2.66 -16.93 -7.59
N HIS A 74 1.88 -16.65 -6.55
CA HIS A 74 2.33 -15.73 -5.51
C HIS A 74 3.02 -16.43 -4.33
N TYR A 75 3.12 -17.76 -4.40
CA TYR A 75 4.09 -18.46 -3.56
C TYR A 75 5.46 -18.39 -4.25
N HIS A 76 6.54 -18.41 -3.47
CA HIS A 76 7.90 -18.23 -3.99
C HIS A 76 8.55 -19.58 -4.33
N ALA A 77 8.84 -19.82 -5.60
CA ALA A 77 9.52 -21.04 -6.01
C ALA A 77 10.96 -21.11 -5.46
N ASP A 78 11.52 -19.97 -5.11
CA ASP A 78 12.89 -19.93 -4.57
C ASP A 78 12.92 -20.00 -3.05
N VAL A 79 11.85 -20.51 -2.47
CA VAL A 79 11.76 -20.75 -1.03
C VAL A 79 11.61 -22.26 -0.81
N ALA A 80 12.50 -22.85 -0.01
CA ALA A 80 12.61 -24.31 0.01
C ALA A 80 11.43 -25.01 0.67
N TYR A 81 10.91 -24.45 1.75
CA TYR A 81 9.79 -25.07 2.46
C TYR A 81 8.46 -24.31 2.29
N HIS A 82 8.42 -23.03 2.64
CA HIS A 82 7.15 -22.29 2.61
C HIS A 82 6.71 -21.88 1.20
N ASN A 83 6.40 -22.89 0.38
CA ASN A 83 6.09 -22.63 -1.03
C ASN A 83 4.77 -23.27 -1.41
N ASN A 84 4.47 -23.25 -2.70
CA ASN A 84 3.19 -23.81 -3.17
C ASN A 84 3.03 -25.30 -2.87
N ILE A 85 4.12 -26.04 -2.78
CA ILE A 85 3.98 -27.46 -2.49
C ILE A 85 3.52 -27.64 -1.05
N HIS A 86 4.10 -26.87 -0.14
CA HIS A 86 3.65 -26.88 1.25
C HIS A 86 2.17 -26.49 1.34
N ALA A 87 1.78 -25.42 0.65
CA ALA A 87 0.39 -25.02 0.65
C ALA A 87 -0.51 -26.17 0.19
N ALA A 88 -0.12 -26.82 -0.90
CA ALA A 88 -0.93 -27.93 -1.42
C ALA A 88 -1.06 -29.06 -0.40
N ASP A 89 0.04 -29.31 0.31
CA ASP A 89 0.11 -30.37 1.31
C ASP A 89 -0.85 -30.06 2.47
N VAL A 90 -0.84 -28.80 2.92
CA VAL A 90 -1.72 -28.40 4.02
C VAL A 90 -3.19 -28.44 3.60
N VAL A 91 -3.47 -27.99 2.40
CA VAL A 91 -4.81 -28.14 1.85
C VAL A 91 -5.28 -29.59 1.81
N GLN A 92 -4.45 -30.48 1.27
CA GLN A 92 -4.91 -31.88 1.14
C GLN A 92 -5.02 -32.54 2.52
N SER A 93 -4.16 -32.14 3.45
CA SER A 93 -4.21 -32.74 4.78
C SER A 93 -5.45 -32.26 5.55
N THR A 94 -5.75 -30.98 5.41
CA THR A 94 -6.97 -30.42 5.97
C THR A 94 -8.19 -31.14 5.39
N HIS A 95 -8.17 -31.39 4.08
CA HIS A 95 -9.22 -32.15 3.41
C HIS A 95 -9.44 -33.55 4.01
N VAL A 96 -8.35 -34.24 4.31
CA VAL A 96 -8.47 -35.56 4.94
C VAL A 96 -8.99 -35.45 6.38
N LEU A 97 -8.49 -34.48 7.12
CA LEU A 97 -8.96 -34.30 8.50
C LEU A 97 -10.45 -33.93 8.55
N LEU A 98 -10.94 -33.17 7.56
CA LEU A 98 -12.35 -32.78 7.55
C LEU A 98 -13.26 -33.98 7.32
N SER A 99 -12.71 -35.03 6.73
CA SER A 99 -13.51 -36.21 6.39
C SER A 99 -13.49 -37.25 7.49
N THR A 100 -12.83 -36.94 8.61
CA THR A 100 -12.73 -37.93 9.68
C THR A 100 -14.09 -38.29 10.28
N PRO A 101 -14.32 -39.60 10.51
CA PRO A 101 -15.64 -40.07 10.97
C PRO A 101 -16.21 -39.29 12.15
N ALA A 102 -15.38 -38.89 13.11
CA ALA A 102 -15.89 -38.17 14.28
C ALA A 102 -16.50 -36.80 13.94
N LEU A 103 -16.24 -36.33 12.72
CA LEU A 103 -16.69 -35.00 12.31
C LEU A 103 -17.70 -35.08 11.19
N GLU A 104 -18.12 -36.31 10.88
CA GLU A 104 -19.11 -36.53 9.83
C GLU A 104 -20.34 -35.68 10.06
N ALA A 105 -20.66 -34.84 9.08
CA ALA A 105 -21.88 -34.03 9.12
C ALA A 105 -21.88 -32.94 10.18
N VAL A 106 -20.72 -32.65 10.78
CA VAL A 106 -20.66 -31.57 11.76
C VAL A 106 -20.62 -30.18 11.10
N PHE A 107 -19.76 -30.01 10.12
CA PHE A 107 -19.51 -28.67 9.57
C PHE A 107 -20.35 -28.36 8.33
N THR A 108 -20.70 -27.08 8.17
CA THR A 108 -21.48 -26.65 7.01
C THR A 108 -20.57 -26.54 5.79
N ASP A 109 -21.19 -26.45 4.62
CA ASP A 109 -20.42 -26.27 3.39
C ASP A 109 -19.55 -25.02 3.45
N LEU A 110 -20.03 -23.98 4.13
CA LEU A 110 -19.28 -22.72 4.19
C LEU A 110 -18.07 -22.83 5.12
N GLU A 111 -18.22 -23.60 6.20
CA GLU A 111 -17.12 -23.83 7.11
C GLU A 111 -16.03 -24.70 6.44
N ILE A 112 -16.47 -25.68 5.68
CA ILE A 112 -15.57 -26.51 4.89
C ILE A 112 -14.83 -25.63 3.87
N LEU A 113 -15.58 -24.81 3.15
CA LEU A 113 -14.96 -23.86 2.22
C LEU A 113 -13.92 -22.97 2.92
N ALA A 114 -14.28 -22.41 4.07
CA ALA A 114 -13.33 -21.60 4.85
C ALA A 114 -12.07 -22.37 5.23
N ALA A 115 -12.21 -23.60 5.74
CA ALA A 115 -11.02 -24.35 6.14
C ALA A 115 -10.11 -24.63 4.94
N ILE A 116 -10.70 -25.01 3.82
CA ILE A 116 -9.89 -25.33 2.65
C ILE A 116 -9.26 -24.08 2.03
N PHE A 117 -10.05 -23.02 1.86
CA PHE A 117 -9.52 -21.77 1.31
C PHE A 117 -8.44 -21.21 2.25
N ALA A 118 -8.70 -21.22 3.56
CA ALA A 118 -7.68 -20.74 4.51
C ALA A 118 -6.40 -21.53 4.34
N SER A 119 -6.52 -22.85 4.21
CA SER A 119 -5.34 -23.71 3.99
C SER A 119 -4.56 -23.30 2.74
N ALA A 120 -5.28 -23.05 1.64
CA ALA A 120 -4.66 -22.69 0.38
C ALA A 120 -3.85 -21.39 0.44
N ILE A 121 -4.35 -20.39 1.18
CA ILE A 121 -3.72 -19.08 1.18
C ILE A 121 -2.78 -18.88 2.37
N HIS A 122 -2.68 -19.85 3.27
CA HIS A 122 -2.21 -19.56 4.62
C HIS A 122 -0.75 -19.15 4.70
N ASP A 123 0.04 -19.44 3.66
CA ASP A 123 1.45 -19.06 3.63
C ASP A 123 1.82 -18.26 2.36
N VAL A 124 0.84 -17.68 1.68
CA VAL A 124 1.14 -17.08 0.36
C VAL A 124 2.10 -15.90 0.49
N ASP A 125 3.00 -15.76 -0.47
CA ASP A 125 4.03 -14.72 -0.48
C ASP A 125 5.00 -14.79 0.71
N HIS A 126 5.24 -16.00 1.23
CA HIS A 126 6.18 -16.18 2.34
C HIS A 126 7.59 -15.93 1.80
N PRO A 127 8.35 -15.04 2.46
CA PRO A 127 9.71 -14.77 1.97
C PRO A 127 10.74 -15.82 2.41
N GLY A 128 10.31 -16.78 3.21
CA GLY A 128 11.22 -17.82 3.69
C GLY A 128 12.06 -17.43 4.90
N VAL A 129 11.67 -16.37 5.59
CA VAL A 129 12.29 -15.99 6.85
C VAL A 129 11.18 -15.80 7.89
N SER A 130 11.53 -15.79 9.18
CA SER A 130 10.54 -15.79 10.25
C SER A 130 10.02 -14.40 10.62
N ASN A 131 8.93 -14.36 11.36
CA ASN A 131 8.42 -13.11 11.90
C ASN A 131 9.52 -12.36 12.64
N GLN A 132 10.26 -13.07 13.48
CA GLN A 132 11.27 -12.40 14.30
C GLN A 132 12.36 -11.79 13.43
N PHE A 133 12.71 -12.48 12.34
CA PHE A 133 13.71 -11.95 11.41
C PHE A 133 13.22 -10.63 10.81
N LEU A 134 11.96 -10.61 10.37
CA LEU A 134 11.37 -9.42 9.76
C LEU A 134 11.28 -8.25 10.73
N ILE A 135 10.97 -8.54 11.99
CA ILE A 135 10.91 -7.52 13.03
C ILE A 135 12.31 -6.94 13.27
N ASN A 136 13.29 -7.82 13.43
CA ASN A 136 14.66 -7.43 13.75
C ASN A 136 15.37 -6.70 12.61
N THR A 137 14.88 -6.88 11.38
CA THR A 137 15.47 -6.21 10.23
C THR A 137 14.77 -4.89 9.91
N ASN A 138 13.80 -4.49 10.72
CA ASN A 138 13.02 -3.28 10.42
C ASN A 138 12.35 -3.37 9.05
N SER A 139 11.95 -4.58 8.67
CA SER A 139 11.38 -4.79 7.35
C SER A 139 10.04 -4.08 7.23
N GLU A 140 9.73 -3.64 6.03
CA GLU A 140 8.45 -3.00 5.74
C GLU A 140 7.24 -3.80 6.24
N LEU A 141 7.23 -5.11 6.01
CA LEU A 141 6.12 -5.95 6.48
C LEU A 141 5.89 -5.83 7.98
N ALA A 142 6.97 -5.89 8.76
CA ALA A 142 6.86 -5.79 10.20
C ALA A 142 6.34 -4.42 10.63
N LEU A 143 6.76 -3.38 9.93
CA LEU A 143 6.28 -2.04 10.25
C LEU A 143 4.81 -1.92 9.86
N MET A 144 4.44 -2.55 8.76
CA MET A 144 3.05 -2.51 8.29
C MET A 144 2.09 -3.12 9.30
N TYR A 145 2.53 -4.19 9.95
CA TYR A 145 1.68 -4.95 10.86
C TYR A 145 2.08 -4.80 12.33
N ASN A 146 2.82 -3.73 12.60
CA ASN A 146 3.18 -3.41 13.97
C ASN A 146 3.75 -4.62 14.71
N ASP A 147 4.66 -5.33 14.05
CA ASP A 147 5.33 -6.51 14.60
C ASP A 147 4.40 -7.64 15.06
N SER A 148 3.10 -7.57 14.73
CA SER A 148 2.13 -8.52 15.29
C SER A 148 1.65 -9.52 14.24
N SER A 149 1.93 -10.81 14.46
CA SER A 149 1.67 -11.87 13.48
C SER A 149 1.95 -11.36 12.07
N VAL A 150 3.17 -10.87 11.87
CA VAL A 150 3.49 -10.13 10.64
C VAL A 150 3.17 -10.94 9.38
N LEU A 151 3.79 -12.11 9.26
CA LEU A 151 3.57 -12.96 8.11
C LEU A 151 2.12 -13.37 7.94
N GLU A 152 1.49 -13.81 9.02
CA GLU A 152 0.14 -14.37 8.91
C GLU A 152 -0.84 -13.28 8.45
N ASN A 153 -0.66 -12.05 8.93
CA ASN A 153 -1.51 -10.96 8.46
C ASN A 153 -1.26 -10.74 6.97
N HIS A 154 0.01 -10.80 6.58
CA HIS A 154 0.35 -10.63 5.17
C HIS A 154 -0.25 -11.71 4.25
N HIS A 155 -0.14 -12.98 4.65
CA HIS A 155 -0.70 -14.09 3.88
C HIS A 155 -2.18 -13.82 3.63
N LEU A 156 -2.86 -13.37 4.67
CA LEU A 156 -4.31 -13.10 4.53
C LEU A 156 -4.57 -11.95 3.54
N ALA A 157 -3.89 -10.82 3.75
CA ALA A 157 -4.11 -9.66 2.89
C ALA A 157 -3.86 -10.02 1.43
N VAL A 158 -2.80 -10.80 1.18
CA VAL A 158 -2.49 -11.21 -0.20
C VAL A 158 -3.55 -12.15 -0.76
N GLY A 159 -3.90 -13.17 0.01
CA GLY A 159 -4.88 -14.16 -0.43
C GLY A 159 -6.20 -13.51 -0.81
N PHE A 160 -6.63 -12.52 -0.03
CA PHE A 160 -7.86 -11.80 -0.34
C PHE A 160 -7.70 -10.82 -1.50
N LYS A 161 -6.60 -10.08 -1.49
CA LYS A 161 -6.38 -9.07 -2.52
C LYS A 161 -6.36 -9.68 -3.91
N LEU A 162 -5.85 -10.90 -4.03
CA LEU A 162 -5.78 -11.57 -5.32
C LEU A 162 -7.16 -11.88 -5.93
N LEU A 163 -8.22 -11.89 -5.13
CA LEU A 163 -9.57 -12.05 -5.65
C LEU A 163 -9.94 -10.90 -6.59
N GLN A 164 -9.23 -9.78 -6.46
CA GLN A 164 -9.53 -8.59 -7.27
C GLN A 164 -8.84 -8.58 -8.66
N GLU A 165 -7.97 -9.54 -8.94
CA GLU A 165 -7.33 -9.58 -10.27
C GLU A 165 -8.32 -10.04 -11.33
N GLU A 166 -7.96 -9.94 -12.61
CA GLU A 166 -8.91 -10.20 -13.70
C GLU A 166 -9.49 -11.61 -13.62
N ASN A 167 -10.82 -11.71 -13.59
CA ASN A 167 -11.50 -13.01 -13.53
C ASN A 167 -11.01 -13.88 -12.38
N CYS A 168 -10.74 -13.26 -11.23
CA CYS A 168 -10.30 -14.01 -10.06
C CYS A 168 -11.31 -14.11 -8.93
N ASP A 169 -12.47 -13.49 -9.05
CA ASP A 169 -13.28 -13.43 -7.82
C ASP A 169 -14.13 -14.68 -7.66
N ILE A 170 -13.57 -15.71 -7.01
CA ILE A 170 -14.28 -16.99 -6.89
C ILE A 170 -15.51 -16.91 -5.98
N PHE A 171 -15.60 -15.86 -5.17
CA PHE A 171 -16.75 -15.65 -4.29
C PHE A 171 -17.81 -14.71 -4.85
N GLN A 172 -17.77 -14.47 -6.16
CA GLN A 172 -18.63 -13.43 -6.75
C GLN A 172 -20.14 -13.72 -6.61
N ASN A 173 -20.50 -14.99 -6.49
CA ASN A 173 -21.91 -15.35 -6.32
C ASN A 173 -22.41 -15.60 -4.92
N LEU A 174 -21.55 -15.43 -3.92
CA LEU A 174 -22.00 -15.60 -2.53
C LEU A 174 -22.76 -14.37 -2.06
N THR A 175 -23.71 -14.54 -1.16
CA THR A 175 -24.37 -13.37 -0.59
C THR A 175 -23.40 -12.63 0.33
N LYS A 176 -23.67 -11.36 0.58
CA LYS A 176 -22.93 -10.60 1.58
C LYS A 176 -22.82 -11.34 2.91
N LYS A 177 -23.90 -11.98 3.36
CA LYS A 177 -23.90 -12.76 4.59
C LYS A 177 -22.92 -13.91 4.52
N GLN A 178 -22.98 -14.66 3.43
CA GLN A 178 -22.03 -15.75 3.25
C GLN A 178 -20.61 -15.22 3.26
N ARG A 179 -20.37 -14.11 2.55
CA ARG A 179 -19.01 -13.56 2.44
C ARG A 179 -18.43 -13.04 3.75
N GLN A 180 -19.27 -12.39 4.56
CA GLN A 180 -18.80 -11.85 5.82
C GLN A 180 -18.46 -12.99 6.77
N SER A 181 -19.27 -14.03 6.73
CA SER A 181 -19.03 -15.18 7.60
C SER A 181 -17.78 -15.95 7.13
N LEU A 182 -17.71 -16.22 5.83
CA LEU A 182 -16.53 -16.85 5.25
C LEU A 182 -15.25 -16.08 5.59
N ARG A 183 -15.26 -14.77 5.35
CA ARG A 183 -14.07 -13.94 5.59
C ARG A 183 -13.64 -14.01 7.06
N LYS A 184 -14.59 -13.89 7.98
CA LYS A 184 -14.23 -13.96 9.39
C LYS A 184 -13.57 -15.28 9.76
N MET A 185 -14.13 -16.39 9.31
CA MET A 185 -13.58 -17.70 9.65
C MET A 185 -12.19 -17.87 9.05
N VAL A 186 -12.04 -17.45 7.79
CA VAL A 186 -10.74 -17.57 7.14
C VAL A 186 -9.68 -16.77 7.89
N ILE A 187 -10.01 -15.55 8.27
CA ILE A 187 -9.09 -14.73 9.04
C ILE A 187 -8.74 -15.40 10.38
N ASP A 188 -9.74 -15.89 11.08
CA ASP A 188 -9.52 -16.52 12.37
C ASP A 188 -8.62 -17.75 12.26
N ILE A 189 -8.80 -18.52 11.18
CA ILE A 189 -8.01 -19.73 10.97
C ILE A 189 -6.56 -19.43 10.62
N VAL A 190 -6.34 -18.54 9.66
CA VAL A 190 -4.96 -18.20 9.30
C VAL A 190 -4.18 -17.50 10.43
N LEU A 191 -4.81 -16.62 11.20
CA LEU A 191 -4.08 -15.99 12.30
C LEU A 191 -3.67 -17.04 13.33
N ALA A 192 -4.44 -18.12 13.40
CA ALA A 192 -4.17 -19.19 14.35
C ALA A 192 -2.98 -20.06 13.94
N THR A 193 -2.48 -19.91 12.71
CA THR A 193 -1.27 -20.61 12.29
C THR A 193 0.03 -19.98 12.81
N ASP A 194 -0.05 -18.79 13.41
CA ASP A 194 1.14 -18.17 14.03
C ASP A 194 1.54 -19.06 15.21
N MET A 195 2.77 -19.58 15.18
CA MET A 195 3.22 -20.51 16.24
C MET A 195 3.16 -19.87 17.64
N SER A 196 3.21 -18.55 17.72
CA SER A 196 3.10 -17.89 19.02
C SER A 196 1.72 -18.10 19.65
N LYS A 197 0.75 -18.58 18.86
CA LYS A 197 -0.57 -18.87 19.39
C LYS A 197 -0.73 -20.34 19.74
N HIS A 198 0.32 -21.12 19.51
CA HIS A 198 0.26 -22.57 19.68
C HIS A 198 -0.19 -23.06 21.08
N MET A 199 0.50 -22.60 22.12
CA MET A 199 0.17 -23.04 23.48
C MET A 199 -1.28 -22.73 23.83
N ASN A 200 -1.75 -21.55 23.45
CA ASN A 200 -3.14 -21.17 23.69
C ASN A 200 -4.12 -22.05 22.92
N LEU A 201 -3.88 -22.25 21.62
CA LEU A 201 -4.72 -23.14 20.84
C LEU A 201 -4.80 -24.52 21.49
N LEU A 202 -3.64 -25.05 21.87
CA LEU A 202 -3.60 -26.40 22.45
C LEU A 202 -4.37 -26.44 23.78
N ALA A 203 -4.24 -25.38 24.56
CA ALA A 203 -4.94 -25.29 25.83
C ALA A 203 -6.44 -25.45 25.61
N ASP A 204 -6.95 -24.69 24.65
CA ASP A 204 -8.38 -24.74 24.37
C ASP A 204 -8.81 -26.07 23.77
N LEU A 205 -7.93 -26.68 22.97
CA LEU A 205 -8.22 -28.00 22.44
C LEU A 205 -8.32 -29.05 23.56
N LYS A 206 -7.37 -29.03 24.50
CA LYS A 206 -7.40 -29.94 25.65
C LYS A 206 -8.70 -29.74 26.44
N THR A 207 -8.98 -28.48 26.79
CA THR A 207 -10.20 -28.14 27.51
C THR A 207 -11.42 -28.74 26.82
N MET A 208 -11.46 -28.61 25.50
CA MET A 208 -12.58 -29.14 24.74
C MET A 208 -12.65 -30.66 24.79
N VAL A 209 -11.49 -31.31 24.79
CA VAL A 209 -11.42 -32.76 24.96
C VAL A 209 -11.95 -33.17 26.34
N GLU A 210 -11.56 -32.42 27.37
CA GLU A 210 -12.00 -32.69 28.73
C GLU A 210 -13.53 -32.60 28.85
N THR A 211 -14.12 -31.59 28.24
CA THR A 211 -15.56 -31.37 28.30
C THR A 211 -16.25 -31.91 27.05
N LYS A 212 -15.54 -32.76 26.33
CA LYS A 212 -16.04 -33.35 25.10
C LYS A 212 -17.48 -33.81 25.21
N LYS A 213 -18.32 -33.33 24.30
CA LYS A 213 -19.66 -33.87 24.17
C LYS A 213 -19.84 -34.48 22.79
N VAL A 214 -20.18 -35.76 22.76
CA VAL A 214 -20.54 -36.44 21.53
C VAL A 214 -22.06 -36.30 21.42
N THR A 215 -22.65 -36.76 20.33
CA THR A 215 -24.08 -36.55 20.16
C THR A 215 -24.77 -37.49 19.17
N SER A 216 -25.70 -38.28 19.68
CA SER A 216 -26.65 -39.05 18.90
C SER A 216 -26.04 -40.10 17.95
N SER A 217 -25.23 -39.63 17.01
CA SER A 217 -24.64 -40.51 16.00
C SER A 217 -23.17 -40.83 16.30
N GLY A 218 -22.73 -40.57 17.53
CA GLY A 218 -21.35 -40.80 17.91
C GLY A 218 -20.45 -39.68 17.40
N VAL A 219 -21.07 -38.57 17.03
CA VAL A 219 -20.37 -37.47 16.38
C VAL A 219 -20.22 -36.25 17.29
N LEU A 220 -19.07 -35.59 17.20
CA LEU A 220 -18.74 -34.43 18.02
C LEU A 220 -19.85 -33.36 18.01
N LEU A 221 -20.05 -32.72 19.15
CA LEU A 221 -21.10 -31.71 19.31
C LEU A 221 -20.53 -30.32 19.52
N LEU A 222 -20.73 -29.44 18.53
CA LEU A 222 -20.17 -28.10 18.58
C LEU A 222 -21.29 -27.09 18.36
N ASP A 223 -21.72 -26.43 19.42
CA ASP A 223 -22.97 -25.67 19.34
C ASP A 223 -22.82 -24.16 19.54
N ASN A 224 -21.64 -23.64 19.24
CA ASN A 224 -21.40 -22.21 19.29
C ASN A 224 -20.15 -21.90 18.47
N TYR A 225 -20.03 -20.66 18.00
CA TYR A 225 -18.94 -20.30 17.10
C TYR A 225 -17.58 -20.57 17.75
N SER A 226 -17.42 -20.17 19.01
CA SER A 226 -16.15 -20.32 19.69
C SER A 226 -15.62 -21.74 19.56
N ASP A 227 -16.49 -22.72 19.81
CA ASP A 227 -16.09 -24.12 19.71
C ASP A 227 -15.86 -24.54 18.27
N ARG A 228 -16.76 -24.14 17.38
CA ARG A 228 -16.65 -24.58 16.01
C ARG A 228 -15.36 -24.04 15.39
N ILE A 229 -15.08 -22.76 15.62
CA ILE A 229 -13.90 -22.12 15.03
C ILE A 229 -12.63 -22.67 15.67
N GLN A 230 -12.67 -22.99 16.96
CA GLN A 230 -11.47 -23.50 17.61
C GLN A 230 -11.08 -24.85 17.04
N VAL A 231 -12.08 -25.68 16.71
CA VAL A 231 -11.80 -26.98 16.12
C VAL A 231 -11.22 -26.82 14.72
N LEU A 232 -11.77 -25.88 13.96
CA LEU A 232 -11.23 -25.62 12.62
C LEU A 232 -9.82 -25.02 12.71
N GLN A 233 -9.59 -24.10 13.65
CA GLN A 233 -8.25 -23.52 13.85
C GLN A 233 -7.25 -24.62 14.17
N ASN A 234 -7.61 -25.47 15.11
CA ASN A 234 -6.73 -26.56 15.51
C ASN A 234 -6.55 -27.57 14.37
N MET A 235 -7.60 -27.80 13.59
CA MET A 235 -7.51 -28.74 12.48
C MET A 235 -6.47 -28.28 11.47
N VAL A 236 -6.51 -26.99 11.11
CA VAL A 236 -5.59 -26.47 10.11
C VAL A 236 -4.17 -26.38 10.67
N HIS A 237 -4.05 -26.03 11.94
CA HIS A 237 -2.76 -26.01 12.64
C HIS A 237 -2.14 -27.43 12.63
N CYS A 238 -2.96 -28.45 12.88
CA CYS A 238 -2.50 -29.84 12.77
C CYS A 238 -2.01 -30.16 11.36
N ALA A 239 -2.80 -29.79 10.35
CA ALA A 239 -2.36 -29.93 8.96
C ALA A 239 -1.05 -29.20 8.69
N ASP A 240 -0.92 -27.99 9.21
CA ASP A 240 0.30 -27.21 9.04
C ASP A 240 1.49 -27.95 9.69
N LEU A 241 1.22 -28.70 10.77
CA LEU A 241 2.29 -29.41 11.48
C LEU A 241 2.18 -30.92 11.28
N SER A 242 1.78 -31.33 10.08
CA SER A 242 1.51 -32.75 9.87
C SER A 242 2.71 -33.52 9.26
N ASN A 243 3.78 -32.81 8.90
CA ASN A 243 4.91 -33.44 8.22
C ASN A 243 5.45 -34.67 8.97
N PRO A 244 5.64 -34.55 10.30
CA PRO A 244 6.20 -35.72 11.01
C PRO A 244 5.22 -36.88 11.19
N THR A 245 3.97 -36.69 10.80
CA THR A 245 2.98 -37.76 10.84
C THR A 245 2.87 -38.48 9.50
N LYS A 246 3.64 -38.03 8.53
CA LYS A 246 3.58 -38.62 7.21
C LYS A 246 4.60 -39.75 7.08
N PRO A 247 4.39 -40.66 6.12
CA PRO A 247 5.41 -41.68 5.85
C PRO A 247 6.80 -41.07 5.75
N LEU A 248 7.77 -41.75 6.34
CA LEU A 248 9.10 -41.21 6.52
C LEU A 248 9.72 -40.65 5.25
N GLN A 249 9.44 -41.29 4.10
CA GLN A 249 10.01 -40.79 2.85
C GLN A 249 9.56 -39.37 2.54
N LEU A 250 8.32 -39.05 2.91
CA LEU A 250 7.78 -37.69 2.76
C LEU A 250 8.34 -36.77 3.84
N TYR A 251 8.18 -37.16 5.10
CA TYR A 251 8.70 -36.40 6.25
C TYR A 251 10.14 -35.94 6.04
N ARG A 252 11.03 -36.84 5.62
CA ARG A 252 12.43 -36.46 5.44
C ARG A 252 12.64 -35.38 4.39
N GLN A 253 11.86 -35.45 3.31
CA GLN A 253 11.93 -34.42 2.28
C GLN A 253 11.53 -33.06 2.87
N TRP A 254 10.50 -33.06 3.71
CA TRP A 254 10.09 -31.81 4.34
C TRP A 254 11.17 -31.31 5.30
N THR A 255 11.78 -32.22 6.06
CA THR A 255 12.83 -31.82 6.99
C THR A 255 14.01 -31.19 6.26
N ASP A 256 14.47 -31.83 5.20
CA ASP A 256 15.50 -31.23 4.37
C ASP A 256 15.11 -29.81 3.98
N ARG A 257 13.88 -29.65 3.52
CA ARG A 257 13.45 -28.36 3.00
C ARG A 257 13.43 -27.29 4.09
N ILE A 258 12.87 -27.62 5.25
CA ILE A 258 12.79 -26.60 6.29
C ILE A 258 14.16 -26.25 6.86
N MET A 259 15.04 -27.24 6.95
CA MET A 259 16.40 -26.98 7.40
C MET A 259 17.15 -26.14 6.38
N GLU A 260 16.89 -26.38 5.09
CA GLU A 260 17.48 -25.53 4.05
C GLU A 260 17.05 -24.08 4.23
N GLU A 261 15.75 -23.90 4.44
CA GLU A 261 15.22 -22.58 4.68
C GLU A 261 15.79 -21.97 5.96
N PHE A 262 15.81 -22.74 7.05
CA PHE A 262 16.33 -22.25 8.33
C PHE A 262 17.81 -21.90 8.23
N PHE A 263 18.61 -22.82 7.68
CA PHE A 263 20.05 -22.58 7.56
C PHE A 263 20.31 -21.32 6.74
N ARG A 264 19.49 -21.11 5.70
CA ARG A 264 19.60 -19.90 4.89
C ARG A 264 19.31 -18.64 5.71
N GLN A 265 18.28 -18.69 6.55
CA GLN A 265 18.03 -17.54 7.42
C GLN A 265 19.24 -17.37 8.33
N GLY A 266 19.77 -18.50 8.81
CA GLY A 266 20.93 -18.46 9.68
C GLY A 266 22.11 -17.78 9.00
N ASP A 267 22.33 -18.12 7.73
CA ASP A 267 23.40 -17.50 6.97
C ASP A 267 23.19 -15.99 6.92
N ARG A 268 21.99 -15.58 6.53
CA ARG A 268 21.69 -14.16 6.42
C ARG A 268 21.80 -13.44 7.76
N GLU A 269 21.56 -14.18 8.84
CA GLU A 269 21.72 -13.61 10.18
C GLU A 269 23.20 -13.44 10.54
N ARG A 270 24.04 -14.35 10.04
CA ARG A 270 25.48 -14.22 10.26
C ARG A 270 26.04 -13.10 9.36
N GLU A 271 25.69 -13.13 8.08
CA GLU A 271 26.00 -12.04 7.16
C GLU A 271 25.75 -10.70 7.85
N ARG A 272 24.49 -10.39 8.12
CA ARG A 272 24.13 -9.15 8.82
C ARG A 272 24.88 -9.00 10.14
N GLY A 273 25.04 -10.11 10.86
CA GLY A 273 25.74 -10.08 12.14
C GLY A 273 24.84 -10.18 13.36
N MET A 274 23.57 -10.49 13.12
CA MET A 274 22.62 -10.71 14.20
C MET A 274 22.97 -12.03 14.87
N GLU A 275 22.52 -12.22 16.11
CA GLU A 275 22.70 -13.50 16.77
C GLU A 275 21.79 -14.54 16.09
N ILE A 276 22.34 -15.72 15.85
CA ILE A 276 21.65 -16.73 15.05
C ILE A 276 20.48 -17.43 15.74
N SER A 277 19.34 -17.45 15.06
CA SER A 277 18.12 -18.05 15.59
C SER A 277 18.28 -19.52 15.95
N PRO A 278 17.39 -20.03 16.82
CA PRO A 278 17.41 -21.43 17.24
C PRO A 278 17.46 -22.39 16.04
N MET A 279 18.34 -23.40 16.13
CA MET A 279 18.53 -24.42 15.09
C MET A 279 18.72 -23.88 13.66
N CYS A 280 19.07 -22.61 13.54
CA CYS A 280 19.31 -22.01 12.23
C CYS A 280 20.80 -21.96 11.90
N ASP A 281 21.62 -22.50 12.80
CA ASP A 281 23.07 -22.46 12.63
C ASP A 281 23.62 -23.67 11.87
N LYS A 282 23.99 -23.42 10.62
CA LYS A 282 24.44 -24.44 9.69
C LYS A 282 25.64 -25.24 10.20
N HIS A 283 26.56 -24.56 10.88
CA HIS A 283 27.83 -25.17 11.23
C HIS A 283 27.79 -26.12 12.41
N ASN A 284 26.93 -25.81 13.39
CA ASN A 284 26.78 -26.68 14.55
C ASN A 284 25.33 -26.96 14.91
N ALA A 285 24.60 -27.53 13.97
CA ALA A 285 23.22 -27.95 14.21
C ALA A 285 23.14 -29.45 14.39
N SER A 286 22.08 -29.91 15.04
CA SER A 286 21.75 -31.33 15.02
C SER A 286 20.34 -31.51 14.48
N VAL A 287 20.24 -31.74 13.18
CA VAL A 287 18.95 -31.91 12.54
C VAL A 287 18.09 -32.92 13.28
N GLU A 288 18.72 -34.01 13.72
CA GLU A 288 18.00 -35.10 14.38
C GLU A 288 17.50 -34.74 15.78
N LYS A 289 18.35 -34.07 16.56
CA LYS A 289 17.95 -33.64 17.88
C LYS A 289 16.80 -32.64 17.81
N SER A 290 16.87 -31.73 16.84
CA SER A 290 15.85 -30.72 16.69
C SER A 290 14.48 -31.32 16.33
N GLN A 291 14.49 -32.32 15.44
CA GLN A 291 13.24 -33.01 15.11
C GLN A 291 12.65 -33.74 16.30
N VAL A 292 13.49 -34.42 17.07
CA VAL A 292 12.99 -35.11 18.26
C VAL A 292 12.45 -34.08 19.26
N GLY A 293 13.17 -32.97 19.42
CA GLY A 293 12.72 -31.93 20.33
C GLY A 293 11.39 -31.35 19.90
N PHE A 294 11.28 -31.06 18.61
CA PHE A 294 10.08 -30.44 18.06
C PHE A 294 8.88 -31.37 18.19
N ILE A 295 9.09 -32.66 17.96
CA ILE A 295 8.04 -33.63 18.15
C ILE A 295 7.64 -33.80 19.61
N ASP A 296 8.61 -34.02 20.48
CA ASP A 296 8.30 -34.23 21.89
C ASP A 296 7.54 -33.03 22.48
N TYR A 297 7.94 -31.83 22.12
CA TYR A 297 7.42 -30.62 22.76
C TYR A 297 6.20 -30.00 22.09
N ILE A 298 6.07 -30.17 20.78
CA ILE A 298 5.02 -29.48 20.04
C ILE A 298 4.10 -30.41 19.25
N VAL A 299 4.67 -31.20 18.34
CA VAL A 299 3.87 -31.98 17.42
C VAL A 299 3.11 -33.11 18.12
N HIS A 300 3.78 -33.81 19.01
CA HIS A 300 3.13 -34.94 19.68
C HIS A 300 2.04 -34.52 20.68
N PRO A 301 2.32 -33.53 21.53
CA PRO A 301 1.22 -33.09 22.41
C PRO A 301 0.01 -32.59 21.60
N LEU A 302 0.26 -31.90 20.49
CA LEU A 302 -0.84 -31.47 19.63
C LEU A 302 -1.64 -32.65 19.03
N TRP A 303 -0.95 -33.53 18.32
CA TRP A 303 -1.62 -34.64 17.65
C TRP A 303 -2.23 -35.65 18.62
N GLU A 304 -1.60 -35.82 19.77
CA GLU A 304 -2.17 -36.67 20.80
C GLU A 304 -3.52 -36.12 21.24
N THR A 305 -3.59 -34.81 21.46
CA THR A 305 -4.83 -34.19 21.89
C THR A 305 -5.88 -34.26 20.79
N TRP A 306 -5.47 -33.97 19.55
CA TRP A 306 -6.37 -34.15 18.41
C TRP A 306 -6.90 -35.58 18.35
N ALA A 307 -6.01 -36.55 18.47
CA ALA A 307 -6.41 -37.96 18.47
C ALA A 307 -7.48 -38.21 19.54
N ASP A 308 -7.30 -37.62 20.71
CA ASP A 308 -8.29 -37.78 21.77
C ASP A 308 -9.63 -37.23 21.35
N LEU A 309 -9.61 -36.05 20.73
CA LEU A 309 -10.82 -35.40 20.29
C LEU A 309 -11.63 -36.29 19.35
N VAL A 310 -10.95 -36.92 18.41
CA VAL A 310 -11.62 -37.71 17.39
C VAL A 310 -11.40 -39.22 17.53
N HIS A 311 -11.03 -39.64 18.73
CA HIS A 311 -10.72 -41.04 19.00
C HIS A 311 -11.77 -41.98 18.44
N PRO A 312 -11.34 -43.03 17.73
CA PRO A 312 -9.95 -43.41 17.49
C PRO A 312 -9.52 -43.18 16.05
N ASP A 313 -10.17 -42.24 15.36
CA ASP A 313 -9.95 -42.06 13.93
C ASP A 313 -8.49 -41.77 13.60
N ALA A 314 -7.78 -41.15 14.54
CA ALA A 314 -6.42 -40.70 14.27
C ALA A 314 -5.32 -41.62 14.81
N GLN A 315 -5.68 -42.83 15.24
CA GLN A 315 -4.69 -43.73 15.82
C GLN A 315 -3.53 -44.01 14.88
N ASP A 316 -3.82 -44.31 13.62
CA ASP A 316 -2.78 -44.65 12.66
C ASP A 316 -1.82 -43.48 12.42
N ILE A 317 -2.35 -42.27 12.39
CA ILE A 317 -1.53 -41.08 12.23
C ILE A 317 -0.58 -40.89 13.40
N LEU A 318 -1.09 -41.08 14.62
CA LEU A 318 -0.30 -40.91 15.82
C LEU A 318 0.80 -41.98 15.94
N ASP A 319 0.45 -43.22 15.59
CA ASP A 319 1.44 -44.30 15.56
C ASP A 319 2.57 -43.98 14.59
N THR A 320 2.22 -43.39 13.44
CA THR A 320 3.21 -43.06 12.44
C THR A 320 4.15 -42.00 12.99
N LEU A 321 3.58 -41.01 13.67
CA LEU A 321 4.36 -39.96 14.32
C LEU A 321 5.34 -40.59 15.32
N GLU A 322 4.83 -41.52 16.12
CA GLU A 322 5.66 -42.18 17.13
C GLU A 322 6.78 -43.03 16.51
N ASP A 323 6.46 -43.77 15.45
CA ASP A 323 7.50 -44.48 14.70
C ASP A 323 8.56 -43.52 14.15
N ASN A 324 8.14 -42.42 13.55
CA ASN A 324 9.11 -41.48 13.00
C ASN A 324 9.98 -40.83 14.06
N ARG A 325 9.41 -40.60 15.23
CA ARG A 325 10.15 -39.99 16.33
C ARG A 325 11.22 -40.98 16.77
N GLU A 326 10.83 -42.24 16.94
CA GLU A 326 11.79 -43.28 17.31
C GLU A 326 12.91 -43.39 16.28
N TRP A 327 12.54 -43.34 15.00
CA TRP A 327 13.54 -43.39 13.94
C TRP A 327 14.54 -42.25 14.06
N TYR A 328 14.05 -41.01 14.18
CA TYR A 328 14.96 -39.88 14.28
C TYR A 328 15.83 -39.98 15.53
N GLN A 329 15.26 -40.47 16.62
CA GLN A 329 16.01 -40.65 17.85
C GLN A 329 17.13 -41.68 17.67
N SER A 330 16.76 -42.85 17.16
CA SER A 330 17.71 -43.92 16.89
C SER A 330 18.88 -43.44 16.05
N THR A 331 18.66 -42.37 15.29
CA THR A 331 19.65 -41.92 14.33
C THR A 331 20.57 -40.85 14.91
N ILE A 332 20.40 -40.55 16.19
CA ILE A 332 21.18 -39.50 16.84
C ILE A 332 22.59 -40.00 17.19
N PRO A 333 23.61 -39.38 16.58
CA PRO A 333 25.03 -39.76 16.68
C PRO A 333 25.50 -40.03 18.11
N GLN B 10 -4.10 38.57 21.67
CA GLN B 10 -4.82 37.54 22.39
C GLN B 10 -3.91 36.38 22.76
N GLU B 11 -2.66 36.45 22.29
CA GLU B 11 -1.67 35.44 22.62
C GLU B 11 -1.42 35.42 24.12
N ASP B 12 -1.72 36.54 24.76
CA ASP B 12 -1.60 36.68 26.21
C ASP B 12 -2.70 35.91 26.94
N VAL B 13 -3.94 36.04 26.45
CA VAL B 13 -5.06 35.33 27.04
C VAL B 13 -4.88 33.82 26.91
N LEU B 14 -4.26 33.39 25.82
CA LEU B 14 -4.03 31.97 25.57
C LEU B 14 -3.06 31.40 26.58
N ALA B 15 -1.94 32.09 26.78
CA ALA B 15 -0.93 31.66 27.74
C ALA B 15 -1.52 31.57 29.14
N LYS B 16 -2.45 32.46 29.45
CA LYS B 16 -3.16 32.40 30.72
C LYS B 16 -3.90 31.07 30.86
N GLU B 17 -4.71 30.75 29.86
CA GLU B 17 -5.46 29.50 29.84
C GLU B 17 -4.55 28.29 30.03
N LEU B 18 -3.39 28.32 29.37
CA LEU B 18 -2.43 27.23 29.43
C LEU B 18 -1.78 27.05 30.79
N GLU B 19 -1.99 28.02 31.68
CA GLU B 19 -1.48 27.89 33.06
C GLU B 19 -2.24 26.78 33.78
N ASP B 20 -3.37 26.38 33.21
CA ASP B 20 -4.15 25.28 33.75
C ASP B 20 -3.74 23.92 33.18
N VAL B 21 -2.61 23.89 32.47
CA VAL B 21 -2.20 22.66 31.78
C VAL B 21 -2.14 21.42 32.67
N ASN B 22 -1.83 21.60 33.95
CA ASN B 22 -1.69 20.47 34.87
C ASN B 22 -2.98 20.12 35.58
N LYS B 23 -4.05 20.84 35.27
CA LYS B 23 -5.32 20.62 35.92
C LYS B 23 -6.31 19.82 35.08
N TRP B 24 -7.11 18.99 35.74
CA TRP B 24 -8.20 18.26 35.12
C TRP B 24 -9.31 19.24 34.83
N GLY B 25 -9.77 19.29 33.59
CA GLY B 25 -10.83 20.22 33.24
C GLY B 25 -10.36 21.44 32.49
N LEU B 26 -9.15 21.38 31.95
CA LEU B 26 -8.63 22.46 31.13
C LEU B 26 -9.69 22.92 30.11
N HIS B 27 -9.82 24.23 29.90
CA HIS B 27 -10.77 24.75 28.94
C HIS B 27 -10.22 24.53 27.53
N VAL B 28 -10.30 23.30 27.05
CA VAL B 28 -9.61 22.91 25.82
C VAL B 28 -10.26 23.52 24.58
N PHE B 29 -11.58 23.68 24.61
CA PHE B 29 -12.28 24.32 23.51
C PHE B 29 -11.86 25.79 23.39
N ARG B 30 -11.80 26.49 24.51
CA ARG B 30 -11.30 27.86 24.54
C ARG B 30 -9.92 27.95 23.90
N ILE B 31 -9.04 27.02 24.28
CA ILE B 31 -7.66 26.97 23.74
C ILE B 31 -7.62 26.69 22.24
N ALA B 32 -8.53 25.84 21.78
CA ALA B 32 -8.67 25.59 20.35
C ALA B 32 -8.99 26.91 19.66
N GLU B 33 -9.92 27.67 20.24
CA GLU B 33 -10.33 28.95 19.69
C GLU B 33 -9.15 29.94 19.67
N LEU B 34 -8.60 30.21 20.85
CA LEU B 34 -7.53 31.19 21.00
C LEU B 34 -6.29 30.84 20.19
N SER B 35 -6.17 29.58 19.79
CA SER B 35 -4.95 29.11 19.15
C SER B 35 -5.09 29.04 17.62
N GLY B 36 -6.24 29.48 17.13
CA GLY B 36 -6.53 29.35 15.71
C GLY B 36 -6.58 27.88 15.31
N ASN B 37 -7.22 27.07 16.16
CA ASN B 37 -7.39 25.64 15.93
C ASN B 37 -6.06 24.90 15.89
N ARG B 38 -5.16 25.27 16.79
CA ARG B 38 -3.95 24.50 17.02
C ARG B 38 -3.87 24.00 18.46
N PRO B 39 -5.00 23.51 19.02
CA PRO B 39 -4.95 23.09 20.42
C PRO B 39 -3.98 21.95 20.67
N LEU B 40 -3.78 21.09 19.68
CA LEU B 40 -2.88 19.96 19.87
C LEU B 40 -1.43 20.42 19.87
N THR B 41 -1.12 21.37 18.99
CA THR B 41 0.23 21.90 18.89
C THR B 41 0.64 22.68 20.15
N VAL B 42 -0.17 23.65 20.57
CA VAL B 42 0.19 24.47 21.73
C VAL B 42 0.22 23.66 23.01
N ILE B 43 -0.74 22.75 23.18
CA ILE B 43 -0.77 21.90 24.35
C ILE B 43 0.42 20.93 24.41
N MET B 44 0.76 20.30 23.29
CA MET B 44 1.91 19.40 23.26
C MET B 44 3.20 20.17 23.57
N HIS B 45 3.33 21.35 22.96
CA HIS B 45 4.53 22.16 23.13
C HIS B 45 4.69 22.55 24.59
N THR B 46 3.60 23.04 25.18
CA THR B 46 3.58 23.43 26.58
C THR B 46 3.96 22.26 27.48
N ILE B 47 3.36 21.09 27.23
CA ILE B 47 3.64 19.90 28.03
C ILE B 47 5.10 19.49 27.90
N PHE B 48 5.62 19.55 26.68
CA PHE B 48 6.99 19.13 26.41
C PHE B 48 8.00 20.06 27.11
N GLN B 49 7.72 21.35 27.09
CA GLN B 49 8.57 22.32 27.77
C GLN B 49 8.54 22.05 29.27
N GLU B 50 7.33 21.97 29.82
CA GLU B 50 7.16 21.81 31.25
C GLU B 50 7.81 20.54 31.80
N ARG B 51 7.88 19.49 30.98
CA ARG B 51 8.54 18.25 31.38
C ARG B 51 9.98 18.20 30.90
N ASP B 52 10.42 19.29 30.28
CA ASP B 52 11.79 19.39 29.80
C ASP B 52 12.20 18.22 28.90
N LEU B 53 11.24 17.72 28.15
CA LEU B 53 11.47 16.61 27.24
C LEU B 53 12.35 17.03 26.06
N LEU B 54 12.29 18.30 25.69
CA LEU B 54 13.12 18.78 24.58
C LEU B 54 14.58 18.62 24.97
N LYS B 55 14.94 19.15 26.14
CA LYS B 55 16.30 18.98 26.65
C LYS B 55 16.64 17.51 26.87
N THR B 56 15.77 16.80 27.58
CA THR B 56 16.04 15.40 27.91
C THR B 56 16.34 14.54 26.69
N PHE B 57 15.64 14.79 25.58
CA PHE B 57 15.78 13.95 24.40
C PHE B 57 16.43 14.64 23.20
N LYS B 58 16.88 15.87 23.40
CA LYS B 58 17.60 16.59 22.35
C LYS B 58 16.66 16.81 21.17
N ILE B 59 15.47 17.30 21.45
CA ILE B 59 14.49 17.52 20.40
C ILE B 59 14.55 18.96 19.90
N PRO B 60 15.00 19.14 18.65
CA PRO B 60 15.04 20.52 18.14
C PRO B 60 13.65 21.16 18.23
N VAL B 61 13.58 22.39 18.72
CA VAL B 61 12.28 23.04 18.92
C VAL B 61 11.53 23.31 17.61
N ASP B 62 12.27 23.65 16.56
CA ASP B 62 11.66 23.85 15.24
C ASP B 62 11.10 22.52 14.71
N THR B 63 11.82 21.44 14.95
CA THR B 63 11.41 20.12 14.49
C THR B 63 10.14 19.69 15.20
N LEU B 64 10.07 19.98 16.49
CA LEU B 64 8.90 19.58 17.27
C LEU B 64 7.69 20.31 16.73
N ILE B 65 7.81 21.62 16.55
CA ILE B 65 6.67 22.42 16.13
C ILE B 65 6.24 22.02 14.71
N THR B 66 7.21 21.73 13.87
CA THR B 66 6.91 21.32 12.50
C THR B 66 6.16 19.98 12.52
N TYR B 67 6.64 19.02 13.31
CA TYR B 67 5.94 17.74 13.41
C TYR B 67 4.53 17.91 14.00
N LEU B 68 4.43 18.70 15.06
CA LEU B 68 3.13 18.87 15.72
C LEU B 68 2.09 19.46 14.78
N MET B 69 2.49 20.49 14.04
CA MET B 69 1.57 21.15 13.14
C MET B 69 1.15 20.21 12.02
N THR B 70 2.11 19.41 11.57
CA THR B 70 1.84 18.41 10.56
C THR B 70 0.84 17.40 11.10
N LEU B 71 1.10 16.87 12.29
CA LEU B 71 0.19 15.91 12.91
C LEU B 71 -1.20 16.48 13.09
N GLU B 72 -1.28 17.67 13.68
CA GLU B 72 -2.57 18.30 13.88
C GLU B 72 -3.28 18.43 12.53
N ASP B 73 -2.52 18.74 11.47
CA ASP B 73 -3.10 18.90 10.13
C ASP B 73 -3.70 17.62 9.52
N HIS B 74 -3.30 16.45 10.02
CA HIS B 74 -3.87 15.18 9.55
C HIS B 74 -5.05 14.68 10.38
N TYR B 75 -5.46 15.46 11.37
CA TYR B 75 -6.78 15.27 11.97
C TYR B 75 -7.78 16.00 11.09
N HIS B 76 -8.96 15.40 10.92
CA HIS B 76 -10.00 15.98 10.05
C HIS B 76 -10.84 17.05 10.73
N ALA B 77 -10.79 18.26 10.20
CA ALA B 77 -11.49 19.37 10.79
C ALA B 77 -13.00 19.22 10.68
N ASP B 78 -13.47 18.43 9.71
CA ASP B 78 -14.91 18.25 9.55
C ASP B 78 -15.47 17.11 10.41
N VAL B 79 -14.62 16.42 11.14
CA VAL B 79 -15.08 15.37 12.05
C VAL B 79 -15.39 15.95 13.44
N ALA B 80 -16.61 15.76 13.91
CA ALA B 80 -17.12 16.47 15.09
C ALA B 80 -16.44 16.06 16.40
N TYR B 81 -16.12 14.77 16.53
CA TYR B 81 -15.52 14.26 17.76
C TYR B 81 -14.04 13.86 17.61
N HIS B 82 -13.77 12.92 16.71
CA HIS B 82 -12.42 12.38 16.54
C HIS B 82 -11.50 13.31 15.75
N ASN B 83 -11.21 14.47 16.35
CA ASN B 83 -10.40 15.49 15.71
C ASN B 83 -9.22 15.92 16.58
N ASN B 84 -8.58 17.02 16.19
CA ASN B 84 -7.41 17.51 16.91
C ASN B 84 -7.75 18.01 18.32
N ILE B 85 -8.97 18.50 18.52
CA ILE B 85 -9.38 18.89 19.86
C ILE B 85 -9.43 17.67 20.77
N HIS B 86 -10.01 16.57 20.30
CA HIS B 86 -10.06 15.34 21.08
C HIS B 86 -8.65 14.84 21.36
N ALA B 87 -7.79 14.93 20.35
CA ALA B 87 -6.40 14.53 20.49
C ALA B 87 -5.66 15.37 21.55
N ALA B 88 -5.85 16.68 21.52
CA ALA B 88 -5.23 17.55 22.53
C ALA B 88 -5.73 17.19 23.93
N ASP B 89 -7.04 16.92 24.01
CA ASP B 89 -7.70 16.54 25.25
C ASP B 89 -7.10 15.27 25.83
N VAL B 90 -6.90 14.25 25.00
CA VAL B 90 -6.37 13.00 25.49
C VAL B 90 -4.90 13.15 25.92
N VAL B 91 -4.13 13.92 25.16
CA VAL B 91 -2.77 14.25 25.56
C VAL B 91 -2.73 14.94 26.92
N GLN B 92 -3.51 16.00 27.08
CA GLN B 92 -3.47 16.75 28.32
C GLN B 92 -3.97 15.91 29.50
N SER B 93 -5.00 15.10 29.27
CA SER B 93 -5.53 14.23 30.31
C SER B 93 -4.50 13.17 30.71
N THR B 94 -3.81 12.60 29.72
CA THR B 94 -2.73 11.65 30.00
C THR B 94 -1.59 12.32 30.80
N HIS B 95 -1.30 13.57 30.44
CA HIS B 95 -0.30 14.35 31.16
C HIS B 95 -0.68 14.50 32.64
N VAL B 96 -1.94 14.81 32.92
CA VAL B 96 -2.39 14.93 34.30
C VAL B 96 -2.33 13.58 35.01
N LEU B 97 -2.75 12.51 34.32
CA LEU B 97 -2.74 11.18 34.94
C LEU B 97 -1.33 10.68 35.26
N LEU B 98 -0.37 11.01 34.39
CA LEU B 98 1.01 10.60 34.62
C LEU B 98 1.61 11.30 35.85
N SER B 99 1.10 12.49 36.16
CA SER B 99 1.61 13.28 37.28
C SER B 99 0.91 12.96 38.61
N THR B 100 0.07 11.92 38.61
CA THR B 100 -0.68 11.53 39.80
C THR B 100 0.26 11.21 40.97
N PRO B 101 0.02 11.82 42.14
CA PRO B 101 0.92 11.56 43.28
C PRO B 101 1.19 10.08 43.49
N ALA B 102 0.16 9.25 43.36
CA ALA B 102 0.29 7.82 43.61
C ALA B 102 1.24 7.11 42.65
N LEU B 103 1.59 7.77 41.55
CA LEU B 103 2.45 7.13 40.55
C LEU B 103 3.82 7.81 40.48
N GLU B 104 4.06 8.76 41.38
CA GLU B 104 5.35 9.44 41.40
C GLU B 104 6.45 8.39 41.40
N ALA B 105 7.53 8.68 40.69
CA ALA B 105 8.72 7.84 40.70
C ALA B 105 8.60 6.51 39.95
N VAL B 106 7.45 6.25 39.35
CA VAL B 106 7.25 4.95 38.73
C VAL B 106 7.82 4.90 37.31
N PHE B 107 7.41 5.83 36.46
CA PHE B 107 7.78 5.74 35.04
C PHE B 107 8.99 6.57 34.64
N THR B 108 9.73 6.07 33.66
CA THR B 108 10.90 6.76 33.14
C THR B 108 10.50 7.86 32.16
N ASP B 109 11.48 8.69 31.80
CA ASP B 109 11.26 9.76 30.84
C ASP B 109 10.83 9.17 29.49
N LEU B 110 11.38 8.03 29.16
CA LEU B 110 11.06 7.40 27.89
C LEU B 110 9.60 6.93 27.89
N GLU B 111 9.21 6.21 28.93
CA GLU B 111 7.83 5.74 29.05
C GLU B 111 6.87 6.94 29.09
N ILE B 112 7.24 7.99 29.79
CA ILE B 112 6.45 9.22 29.80
C ILE B 112 6.28 9.80 28.38
N LEU B 113 7.35 9.75 27.60
CA LEU B 113 7.32 10.29 26.25
C LEU B 113 6.44 9.43 25.35
N ALA B 114 6.58 8.11 25.50
CA ALA B 114 5.74 7.16 24.81
C ALA B 114 4.25 7.39 25.06
N ALA B 115 3.87 7.61 26.32
CA ALA B 115 2.45 7.76 26.63
C ALA B 115 1.89 9.04 26.02
N ILE B 116 2.68 10.11 26.05
CA ILE B 116 2.20 11.39 25.56
C ILE B 116 2.13 11.41 24.03
N PHE B 117 3.14 10.82 23.39
CA PHE B 117 3.19 10.73 21.93
C PHE B 117 2.02 9.84 21.46
N ALA B 118 1.91 8.65 22.06
CA ALA B 118 0.80 7.75 21.75
C ALA B 118 -0.52 8.52 21.79
N SER B 119 -0.74 9.24 22.88
CA SER B 119 -1.94 10.06 23.02
C SER B 119 -2.12 11.06 21.89
N ALA B 120 -1.04 11.68 21.44
CA ALA B 120 -1.15 12.71 20.41
C ALA B 120 -1.57 12.15 19.05
N ILE B 121 -1.11 10.94 18.73
CA ILE B 121 -1.38 10.32 17.43
C ILE B 121 -2.47 9.26 17.44
N HIS B 122 -3.05 9.00 18.60
CA HIS B 122 -3.84 7.78 18.76
C HIS B 122 -5.10 7.71 17.87
N ASP B 123 -5.56 8.85 17.34
CA ASP B 123 -6.73 8.89 16.44
C ASP B 123 -6.46 9.66 15.15
N VAL B 124 -5.20 9.77 14.75
CA VAL B 124 -4.89 10.63 13.62
C VAL B 124 -5.48 10.07 12.32
N ASP B 125 -5.99 10.98 11.50
CA ASP B 125 -6.65 10.64 10.22
C ASP B 125 -7.92 9.81 10.38
N HIS B 126 -8.58 9.98 11.52
CA HIS B 126 -9.84 9.30 11.77
C HIS B 126 -10.89 9.85 10.79
N PRO B 127 -11.60 8.95 10.09
CA PRO B 127 -12.62 9.36 9.11
C PRO B 127 -13.98 9.69 9.74
N GLY B 128 -14.15 9.44 11.03
CA GLY B 128 -15.43 9.69 11.66
C GLY B 128 -16.45 8.58 11.48
N VAL B 129 -15.99 7.39 11.11
CA VAL B 129 -16.84 6.21 11.07
C VAL B 129 -16.12 5.06 11.76
N SER B 130 -16.88 4.04 12.15
CA SER B 130 -16.36 3.00 13.04
C SER B 130 -15.61 1.93 12.26
N ASN B 131 -14.83 1.11 12.96
CA ASN B 131 -14.24 -0.07 12.33
C ASN B 131 -15.28 -0.91 11.57
N GLN B 132 -16.44 -1.15 12.19
CA GLN B 132 -17.42 -2.01 11.54
C GLN B 132 -17.91 -1.43 10.21
N PHE B 133 -18.00 -0.11 10.15
CA PHE B 133 -18.38 0.54 8.89
C PHE B 133 -17.31 0.28 7.81
N LEU B 134 -16.05 0.44 8.20
CA LEU B 134 -14.96 0.18 7.28
C LEU B 134 -14.94 -1.27 6.83
N ILE B 135 -15.30 -2.16 7.75
CA ILE B 135 -15.31 -3.58 7.43
C ILE B 135 -16.46 -3.89 6.47
N ASN B 136 -17.64 -3.39 6.79
CA ASN B 136 -18.84 -3.65 5.99
C ASN B 136 -18.75 -3.13 4.55
N THR B 137 -18.01 -2.05 4.33
CA THR B 137 -17.90 -1.49 2.97
C THR B 137 -16.75 -2.14 2.18
N ASN B 138 -16.06 -3.10 2.79
CA ASN B 138 -14.86 -3.67 2.16
C ASN B 138 -13.83 -2.63 1.84
N SER B 139 -13.60 -1.68 2.75
CA SER B 139 -12.66 -0.62 2.48
C SER B 139 -11.22 -1.15 2.39
N GLU B 140 -10.37 -0.38 1.75
CA GLU B 140 -8.96 -0.76 1.58
C GLU B 140 -8.29 -1.01 2.93
N LEU B 141 -8.58 -0.14 3.90
CA LEU B 141 -8.02 -0.23 5.24
C LEU B 141 -8.39 -1.56 5.88
N ALA B 142 -9.66 -1.96 5.78
CA ALA B 142 -10.11 -3.22 6.37
C ALA B 142 -9.46 -4.44 5.67
N LEU B 143 -9.27 -4.35 4.37
CA LEU B 143 -8.54 -5.37 3.61
C LEU B 143 -7.06 -5.47 4.05
N MET B 144 -6.40 -4.33 4.24
CA MET B 144 -4.99 -4.32 4.65
C MET B 144 -4.80 -4.95 6.02
N TYR B 145 -5.72 -4.65 6.93
CA TYR B 145 -5.55 -5.06 8.32
C TYR B 145 -6.45 -6.22 8.75
N ASN B 146 -7.02 -6.93 7.79
CA ASN B 146 -7.83 -8.12 8.06
C ASN B 146 -8.92 -7.87 9.10
N ASP B 147 -9.62 -6.74 8.97
CA ASP B 147 -10.80 -6.47 9.80
C ASP B 147 -10.48 -6.35 11.31
N SER B 148 -9.20 -6.22 11.65
CA SER B 148 -8.78 -6.27 13.05
C SER B 148 -8.11 -4.97 13.50
N SER B 149 -8.72 -4.29 14.48
CA SER B 149 -8.25 -2.96 14.91
C SER B 149 -7.89 -2.10 13.70
N VAL B 150 -8.83 -1.98 12.77
CA VAL B 150 -8.51 -1.35 11.49
C VAL B 150 -8.06 0.09 11.68
N LEU B 151 -8.87 0.87 12.38
CA LEU B 151 -8.54 2.28 12.56
C LEU B 151 -7.27 2.44 13.40
N GLU B 152 -7.17 1.65 14.46
CA GLU B 152 -6.03 1.78 15.37
C GLU B 152 -4.68 1.45 14.69
N ASN B 153 -4.68 0.40 13.89
CA ASN B 153 -3.53 0.14 12.99
C ASN B 153 -3.20 1.35 12.12
N HIS B 154 -4.22 2.00 11.56
CA HIS B 154 -4.03 3.12 10.66
C HIS B 154 -3.52 4.36 11.39
N HIS B 155 -4.06 4.62 12.59
CA HIS B 155 -3.57 5.74 13.41
C HIS B 155 -2.05 5.62 13.68
N LEU B 156 -1.61 4.43 14.04
CA LEU B 156 -0.19 4.17 14.21
C LEU B 156 0.59 4.43 12.92
N ALA B 157 0.15 3.86 11.80
CA ALA B 157 0.84 4.06 10.53
C ALA B 157 1.01 5.54 10.18
N VAL B 158 -0.07 6.31 10.25
CA VAL B 158 0.02 7.73 9.94
C VAL B 158 0.92 8.45 10.94
N GLY B 159 0.68 8.22 12.23
CA GLY B 159 1.46 8.91 13.26
C GLY B 159 2.96 8.74 13.06
N PHE B 160 3.38 7.50 12.88
CA PHE B 160 4.78 7.18 12.65
C PHE B 160 5.27 7.75 11.32
N LYS B 161 4.51 7.53 10.26
CA LYS B 161 4.91 7.99 8.93
C LYS B 161 5.19 9.49 8.91
N LEU B 162 4.39 10.26 9.63
CA LEU B 162 4.57 11.71 9.61
C LEU B 162 5.93 12.16 10.16
N LEU B 163 6.63 11.27 10.86
CA LEU B 163 7.95 11.63 11.39
C LEU B 163 8.94 11.80 10.24
N GLN B 164 8.59 11.23 9.09
CA GLN B 164 9.51 11.24 7.96
C GLN B 164 9.34 12.43 7.02
N GLU B 165 8.36 13.28 7.27
CA GLU B 165 8.18 14.48 6.46
C GLU B 165 9.24 15.52 6.82
N GLU B 166 9.32 16.59 6.03
CA GLU B 166 10.46 17.50 6.13
C GLU B 166 10.60 18.11 7.52
N ASN B 167 11.78 17.94 8.12
CA ASN B 167 12.07 18.45 9.45
C ASN B 167 11.02 18.04 10.49
N CYS B 168 10.59 16.79 10.44
CA CYS B 168 9.54 16.31 11.34
C CYS B 168 10.02 15.22 12.31
N ASP B 169 11.27 14.78 12.17
CA ASP B 169 11.70 13.63 12.97
C ASP B 169 12.13 14.04 14.39
N ILE B 170 11.15 14.11 15.28
CA ILE B 170 11.40 14.54 16.66
C ILE B 170 12.23 13.54 17.46
N PHE B 171 12.41 12.34 16.94
CA PHE B 171 13.22 11.33 17.63
C PHE B 171 14.59 11.14 17.01
N GLN B 172 15.02 12.11 16.21
CA GLN B 172 16.29 12.01 15.49
C GLN B 172 17.49 11.82 16.42
N ASN B 173 17.39 12.38 17.62
CA ASN B 173 18.49 12.34 18.59
C ASN B 173 18.30 11.32 19.71
N LEU B 174 17.28 10.47 19.59
CA LEU B 174 17.16 9.32 20.48
C LEU B 174 18.21 8.30 20.07
N THR B 175 18.61 7.43 21.01
CA THR B 175 19.50 6.34 20.68
C THR B 175 18.72 5.28 19.93
N LYS B 176 19.41 4.25 19.46
CA LYS B 176 18.74 3.15 18.78
C LYS B 176 17.78 2.45 19.73
N LYS B 177 18.31 1.99 20.86
CA LYS B 177 17.50 1.25 21.82
C LYS B 177 16.35 2.08 22.39
N GLN B 178 16.53 3.39 22.50
CA GLN B 178 15.42 4.25 22.91
C GLN B 178 14.30 4.24 21.86
N ARG B 179 14.69 4.20 20.59
CA ARG B 179 13.72 4.15 19.49
C ARG B 179 12.95 2.82 19.43
N GLN B 180 13.66 1.70 19.51
CA GLN B 180 12.97 0.41 19.51
C GLN B 180 11.99 0.32 20.66
N SER B 181 12.43 0.79 21.83
CA SER B 181 11.58 0.73 23.01
C SER B 181 10.37 1.65 22.87
N LEU B 182 10.62 2.89 22.45
CA LEU B 182 9.57 3.87 22.30
C LEU B 182 8.56 3.37 21.29
N ARG B 183 9.05 2.85 20.16
CA ARG B 183 8.19 2.32 19.12
C ARG B 183 7.25 1.25 19.66
N LYS B 184 7.80 0.28 20.39
CA LYS B 184 7.00 -0.83 20.88
C LYS B 184 5.93 -0.39 21.89
N MET B 185 6.29 0.52 22.78
CA MET B 185 5.35 0.99 23.77
C MET B 185 4.21 1.76 23.09
N VAL B 186 4.56 2.58 22.10
CA VAL B 186 3.56 3.37 21.39
C VAL B 186 2.55 2.45 20.69
N ILE B 187 3.06 1.39 20.06
CA ILE B 187 2.22 0.39 19.40
C ILE B 187 1.29 -0.27 20.40
N ASP B 188 1.85 -0.69 21.53
CA ASP B 188 1.05 -1.34 22.57
C ASP B 188 -0.04 -0.43 23.14
N ILE B 189 0.28 0.84 23.33
CA ILE B 189 -0.70 1.78 23.87
C ILE B 189 -1.83 2.10 22.86
N VAL B 190 -1.47 2.43 21.63
CA VAL B 190 -2.50 2.81 20.67
C VAL B 190 -3.47 1.67 20.36
N LEU B 191 -2.96 0.45 20.25
CA LEU B 191 -3.82 -0.69 19.93
C LEU B 191 -4.74 -1.01 21.09
N ALA B 192 -4.38 -0.54 22.28
CA ALA B 192 -5.19 -0.74 23.47
C ALA B 192 -6.39 0.21 23.50
N THR B 193 -6.42 1.16 22.56
CA THR B 193 -7.53 2.12 22.50
C THR B 193 -8.71 1.58 21.68
N ASP B 194 -8.54 0.41 21.08
CA ASP B 194 -9.62 -0.27 20.39
C ASP B 194 -10.57 -0.81 21.46
N MET B 195 -11.83 -0.41 21.41
CA MET B 195 -12.80 -0.79 22.44
C MET B 195 -12.99 -2.30 22.54
N SER B 196 -12.67 -3.03 21.49
CA SER B 196 -12.84 -4.47 21.53
C SER B 196 -11.84 -5.08 22.51
N LYS B 197 -10.83 -4.32 22.91
CA LYS B 197 -9.88 -4.81 23.89
C LYS B 197 -10.25 -4.39 25.33
N HIS B 198 -11.31 -3.58 25.48
CA HIS B 198 -11.64 -2.98 26.77
C HIS B 198 -11.81 -3.98 27.90
N MET B 199 -12.64 -4.99 27.68
CA MET B 199 -12.95 -5.94 28.75
C MET B 199 -11.70 -6.66 29.28
N ASN B 200 -10.83 -7.08 28.37
CA ASN B 200 -9.61 -7.79 28.79
C ASN B 200 -8.61 -6.87 29.49
N LEU B 201 -8.51 -5.63 29.00
CA LEU B 201 -7.67 -4.63 29.66
C LEU B 201 -8.16 -4.41 31.08
N LEU B 202 -9.47 -4.36 31.25
CA LEU B 202 -10.05 -4.06 32.55
C LEU B 202 -9.89 -5.24 33.51
N ALA B 203 -10.06 -6.46 33.00
CA ALA B 203 -9.80 -7.64 33.83
C ALA B 203 -8.39 -7.61 34.37
N ASP B 204 -7.42 -7.29 33.50
CA ASP B 204 -6.03 -7.23 33.91
C ASP B 204 -5.73 -6.09 34.88
N LEU B 205 -6.39 -4.96 34.70
CA LEU B 205 -6.20 -3.84 35.61
C LEU B 205 -6.70 -4.25 36.99
N LYS B 206 -7.85 -4.92 37.02
CA LYS B 206 -8.42 -5.40 38.27
C LYS B 206 -7.49 -6.38 38.96
N THR B 207 -6.87 -7.24 38.18
CA THR B 207 -5.97 -8.25 38.72
C THR B 207 -4.75 -7.59 39.34
N MET B 208 -4.21 -6.59 38.65
CA MET B 208 -3.09 -5.86 39.20
C MET B 208 -3.48 -5.20 40.52
N VAL B 209 -4.65 -4.57 40.54
CA VAL B 209 -5.13 -3.92 41.75
C VAL B 209 -5.26 -4.91 42.90
N GLU B 210 -5.78 -6.10 42.61
CA GLU B 210 -5.94 -7.12 43.66
C GLU B 210 -4.61 -7.61 44.20
N THR B 211 -3.56 -7.56 43.38
CA THR B 211 -2.27 -8.11 43.75
C THR B 211 -1.18 -7.03 43.75
N LYS B 212 -1.61 -5.80 43.94
CA LYS B 212 -0.71 -4.66 43.88
C LYS B 212 0.48 -4.84 44.81
N LYS B 213 1.64 -4.36 44.37
CA LYS B 213 2.85 -4.31 45.21
C LYS B 213 3.43 -2.91 45.26
N VAL B 214 3.94 -2.51 46.42
CA VAL B 214 4.54 -1.19 46.56
C VAL B 214 5.86 -1.30 47.30
N THR B 215 6.68 -0.26 47.20
CA THR B 215 7.92 -0.18 47.96
C THR B 215 7.63 0.31 49.37
N SER B 216 8.68 0.44 50.16
CA SER B 216 8.55 0.89 51.55
C SER B 216 8.00 2.32 51.63
N SER B 217 8.29 3.12 50.62
CA SER B 217 7.78 4.49 50.56
C SER B 217 6.39 4.55 49.91
N GLY B 218 5.90 3.40 49.47
CA GLY B 218 4.54 3.30 48.93
C GLY B 218 4.45 3.61 47.45
N VAL B 219 5.59 3.58 46.76
CA VAL B 219 5.64 3.77 45.32
C VAL B 219 5.16 2.48 44.62
N LEU B 220 4.33 2.64 43.59
CA LEU B 220 3.80 1.51 42.82
C LEU B 220 4.94 0.69 42.22
N LEU B 221 4.94 -0.62 42.44
CA LEU B 221 6.05 -1.44 41.99
C LEU B 221 5.67 -2.25 40.75
N LEU B 222 6.26 -1.88 39.61
CA LEU B 222 6.00 -2.57 38.35
C LEU B 222 7.33 -3.06 37.80
N ASP B 223 7.64 -4.33 38.05
CA ASP B 223 8.99 -4.83 37.78
C ASP B 223 9.15 -5.57 36.46
N ASN B 224 8.06 -5.69 35.70
CA ASN B 224 8.11 -6.37 34.41
C ASN B 224 7.38 -5.57 33.35
N TYR B 225 7.66 -5.88 32.07
CA TYR B 225 7.10 -5.08 30.99
C TYR B 225 5.59 -5.22 30.89
N SER B 226 5.08 -6.44 31.05
CA SER B 226 3.65 -6.67 30.97
C SER B 226 2.91 -5.74 31.90
N ASP B 227 3.41 -5.61 33.13
CA ASP B 227 2.74 -4.79 34.12
C ASP B 227 2.89 -3.32 33.80
N ARG B 228 4.09 -2.91 33.41
CA ARG B 228 4.34 -1.51 33.15
C ARG B 228 3.48 -1.01 31.97
N ILE B 229 3.39 -1.80 30.90
CA ILE B 229 2.65 -1.39 29.71
C ILE B 229 1.14 -1.52 29.91
N GLN B 230 0.72 -2.51 30.68
CA GLN B 230 -0.69 -2.61 31.07
C GLN B 230 -1.15 -1.33 31.77
N VAL B 231 -0.32 -0.79 32.66
CA VAL B 231 -0.67 0.45 33.35
C VAL B 231 -0.73 1.64 32.39
N LEU B 232 0.24 1.74 31.50
CA LEU B 232 0.22 2.81 30.51
C LEU B 232 -0.97 2.65 29.54
N GLN B 233 -1.24 1.40 29.15
CA GLN B 233 -2.38 1.12 28.27
C GLN B 233 -3.67 1.59 28.91
N ASN B 234 -3.88 1.22 30.17
CA ASN B 234 -5.11 1.60 30.85
C ASN B 234 -5.17 3.09 31.16
N MET B 235 -4.00 3.69 31.40
CA MET B 235 -3.93 5.12 31.64
C MET B 235 -4.45 5.89 30.44
N VAL B 236 -3.87 5.61 29.27
CA VAL B 236 -4.29 6.29 28.04
C VAL B 236 -5.74 5.94 27.66
N HIS B 237 -6.14 4.69 27.89
CA HIS B 237 -7.54 4.27 27.71
C HIS B 237 -8.48 5.07 28.62
N CYS B 238 -8.10 5.30 29.88
CA CYS B 238 -8.86 6.19 30.75
C CYS B 238 -8.95 7.61 30.20
N ALA B 239 -7.84 8.11 29.69
CA ALA B 239 -7.79 9.45 29.13
C ALA B 239 -8.72 9.55 27.92
N ASP B 240 -8.71 8.49 27.12
CA ASP B 240 -9.51 8.42 25.91
C ASP B 240 -10.99 8.36 26.28
N LEU B 241 -11.28 7.78 27.45
CA LEU B 241 -12.66 7.69 27.92
C LEU B 241 -12.91 8.65 29.09
N SER B 242 -12.29 9.82 29.07
CA SER B 242 -12.36 10.71 30.24
C SER B 242 -13.46 11.78 30.21
N ASN B 243 -14.15 11.91 29.08
CA ASN B 243 -15.13 12.96 28.91
C ASN B 243 -16.16 13.05 30.04
N PRO B 244 -16.78 11.92 30.40
CA PRO B 244 -17.84 11.96 31.41
C PRO B 244 -17.31 12.27 32.82
N THR B 245 -16.00 12.48 32.96
CA THR B 245 -15.39 12.77 34.27
C THR B 245 -14.93 14.21 34.33
N LYS B 246 -15.12 14.95 33.24
CA LYS B 246 -14.78 16.36 33.22
C LYS B 246 -15.93 17.19 33.79
N PRO B 247 -15.65 18.45 34.13
CA PRO B 247 -16.74 19.36 34.52
C PRO B 247 -17.90 19.23 33.51
N LEU B 248 -19.14 19.29 34.01
CA LEU B 248 -20.31 19.05 33.18
C LEU B 248 -20.31 19.89 31.90
N GLN B 249 -19.81 21.11 31.99
CA GLN B 249 -19.82 22.04 30.86
C GLN B 249 -19.04 21.48 29.68
N LEU B 250 -17.89 20.87 29.97
CA LEU B 250 -17.08 20.24 28.96
C LEU B 250 -17.75 18.98 28.42
N TYR B 251 -18.14 18.11 29.35
CA TYR B 251 -18.77 16.83 29.03
C TYR B 251 -19.91 16.99 28.03
N ARG B 252 -20.81 17.94 28.29
CA ARG B 252 -21.97 18.13 27.41
C ARG B 252 -21.56 18.52 25.98
N GLN B 253 -20.51 19.30 25.86
CA GLN B 253 -19.95 19.64 24.56
C GLN B 253 -19.38 18.39 23.85
N TRP B 254 -18.70 17.54 24.62
CA TRP B 254 -18.18 16.30 24.06
C TRP B 254 -19.32 15.36 23.65
N THR B 255 -20.36 15.32 24.45
CA THR B 255 -21.52 14.50 24.12
C THR B 255 -22.15 15.02 22.82
N ASP B 256 -22.34 16.33 22.71
CA ASP B 256 -22.94 16.87 21.47
C ASP B 256 -22.09 16.46 20.27
N ARG B 257 -20.78 16.56 20.44
CA ARG B 257 -19.86 16.22 19.36
C ARG B 257 -19.91 14.75 18.94
N ILE B 258 -19.82 13.84 19.90
CA ILE B 258 -19.82 12.43 19.53
C ILE B 258 -21.15 12.03 18.90
N MET B 259 -22.25 12.61 19.37
CA MET B 259 -23.55 12.26 18.81
C MET B 259 -23.72 12.80 17.39
N GLU B 260 -23.18 13.99 17.12
CA GLU B 260 -23.16 14.51 15.76
C GLU B 260 -22.40 13.57 14.83
N GLU B 261 -21.26 13.05 15.31
CA GLU B 261 -20.46 12.16 14.52
C GLU B 261 -21.21 10.85 14.30
N PHE B 262 -21.81 10.31 15.37
CA PHE B 262 -22.59 9.09 15.26
C PHE B 262 -23.78 9.24 14.30
N PHE B 263 -24.51 10.34 14.42
CA PHE B 263 -25.71 10.53 13.60
C PHE B 263 -25.30 10.64 12.13
N ARG B 264 -24.18 11.28 11.88
CA ARG B 264 -23.64 11.40 10.54
C ARG B 264 -23.35 10.03 9.95
N GLN B 265 -22.74 9.15 10.75
CA GLN B 265 -22.49 7.79 10.27
C GLN B 265 -23.82 7.10 10.01
N GLY B 266 -24.77 7.29 10.91
CA GLY B 266 -26.10 6.71 10.71
C GLY B 266 -26.74 7.18 9.41
N ASP B 267 -26.57 8.46 9.07
CA ASP B 267 -27.15 8.95 7.82
C ASP B 267 -26.47 8.31 6.62
N ARG B 268 -25.16 8.09 6.74
CA ARG B 268 -24.40 7.43 5.67
C ARG B 268 -24.87 6.00 5.50
N GLU B 269 -25.06 5.30 6.61
CA GLU B 269 -25.59 3.94 6.55
C GLU B 269 -26.99 3.95 5.91
N ARG B 270 -27.85 4.85 6.37
CA ARG B 270 -29.24 4.93 5.89
C ARG B 270 -29.28 5.14 4.38
N GLU B 271 -28.52 6.12 3.89
CA GLU B 271 -28.54 6.42 2.46
C GLU B 271 -28.00 5.24 1.64
N ARG B 272 -27.15 4.43 2.25
CA ARG B 272 -26.58 3.28 1.56
C ARG B 272 -27.40 2.03 1.75
N GLY B 273 -28.45 2.12 2.57
CA GLY B 273 -29.27 0.96 2.84
C GLY B 273 -28.64 -0.07 3.76
N MET B 274 -27.56 0.31 4.46
CA MET B 274 -26.95 -0.56 5.47
C MET B 274 -27.82 -0.54 6.71
N GLU B 275 -27.62 -1.51 7.60
CA GLU B 275 -28.27 -1.47 8.90
C GLU B 275 -27.72 -0.28 9.69
N ILE B 276 -28.58 0.46 10.36
CA ILE B 276 -28.11 1.61 11.13
C ILE B 276 -27.52 1.19 12.48
N SER B 277 -26.25 1.51 12.68
CA SER B 277 -25.53 1.11 13.89
C SER B 277 -26.22 1.63 15.17
N PRO B 278 -26.02 0.92 16.30
CA PRO B 278 -26.60 1.39 17.57
C PRO B 278 -26.11 2.79 17.88
N MET B 279 -26.99 3.64 18.42
CA MET B 279 -26.64 5.00 18.80
C MET B 279 -26.65 5.97 17.61
N CYS B 280 -26.66 5.42 16.39
CA CYS B 280 -26.43 6.25 15.19
C CYS B 280 -27.67 6.76 14.45
N ASP B 281 -28.86 6.40 14.93
CA ASP B 281 -30.09 6.80 14.24
C ASP B 281 -30.70 8.05 14.89
N LYS B 282 -30.59 9.19 14.22
CA LYS B 282 -31.12 10.44 14.74
C LYS B 282 -32.65 10.44 14.84
N HIS B 283 -33.29 9.36 14.38
CA HIS B 283 -34.76 9.26 14.45
C HIS B 283 -35.23 8.38 15.60
N ASN B 284 -34.41 7.43 16.01
CA ASN B 284 -34.71 6.58 17.15
C ASN B 284 -33.56 6.64 18.14
N ALA B 285 -33.37 7.82 18.72
CA ALA B 285 -32.21 8.07 19.56
C ALA B 285 -32.59 8.41 20.98
N SER B 286 -31.76 7.96 21.93
CA SER B 286 -31.88 8.38 23.31
C SER B 286 -30.49 8.78 23.81
N VAL B 287 -30.11 10.01 23.48
CA VAL B 287 -28.78 10.51 23.79
C VAL B 287 -28.45 10.42 25.27
N GLU B 288 -29.38 10.87 26.11
CA GLU B 288 -29.17 10.89 27.55
C GLU B 288 -29.10 9.47 28.13
N LYS B 289 -30.03 8.62 27.69
CA LYS B 289 -30.06 7.24 28.16
C LYS B 289 -28.79 6.48 27.74
N SER B 290 -28.30 6.79 26.54
CA SER B 290 -27.07 6.18 26.04
C SER B 290 -25.85 6.60 26.85
N GLN B 291 -25.80 7.88 27.23
CA GLN B 291 -24.72 8.36 28.08
C GLN B 291 -24.71 7.62 29.42
N VAL B 292 -25.89 7.45 30.01
CA VAL B 292 -25.98 6.78 31.30
C VAL B 292 -25.59 5.30 31.17
N GLY B 293 -26.06 4.65 30.11
CA GLY B 293 -25.69 3.28 29.84
C GLY B 293 -24.18 3.11 29.65
N PHE B 294 -23.59 4.03 28.90
CA PHE B 294 -22.15 3.96 28.63
C PHE B 294 -21.35 4.14 29.91
N ILE B 295 -21.76 5.09 30.74
CA ILE B 295 -21.14 5.29 32.04
C ILE B 295 -21.26 4.03 32.90
N ASP B 296 -22.46 3.46 32.95
CA ASP B 296 -22.75 2.34 33.83
C ASP B 296 -21.97 1.06 33.48
N TYR B 297 -21.84 0.79 32.19
CA TYR B 297 -21.25 -0.48 31.77
C TYR B 297 -19.78 -0.42 31.40
N ILE B 298 -19.30 0.77 31.03
CA ILE B 298 -17.94 0.93 30.53
C ILE B 298 -17.11 1.91 31.34
N VAL B 299 -17.54 3.16 31.39
CA VAL B 299 -16.73 4.24 31.95
C VAL B 299 -16.55 4.15 33.48
N HIS B 300 -17.64 3.93 34.19
CA HIS B 300 -17.54 3.85 35.65
C HIS B 300 -16.75 2.62 36.10
N PRO B 301 -17.04 1.44 35.53
CA PRO B 301 -16.22 0.30 35.95
C PRO B 301 -14.73 0.53 35.71
N LEU B 302 -14.39 1.17 34.60
CA LEU B 302 -12.99 1.43 34.30
C LEU B 302 -12.40 2.43 35.28
N TRP B 303 -13.08 3.56 35.47
CA TRP B 303 -12.54 4.62 36.29
C TRP B 303 -12.53 4.25 37.77
N GLU B 304 -13.51 3.47 38.21
CA GLU B 304 -13.52 2.98 39.59
C GLU B 304 -12.29 2.10 39.84
N THR B 305 -11.84 1.38 38.80
CA THR B 305 -10.72 0.47 38.98
C THR B 305 -9.41 1.24 38.95
N TRP B 306 -9.34 2.24 38.07
CA TRP B 306 -8.17 3.12 38.03
C TRP B 306 -7.99 3.88 39.36
N ALA B 307 -9.08 4.46 39.85
CA ALA B 307 -9.12 5.19 41.12
C ALA B 307 -8.61 4.31 42.26
N ASP B 308 -8.96 3.03 42.20
CA ASP B 308 -8.42 2.03 43.12
C ASP B 308 -6.90 2.04 43.03
N LEU B 309 -6.39 1.75 41.85
CA LEU B 309 -4.95 1.74 41.62
C LEU B 309 -4.25 2.98 42.17
N VAL B 310 -4.81 4.17 41.93
CA VAL B 310 -4.16 5.42 42.34
C VAL B 310 -4.79 6.06 43.59
N HIS B 311 -5.58 5.27 44.31
CA HIS B 311 -6.35 5.77 45.45
C HIS B 311 -5.47 6.58 46.38
N PRO B 312 -5.93 7.76 46.81
CA PRO B 312 -7.23 8.35 46.51
C PRO B 312 -7.12 9.52 45.52
N ASP B 313 -6.04 9.56 44.74
CA ASP B 313 -5.79 10.69 43.85
C ASP B 313 -6.93 10.99 42.88
N ALA B 314 -7.73 9.97 42.57
CA ALA B 314 -8.79 10.14 41.56
C ALA B 314 -10.17 10.32 42.17
N GLN B 315 -10.23 10.51 43.48
CA GLN B 315 -11.53 10.61 44.14
C GLN B 315 -12.38 11.71 43.54
N ASP B 316 -11.77 12.87 43.29
CA ASP B 316 -12.51 14.00 42.74
C ASP B 316 -13.00 13.69 41.33
N ILE B 317 -12.22 12.89 40.62
CA ILE B 317 -12.59 12.45 39.26
C ILE B 317 -13.78 11.49 39.33
N LEU B 318 -13.72 10.50 40.21
CA LEU B 318 -14.81 9.55 40.34
C LEU B 318 -16.10 10.24 40.75
N ASP B 319 -15.98 11.16 41.71
CA ASP B 319 -17.13 11.89 42.23
C ASP B 319 -17.80 12.71 41.14
N THR B 320 -16.98 13.37 40.32
CA THR B 320 -17.49 14.18 39.22
C THR B 320 -18.23 13.29 38.21
N LEU B 321 -17.66 12.10 37.95
CA LEU B 321 -18.28 11.13 37.05
C LEU B 321 -19.65 10.74 37.57
N GLU B 322 -19.71 10.46 38.87
CA GLU B 322 -20.96 10.03 39.47
C GLU B 322 -21.99 11.16 39.45
N ASP B 323 -21.55 12.39 39.70
CA ASP B 323 -22.44 13.54 39.61
C ASP B 323 -22.98 13.72 38.18
N ASN B 324 -22.08 13.66 37.22
CA ASN B 324 -22.46 13.80 35.81
C ASN B 324 -23.46 12.74 35.36
N ARG B 325 -23.28 11.52 35.85
CA ARG B 325 -24.20 10.42 35.55
C ARG B 325 -25.60 10.78 36.06
N GLU B 326 -25.65 11.39 37.25
CA GLU B 326 -26.94 11.76 37.84
C GLU B 326 -27.60 12.89 37.07
N TRP B 327 -26.83 13.86 36.62
CA TRP B 327 -27.38 14.94 35.83
C TRP B 327 -28.04 14.37 34.56
N TYR B 328 -27.30 13.56 33.80
CA TYR B 328 -27.87 12.98 32.58
C TYR B 328 -29.09 12.12 32.88
N GLN B 329 -29.01 11.30 33.93
CA GLN B 329 -30.15 10.48 34.32
C GLN B 329 -31.39 11.37 34.54
N SER B 330 -31.21 12.53 35.16
CA SER B 330 -32.32 13.43 35.44
C SER B 330 -32.95 14.00 34.17
N THR B 331 -32.27 13.79 33.04
CA THR B 331 -32.70 14.33 31.75
C THR B 331 -33.36 13.28 30.87
N ILE B 332 -33.43 12.04 31.36
CA ILE B 332 -34.06 10.96 30.60
C ILE B 332 -35.59 10.99 30.72
N PRO B 333 -36.29 11.13 29.59
CA PRO B 333 -37.74 11.09 29.60
C PRO B 333 -38.26 9.82 30.26
N GLN B 334 -39.28 9.97 31.10
CA GLN B 334 -39.93 8.86 31.81
C GLN B 334 -40.55 9.33 33.13
N THR C 8 43.47 -20.12 -0.37
CA THR C 8 42.19 -20.82 -0.33
C THR C 8 41.55 -20.89 -1.71
N GLU C 9 41.70 -22.05 -2.36
CA GLU C 9 41.31 -22.25 -3.77
C GLU C 9 40.17 -21.37 -4.30
N GLN C 10 38.94 -21.75 -3.99
CA GLN C 10 37.75 -21.15 -4.60
C GLN C 10 37.75 -19.63 -4.52
N GLU C 11 38.06 -19.11 -3.33
CA GLU C 11 38.13 -17.67 -3.12
C GLU C 11 39.21 -17.05 -3.99
N ASP C 12 40.34 -17.73 -4.14
CA ASP C 12 41.41 -17.23 -4.98
C ASP C 12 40.90 -17.07 -6.40
N VAL C 13 40.17 -18.07 -6.88
CA VAL C 13 39.62 -18.04 -8.23
C VAL C 13 38.63 -16.88 -8.38
N LEU C 14 37.75 -16.72 -7.40
CA LEU C 14 36.81 -15.59 -7.38
C LEU C 14 37.58 -14.29 -7.51
N ALA C 15 38.60 -14.16 -6.67
CA ALA C 15 39.42 -12.95 -6.64
C ALA C 15 40.01 -12.69 -8.00
N LYS C 16 40.45 -13.74 -8.68
CA LYS C 16 41.06 -13.59 -9.99
C LYS C 16 40.06 -13.09 -11.02
N GLU C 17 38.85 -13.67 -11.02
CA GLU C 17 37.83 -13.22 -11.95
C GLU C 17 37.48 -11.75 -11.72
N LEU C 18 37.40 -11.34 -10.46
CA LEU C 18 37.04 -9.96 -10.12
C LEU C 18 38.05 -8.93 -10.62
N GLU C 19 39.24 -9.41 -10.98
CA GLU C 19 40.27 -8.53 -11.50
C GLU C 19 39.86 -7.93 -12.85
N ASP C 20 39.00 -8.63 -13.59
CA ASP C 20 38.54 -8.16 -14.88
C ASP C 20 37.40 -7.14 -14.78
N VAL C 21 37.15 -6.64 -13.58
CA VAL C 21 35.98 -5.77 -13.33
C VAL C 21 35.94 -4.53 -14.21
N ASN C 22 37.10 -4.07 -14.66
CA ASN C 22 37.15 -2.89 -15.49
C ASN C 22 37.01 -3.24 -16.97
N LYS C 23 36.78 -4.52 -17.27
CA LYS C 23 36.76 -4.98 -18.66
C LYS C 23 35.39 -5.40 -19.18
N TRP C 24 35.09 -5.00 -20.41
CA TRP C 24 33.94 -5.50 -21.14
C TRP C 24 34.10 -7.00 -21.36
N GLY C 25 33.21 -7.81 -20.77
CA GLY C 25 33.27 -9.24 -20.97
C GLY C 25 33.66 -10.00 -19.72
N LEU C 26 33.50 -9.36 -18.57
CA LEU C 26 33.67 -10.03 -17.29
C LEU C 26 32.91 -11.35 -17.31
N HIS C 27 33.49 -12.40 -16.74
CA HIS C 27 32.84 -13.71 -16.67
C HIS C 27 31.83 -13.72 -15.52
N VAL C 28 30.71 -13.02 -15.71
CA VAL C 28 29.79 -12.78 -14.60
C VAL C 28 29.07 -14.05 -14.09
N PHE C 29 28.80 -14.99 -14.99
CA PHE C 29 28.22 -16.26 -14.56
C PHE C 29 29.18 -17.10 -13.72
N ARG C 30 30.45 -17.12 -14.11
CA ARG C 30 31.48 -17.77 -13.30
C ARG C 30 31.48 -17.13 -11.92
N ILE C 31 31.51 -15.81 -11.89
CA ILE C 31 31.50 -15.08 -10.62
C ILE C 31 30.28 -15.48 -9.80
N ALA C 32 29.12 -15.54 -10.44
CA ALA C 32 27.90 -15.93 -9.75
C ALA C 32 28.06 -17.30 -9.09
N GLU C 33 28.65 -18.25 -9.82
CA GLU C 33 28.91 -19.58 -9.27
C GLU C 33 29.86 -19.52 -8.07
N LEU C 34 31.02 -18.91 -8.29
CA LEU C 34 32.08 -18.88 -7.28
C LEU C 34 31.67 -18.19 -5.99
N SER C 35 30.76 -17.23 -6.08
CA SER C 35 30.38 -16.40 -4.94
C SER C 35 29.15 -16.96 -4.20
N GLY C 36 28.69 -18.13 -4.62
CA GLY C 36 27.53 -18.74 -4.01
C GLY C 36 26.27 -17.96 -4.35
N ASN C 37 26.14 -17.60 -5.61
CA ASN C 37 25.05 -16.76 -6.10
C ASN C 37 25.02 -15.38 -5.44
N ARG C 38 26.17 -14.75 -5.29
CA ARG C 38 26.22 -13.38 -4.78
C ARG C 38 26.94 -12.40 -5.72
N PRO C 39 26.69 -12.52 -7.02
CA PRO C 39 27.44 -11.69 -7.96
C PRO C 39 27.19 -10.20 -7.76
N LEU C 40 25.95 -9.81 -7.46
CA LEU C 40 25.64 -8.39 -7.32
C LEU C 40 26.38 -7.81 -6.13
N THR C 41 26.41 -8.55 -5.02
CA THR C 41 27.10 -8.07 -3.82
C THR C 41 28.60 -7.93 -4.09
N VAL C 42 29.26 -9.01 -4.53
CA VAL C 42 30.72 -8.95 -4.72
C VAL C 42 31.14 -7.97 -5.81
N ILE C 43 30.37 -7.91 -6.90
CA ILE C 43 30.68 -6.98 -7.99
C ILE C 43 30.46 -5.53 -7.57
N MET C 44 29.37 -5.25 -6.86
CA MET C 44 29.13 -3.90 -6.35
C MET C 44 30.21 -3.48 -5.35
N HIS C 45 30.54 -4.39 -4.45
CA HIS C 45 31.56 -4.09 -3.45
C HIS C 45 32.89 -3.79 -4.14
N THR C 46 33.27 -4.63 -5.10
CA THR C 46 34.51 -4.47 -5.85
C THR C 46 34.54 -3.14 -6.58
N ILE C 47 33.41 -2.78 -7.20
CA ILE C 47 33.35 -1.53 -7.95
C ILE C 47 33.39 -0.30 -7.05
N PHE C 48 32.74 -0.39 -5.89
CA PHE C 48 32.79 0.69 -4.91
C PHE C 48 34.23 0.92 -4.38
N GLN C 49 34.96 -0.15 -4.16
CA GLN C 49 36.38 -0.04 -3.81
C GLN C 49 37.19 0.56 -4.98
N GLU C 50 37.03 -0.01 -6.17
CA GLU C 50 37.71 0.49 -7.37
C GLU C 50 37.54 2.01 -7.53
N ARG C 51 36.31 2.51 -7.34
CA ARG C 51 36.04 3.94 -7.49
C ARG C 51 36.16 4.71 -6.18
N ASP C 52 36.71 4.08 -5.16
CA ASP C 52 36.91 4.72 -3.86
C ASP C 52 35.63 5.36 -3.32
N LEU C 53 34.49 4.76 -3.66
CA LEU C 53 33.19 5.26 -3.23
C LEU C 53 32.96 5.18 -1.72
N LEU C 54 33.44 4.14 -1.05
CA LEU C 54 33.22 4.05 0.39
C LEU C 54 33.90 5.21 1.12
N LYS C 55 35.13 5.52 0.70
CA LYS C 55 35.84 6.64 1.30
C LYS C 55 35.16 7.97 0.94
N THR C 56 34.88 8.18 -0.34
CA THR C 56 34.30 9.44 -0.79
C THR C 56 32.96 9.79 -0.16
N PHE C 57 32.14 8.77 0.10
CA PHE C 57 30.79 9.01 0.63
C PHE C 57 30.69 8.52 2.06
N LYS C 58 31.82 8.15 2.62
CA LYS C 58 31.89 7.66 4.00
C LYS C 58 30.82 6.59 4.28
N ILE C 59 30.77 5.60 3.40
CA ILE C 59 29.88 4.47 3.59
C ILE C 59 30.53 3.42 4.49
N PRO C 60 29.94 3.16 5.66
CA PRO C 60 30.49 2.09 6.51
C PRO C 60 30.48 0.78 5.72
N VAL C 61 31.57 0.02 5.79
CA VAL C 61 31.63 -1.21 5.00
C VAL C 61 30.55 -2.23 5.40
N ASP C 62 30.27 -2.34 6.70
CA ASP C 62 29.27 -3.32 7.15
C ASP C 62 27.89 -2.96 6.62
N THR C 63 27.62 -1.65 6.59
CA THR C 63 26.37 -1.13 6.05
C THR C 63 26.23 -1.44 4.57
N LEU C 64 27.30 -1.22 3.81
CA LEU C 64 27.27 -1.49 2.37
C LEU C 64 26.98 -2.96 2.12
N ILE C 65 27.67 -3.84 2.84
CA ILE C 65 27.50 -5.28 2.65
C ILE C 65 26.06 -5.70 3.04
N THR C 66 25.58 -5.16 4.15
CA THR C 66 24.22 -5.47 4.59
C THR C 66 23.15 -5.02 3.58
N TYR C 67 23.27 -3.79 3.10
CA TYR C 67 22.34 -3.33 2.08
C TYR C 67 22.44 -4.17 0.81
N LEU C 68 23.66 -4.45 0.35
CA LEU C 68 23.84 -5.22 -0.88
C LEU C 68 23.27 -6.64 -0.79
N MET C 69 23.50 -7.29 0.35
N MET C 69 23.47 -7.30 0.35
CA MET C 69 22.96 -8.64 0.56
CA MET C 69 22.95 -8.65 0.52
C MET C 69 21.43 -8.58 0.52
C MET C 69 21.42 -8.62 0.56
N THR C 70 20.87 -7.59 1.20
CA THR C 70 19.42 -7.40 1.24
C THR C 70 18.86 -7.17 -0.16
N LEU C 71 19.47 -6.24 -0.89
CA LEU C 71 19.06 -5.95 -2.28
C LEU C 71 19.09 -7.19 -3.14
N GLU C 72 20.21 -7.89 -3.11
CA GLU C 72 20.37 -9.08 -3.94
C GLU C 72 19.33 -10.13 -3.56
N ASP C 73 19.00 -10.23 -2.28
CA ASP C 73 17.96 -11.16 -1.80
C ASP C 73 16.58 -10.81 -2.32
N HIS C 74 16.39 -9.57 -2.74
CA HIS C 74 15.11 -9.18 -3.31
C HIS C 74 15.04 -9.33 -4.83
N TYR C 75 16.11 -9.82 -5.45
CA TYR C 75 16.01 -10.30 -6.83
C TYR C 75 15.61 -11.77 -6.75
N HIS C 76 14.80 -12.24 -7.70
CA HIS C 76 14.26 -13.61 -7.64
C HIS C 76 15.17 -14.62 -8.34
N ALA C 77 15.68 -15.60 -7.59
CA ALA C 77 16.51 -16.65 -8.19
C ALA C 77 15.78 -17.57 -9.19
N ASP C 78 14.45 -17.63 -9.10
CA ASP C 78 13.69 -18.48 -10.01
C ASP C 78 13.35 -17.77 -11.32
N VAL C 79 13.73 -16.50 -11.44
CA VAL C 79 13.50 -15.75 -12.66
C VAL C 79 14.74 -15.81 -13.55
N ALA C 80 14.59 -16.39 -14.74
CA ALA C 80 15.77 -16.78 -15.52
C ALA C 80 16.63 -15.62 -16.02
N TYR C 81 16.00 -14.50 -16.39
CA TYR C 81 16.76 -13.37 -16.90
C TYR C 81 16.83 -12.19 -15.92
N HIS C 82 15.68 -11.63 -15.54
CA HIS C 82 15.66 -10.45 -14.67
C HIS C 82 15.94 -10.82 -13.21
N ASN C 83 17.19 -11.21 -12.95
CA ASN C 83 17.62 -11.63 -11.63
C ASN C 83 18.88 -10.90 -11.18
N ASN C 84 19.48 -11.36 -10.09
CA ASN C 84 20.65 -10.69 -9.53
C ASN C 84 21.87 -10.70 -10.44
N ILE C 85 21.97 -11.72 -11.28
CA ILE C 85 23.10 -11.81 -12.20
C ILE C 85 22.96 -10.71 -13.24
N HIS C 86 21.74 -10.52 -13.75
CA HIS C 86 21.49 -9.44 -14.70
C HIS C 86 21.76 -8.07 -14.08
N ALA C 87 21.35 -7.88 -12.82
CA ALA C 87 21.64 -6.64 -12.13
C ALA C 87 23.14 -6.40 -12.02
N ALA C 88 23.88 -7.42 -11.59
CA ALA C 88 25.34 -7.33 -11.47
C ALA C 88 25.97 -6.96 -12.81
N ASP C 89 25.46 -7.57 -13.88
CA ASP C 89 25.92 -7.32 -15.25
C ASP C 89 25.69 -5.87 -15.67
N VAL C 90 24.49 -5.34 -15.42
CA VAL C 90 24.21 -3.97 -15.80
C VAL C 90 25.05 -2.98 -14.98
N VAL C 91 25.21 -3.28 -13.70
CA VAL C 91 26.10 -2.50 -12.84
C VAL C 91 27.51 -2.44 -13.43
N GLN C 92 28.09 -3.61 -13.70
CA GLN C 92 29.47 -3.64 -14.18
C GLN C 92 29.60 -3.01 -15.56
N SER C 93 28.59 -3.17 -16.41
CA SER C 93 28.63 -2.59 -17.75
C SER C 93 28.55 -1.06 -17.70
N THR C 94 27.69 -0.54 -16.85
CA THR C 94 27.64 0.90 -16.58
C THR C 94 29.00 1.40 -16.05
N HIS C 95 29.60 0.64 -15.14
CA HIS C 95 30.90 1.00 -14.59
C HIS C 95 31.96 1.14 -15.69
N VAL C 96 31.93 0.24 -16.68
CA VAL C 96 32.87 0.32 -17.79
C VAL C 96 32.56 1.51 -18.70
N LEU C 97 31.29 1.70 -19.02
CA LEU C 97 30.87 2.80 -19.89
C LEU C 97 31.21 4.15 -19.28
N LEU C 98 31.16 4.21 -17.95
CA LEU C 98 31.50 5.44 -17.24
C LEU C 98 32.99 5.81 -17.41
N SER C 99 33.83 4.82 -17.68
CA SER C 99 35.27 5.06 -17.82
C SER C 99 35.71 5.37 -19.25
N THR C 100 34.75 5.46 -20.17
CA THR C 100 35.06 5.73 -21.56
C THR C 100 35.84 7.05 -21.69
N PRO C 101 36.95 7.03 -22.46
CA PRO C 101 37.84 8.20 -22.52
C PRO C 101 37.12 9.49 -22.87
N ALA C 102 36.17 9.44 -23.80
CA ALA C 102 35.40 10.62 -24.19
C ALA C 102 34.59 11.24 -23.03
N LEU C 103 34.53 10.57 -21.89
CA LEU C 103 33.74 11.09 -20.76
C LEU C 103 34.59 11.40 -19.54
N GLU C 104 35.91 11.32 -19.72
CA GLU C 104 36.83 11.53 -18.60
C GLU C 104 36.59 12.88 -17.92
N ALA C 105 36.47 12.85 -16.60
CA ALA C 105 36.27 14.07 -15.81
C ALA C 105 34.95 14.79 -16.04
N VAL C 106 34.07 14.22 -16.86
CA VAL C 106 32.76 14.83 -17.14
C VAL C 106 31.77 14.75 -15.98
N PHE C 107 31.66 13.58 -15.35
CA PHE C 107 30.67 13.38 -14.29
C PHE C 107 31.22 13.52 -12.87
N THR C 108 30.39 14.06 -11.98
CA THR C 108 30.74 14.19 -10.57
C THR C 108 30.66 12.83 -9.87
N ASP C 109 31.32 12.72 -8.72
CA ASP C 109 31.25 11.51 -7.89
C ASP C 109 29.79 11.13 -7.59
N LEU C 110 28.95 12.14 -7.40
CA LEU C 110 27.56 11.90 -7.04
C LEU C 110 26.76 11.39 -8.23
N GLU C 111 27.06 11.91 -9.42
CA GLU C 111 26.44 11.42 -10.65
C GLU C 111 26.91 10.00 -10.94
N ILE C 112 28.18 9.74 -10.68
CA ILE C 112 28.72 8.40 -10.84
C ILE C 112 28.03 7.43 -9.89
N LEU C 113 27.89 7.83 -8.63
CA LEU C 113 27.18 7.02 -7.64
C LEU C 113 25.74 6.73 -8.08
N ALA C 114 25.06 7.75 -8.60
CA ALA C 114 23.68 7.57 -9.02
C ALA C 114 23.58 6.56 -10.15
N ALA C 115 24.47 6.64 -11.12
CA ALA C 115 24.38 5.76 -12.28
C ALA C 115 24.57 4.32 -11.84
N ILE C 116 25.51 4.10 -10.93
CA ILE C 116 25.84 2.75 -10.49
C ILE C 116 24.74 2.19 -9.58
N PHE C 117 24.27 3.02 -8.65
CA PHE C 117 23.22 2.61 -7.74
C PHE C 117 21.93 2.34 -8.51
N ALA C 118 21.60 3.21 -9.48
CA ALA C 118 20.43 2.99 -10.32
C ALA C 118 20.53 1.65 -11.04
N SER C 119 21.71 1.35 -11.59
CA SER C 119 21.94 0.09 -12.24
C SER C 119 21.70 -1.08 -11.29
N ALA C 120 22.15 -0.95 -10.05
CA ALA C 120 22.04 -2.06 -9.11
C ALA C 120 20.58 -2.37 -8.75
N ILE C 121 19.76 -1.34 -8.62
CA ILE C 121 18.38 -1.53 -8.17
C ILE C 121 17.36 -1.62 -9.31
N HIS C 122 17.83 -1.45 -10.55
CA HIS C 122 16.93 -1.08 -11.63
C HIS C 122 15.88 -2.15 -11.99
N ASP C 123 16.09 -3.40 -11.58
CA ASP C 123 15.13 -4.47 -11.86
C ASP C 123 14.76 -5.24 -10.60
N VAL C 124 14.95 -4.64 -9.42
CA VAL C 124 14.78 -5.41 -8.21
C VAL C 124 13.32 -5.84 -8.02
N ASP C 125 13.12 -7.04 -7.49
CA ASP C 125 11.79 -7.64 -7.31
C ASP C 125 11.05 -7.85 -8.63
N HIS C 126 11.79 -8.04 -9.73
CA HIS C 126 11.14 -8.26 -11.03
C HIS C 126 10.47 -9.63 -10.97
N PRO C 127 9.18 -9.72 -11.37
CA PRO C 127 8.47 -11.00 -11.30
C PRO C 127 8.64 -11.89 -12.54
N GLY C 128 9.40 -11.44 -13.53
CA GLY C 128 9.59 -12.22 -14.74
C GLY C 128 8.43 -12.17 -15.72
N VAL C 129 7.57 -11.17 -15.58
CA VAL C 129 6.54 -10.93 -16.58
C VAL C 129 6.53 -9.45 -16.92
N SER C 130 5.94 -9.11 -18.06
CA SER C 130 6.06 -7.76 -18.59
C SER C 130 5.07 -6.80 -17.96
N ASN C 131 5.27 -5.52 -18.23
CA ASN C 131 4.31 -4.53 -17.79
C ASN C 131 2.90 -4.83 -18.29
N GLN C 132 2.77 -5.23 -19.56
CA GLN C 132 1.44 -5.44 -20.11
C GLN C 132 0.73 -6.59 -19.43
N PHE C 133 1.49 -7.59 -18.99
CA PHE C 133 0.92 -8.73 -18.26
C PHE C 133 0.31 -8.25 -16.94
N LEU C 134 1.07 -7.45 -16.20
CA LEU C 134 0.59 -6.87 -14.94
C LEU C 134 -0.62 -5.98 -15.13
N ILE C 135 -0.64 -5.23 -16.24
CA ILE C 135 -1.77 -4.36 -16.56
C ILE C 135 -2.97 -5.24 -16.91
N ASN C 136 -2.76 -6.21 -17.79
CA ASN C 136 -3.85 -7.08 -18.22
C ASN C 136 -4.50 -7.90 -17.10
N THR C 137 -3.76 -8.21 -16.05
CA THR C 137 -4.35 -9.02 -14.97
C THR C 137 -4.99 -8.14 -13.88
N ASN C 138 -4.96 -6.83 -14.10
CA ASN C 138 -5.39 -5.85 -13.09
C ASN C 138 -4.61 -5.99 -11.79
N SER C 139 -3.31 -6.22 -11.89
CA SER C 139 -2.50 -6.34 -10.68
C SER C 139 -2.58 -5.09 -9.82
N GLU C 140 -2.39 -5.27 -8.52
CA GLU C 140 -2.35 -4.16 -7.59
C GLU C 140 -1.26 -3.17 -7.98
N LEU C 141 -0.14 -3.69 -8.50
CA LEU C 141 0.92 -2.81 -8.97
C LEU C 141 0.44 -1.86 -10.07
N ALA C 142 -0.25 -2.40 -11.06
CA ALA C 142 -0.71 -1.60 -12.18
C ALA C 142 -1.76 -0.59 -11.72
N LEU C 143 -2.59 -0.99 -10.76
CA LEU C 143 -3.53 -0.04 -10.15
C LEU C 143 -2.82 1.15 -9.47
N MET C 144 -1.78 0.89 -8.68
CA MET C 144 -1.14 2.01 -7.97
C MET C 144 -0.37 2.96 -8.87
N TYR C 145 0.17 2.46 -9.97
CA TYR C 145 0.99 3.29 -10.85
C TYR C 145 0.27 3.67 -12.14
N ASN C 146 -1.05 3.52 -12.13
CA ASN C 146 -1.85 3.90 -13.28
C ASN C 146 -1.27 3.38 -14.59
N ASP C 147 -0.96 2.09 -14.62
CA ASP C 147 -0.51 1.39 -15.83
C ASP C 147 0.74 1.97 -16.52
N SER C 148 1.42 2.90 -15.85
CA SER C 148 2.55 3.59 -16.46
C SER C 148 3.88 3.21 -15.82
N SER C 149 4.81 2.69 -16.62
CA SER C 149 6.09 2.21 -16.10
C SER C 149 5.91 1.43 -14.81
N VAL C 150 4.95 0.51 -14.82
CA VAL C 150 4.55 -0.18 -13.60
C VAL C 150 5.74 -0.83 -12.92
N LEU C 151 6.47 -1.68 -13.64
CA LEU C 151 7.61 -2.36 -13.03
C LEU C 151 8.69 -1.37 -12.58
N GLU C 152 9.03 -0.41 -13.45
CA GLU C 152 10.14 0.48 -13.17
C GLU C 152 9.85 1.35 -11.93
N ASN C 153 8.60 1.76 -11.75
CA ASN C 153 8.21 2.41 -10.50
C ASN C 153 8.41 1.48 -9.29
N HIS C 154 8.05 0.22 -9.44
CA HIS C 154 8.22 -0.76 -8.37
C HIS C 154 9.70 -0.94 -8.03
N HIS C 155 10.53 -1.05 -9.07
CA HIS C 155 11.96 -1.25 -8.84
C HIS C 155 12.53 -0.10 -8.01
N LEU C 156 12.17 1.14 -8.36
CA LEU C 156 12.61 2.28 -7.56
C LEU C 156 12.09 2.19 -6.14
N ALA C 157 10.81 1.90 -5.99
CA ALA C 157 10.21 1.86 -4.66
C ALA C 157 10.94 0.89 -3.72
N VAL C 158 11.19 -0.31 -4.24
CA VAL C 158 11.87 -1.35 -3.47
C VAL C 158 13.32 -0.98 -3.23
N GLY C 159 14.03 -0.58 -4.28
CA GLY C 159 15.44 -0.19 -4.15
C GLY C 159 15.68 0.84 -3.05
N PHE C 160 14.84 1.87 -3.02
CA PHE C 160 14.92 2.90 -1.99
C PHE C 160 14.46 2.39 -0.64
N LYS C 161 13.34 1.68 -0.62
CA LYS C 161 12.76 1.23 0.63
C LYS C 161 13.71 0.35 1.42
N LEU C 162 14.51 -0.46 0.71
CA LEU C 162 15.42 -1.36 1.40
C LEU C 162 16.52 -0.61 2.19
N LEU C 163 16.78 0.65 1.82
CA LEU C 163 17.74 1.48 2.57
C LEU C 163 17.34 1.62 4.03
N GLN C 164 16.05 1.43 4.31
CA GLN C 164 15.48 1.65 5.63
C GLN C 164 15.54 0.43 6.56
N GLU C 165 15.95 -0.72 6.03
CA GLU C 165 16.11 -1.87 6.89
C GLU C 165 17.31 -1.64 7.82
N GLU C 166 17.39 -2.45 8.87
CA GLU C 166 18.44 -2.33 9.89
C GLU C 166 19.84 -2.30 9.29
N ASN C 167 20.59 -1.24 9.61
CA ASN C 167 21.96 -1.09 9.11
C ASN C 167 22.06 -1.24 7.58
N CYS C 168 21.06 -0.70 6.86
CA CYS C 168 21.07 -0.70 5.39
C CYS C 168 21.23 0.69 4.72
N ASP C 169 21.24 1.77 5.48
CA ASP C 169 21.29 3.07 4.82
C ASP C 169 22.70 3.47 4.38
N ILE C 170 23.08 3.03 3.19
CA ILE C 170 24.43 3.30 2.69
C ILE C 170 24.67 4.79 2.42
N PHE C 171 23.61 5.59 2.43
CA PHE C 171 23.74 7.04 2.21
C PHE C 171 23.62 7.87 3.48
N GLN C 172 23.76 7.21 4.63
CA GLN C 172 23.57 7.87 5.92
C GLN C 172 24.49 9.07 6.12
N ASN C 173 25.65 9.08 5.47
CA ASN C 173 26.57 10.19 5.67
C ASN C 173 26.58 11.20 4.54
N LEU C 174 25.69 11.01 3.57
CA LEU C 174 25.49 12.03 2.56
C LEU C 174 24.67 13.14 3.19
N THR C 175 24.83 14.37 2.68
CA THR C 175 24.03 15.49 3.17
C THR C 175 22.66 15.48 2.54
N LYS C 176 21.75 16.26 3.13
CA LYS C 176 20.40 16.37 2.62
C LYS C 176 20.42 16.75 1.13
N LYS C 177 21.26 17.72 0.78
CA LYS C 177 21.36 18.17 -0.60
C LYS C 177 21.88 17.09 -1.54
N GLN C 178 22.91 16.37 -1.11
CA GLN C 178 23.40 15.21 -1.87
C GLN C 178 22.31 14.14 -2.01
N ARG C 179 21.67 13.82 -0.89
CA ARG C 179 20.60 12.81 -0.92
C ARG C 179 19.51 13.15 -1.92
N GLN C 180 18.98 14.36 -1.85
CA GLN C 180 17.91 14.74 -2.77
C GLN C 180 18.34 14.73 -4.24
N SER C 181 19.57 15.15 -4.50
CA SER C 181 20.05 15.18 -5.87
C SER C 181 20.19 13.76 -6.39
N LEU C 182 20.75 12.90 -5.56
CA LEU C 182 20.97 11.51 -5.94
C LEU C 182 19.62 10.86 -6.23
N ARG C 183 18.65 11.14 -5.38
CA ARG C 183 17.30 10.56 -5.55
C ARG C 183 16.69 10.95 -6.88
N LYS C 184 16.79 12.22 -7.26
CA LYS C 184 16.21 12.65 -8.51
C LYS C 184 16.88 11.96 -9.68
N MET C 185 18.20 11.90 -9.64
CA MET C 185 18.94 11.29 -10.73
C MET C 185 18.61 9.80 -10.89
N VAL C 186 18.54 9.11 -9.77
CA VAL C 186 18.28 7.66 -9.79
C VAL C 186 16.87 7.39 -10.36
N ILE C 187 15.90 8.21 -9.96
CA ILE C 187 14.56 8.11 -10.52
C ILE C 187 14.60 8.29 -12.04
N ASP C 188 15.24 9.37 -12.47
CA ASP C 188 15.31 9.66 -13.90
C ASP C 188 15.98 8.55 -14.68
N ILE C 189 17.01 7.94 -14.09
CA ILE C 189 17.72 6.86 -14.79
C ILE C 189 16.89 5.56 -14.86
N VAL C 190 16.38 5.10 -13.72
CA VAL C 190 15.61 3.85 -13.71
C VAL C 190 14.33 3.92 -14.56
N LEU C 191 13.64 5.06 -14.54
CA LEU C 191 12.41 5.18 -15.32
C LEU C 191 12.70 5.14 -16.79
N ALA C 192 13.93 5.51 -17.15
CA ALA C 192 14.31 5.51 -18.55
C ALA C 192 14.65 4.09 -19.06
N THR C 193 14.67 3.10 -18.18
CA THR C 193 14.90 1.72 -18.60
C THR C 193 13.64 1.05 -19.11
N ASP C 194 12.50 1.73 -18.99
CA ASP C 194 11.25 1.21 -19.54
C ASP C 194 11.38 1.22 -21.06
N MET C 195 11.31 0.05 -21.67
CA MET C 195 11.51 -0.08 -23.11
C MET C 195 10.53 0.74 -23.94
N SER C 196 9.38 1.08 -23.36
CA SER C 196 8.42 1.90 -24.09
C SER C 196 8.96 3.32 -24.30
N LYS C 197 10.07 3.63 -23.64
CA LYS C 197 10.66 4.96 -23.80
C LYS C 197 11.86 4.93 -24.73
N HIS C 198 12.13 3.78 -25.35
CA HIS C 198 13.36 3.57 -26.10
C HIS C 198 13.49 4.55 -27.26
N MET C 199 12.47 4.60 -28.11
CA MET C 199 12.53 5.44 -29.29
C MET C 199 12.80 6.89 -28.92
N ASN C 200 12.18 7.36 -27.84
CA ASN C 200 12.37 8.73 -27.39
C ASN C 200 13.77 9.01 -26.82
N LEU C 201 14.34 8.05 -26.10
CA LEU C 201 15.72 8.18 -25.63
C LEU C 201 16.70 8.23 -26.80
N LEU C 202 16.50 7.31 -27.75
CA LEU C 202 17.34 7.23 -28.94
C LEU C 202 17.32 8.56 -29.68
N ALA C 203 16.10 9.05 -29.96
CA ALA C 203 15.92 10.32 -30.65
C ALA C 203 16.67 11.45 -29.97
N ASP C 204 16.58 11.51 -28.64
CA ASP C 204 17.30 12.54 -27.91
C ASP C 204 18.82 12.33 -27.96
N LEU C 205 19.25 11.07 -27.96
CA LEU C 205 20.66 10.77 -28.07
C LEU C 205 21.19 11.16 -29.46
N LYS C 206 20.43 10.77 -30.49
CA LYS C 206 20.76 11.18 -31.87
C LYS C 206 20.93 12.70 -31.95
N THR C 207 19.96 13.43 -31.42
CA THR C 207 19.96 14.89 -31.47
C THR C 207 21.16 15.47 -30.76
N MET C 208 21.51 14.86 -29.64
CA MET C 208 22.66 15.32 -28.87
C MET C 208 23.95 15.08 -29.64
N VAL C 209 23.98 14.00 -30.43
CA VAL C 209 25.15 13.70 -31.24
C VAL C 209 25.33 14.73 -32.35
N GLU C 210 24.23 15.21 -32.91
CA GLU C 210 24.27 16.20 -33.96
C GLU C 210 24.79 17.56 -33.45
N THR C 211 24.40 17.93 -32.24
CA THR C 211 24.83 19.19 -31.64
C THR C 211 26.06 18.97 -30.78
N LYS C 212 26.73 17.85 -31.00
CA LYS C 212 27.86 17.43 -30.17
C LYS C 212 28.86 18.56 -29.97
N LYS C 213 29.22 18.80 -28.71
CA LYS C 213 30.25 19.77 -28.39
C LYS C 213 31.32 19.12 -27.51
N VAL C 214 32.57 19.18 -27.96
CA VAL C 214 33.68 18.68 -27.16
C VAL C 214 34.34 19.85 -26.43
N THR C 215 35.16 19.54 -25.44
CA THR C 215 35.94 20.57 -24.74
C THR C 215 37.31 20.65 -25.41
N SER C 216 38.10 21.64 -25.00
CA SER C 216 39.46 21.78 -25.51
C SER C 216 40.24 20.50 -25.23
N SER C 217 39.70 19.66 -24.34
CA SER C 217 40.35 18.41 -23.99
C SER C 217 39.62 17.21 -24.59
N GLY C 218 39.26 17.31 -25.87
CA GLY C 218 38.62 16.23 -26.59
C GLY C 218 37.66 15.38 -25.78
N VAL C 219 36.88 16.04 -24.92
CA VAL C 219 35.95 15.37 -24.02
C VAL C 219 34.56 15.98 -24.17
N LEU C 220 33.52 15.19 -23.97
CA LEU C 220 32.16 15.70 -24.13
C LEU C 220 31.88 16.94 -23.30
N LEU C 221 31.20 17.90 -23.91
CA LEU C 221 30.74 19.09 -23.20
C LEU C 221 29.26 18.95 -22.84
N LEU C 222 28.98 18.78 -21.56
CA LEU C 222 27.61 18.63 -21.10
C LEU C 222 27.31 19.68 -20.04
N ASP C 223 26.70 20.79 -20.47
CA ASP C 223 26.53 21.95 -19.60
C ASP C 223 25.34 21.86 -18.65
N ASN C 224 24.17 21.53 -19.18
CA ASN C 224 22.94 21.52 -18.38
C ASN C 224 22.53 20.14 -17.85
N TYR C 225 21.65 20.13 -16.85
CA TYR C 225 21.14 18.87 -16.30
C TYR C 225 20.50 17.99 -17.37
N SER C 226 19.68 18.59 -18.23
CA SER C 226 19.01 17.80 -19.26
C SER C 226 20.00 16.99 -20.10
N ASP C 227 21.11 17.61 -20.47
CA ASP C 227 22.10 16.93 -21.29
C ASP C 227 22.85 15.88 -20.48
N ARG C 228 23.18 16.22 -19.24
CA ARG C 228 23.95 15.31 -18.40
C ARG C 228 23.15 14.06 -18.02
N ILE C 229 21.93 14.24 -17.54
CA ILE C 229 21.08 13.12 -17.15
C ILE C 229 20.71 12.29 -18.38
N GLN C 230 20.47 12.96 -19.49
CA GLN C 230 20.16 12.28 -20.74
C GLN C 230 21.26 11.29 -21.11
N VAL C 231 22.51 11.70 -20.94
CA VAL C 231 23.62 10.81 -21.25
C VAL C 231 23.63 9.62 -20.29
N LEU C 232 23.44 9.88 -19.00
CA LEU C 232 23.43 8.81 -18.01
C LEU C 232 22.28 7.86 -18.30
N GLN C 233 21.14 8.43 -18.70
CA GLN C 233 19.96 7.64 -19.03
C GLN C 233 20.25 6.67 -20.17
N ASN C 234 20.80 7.20 -21.27
CA ASN C 234 21.16 6.34 -22.40
C ASN C 234 22.30 5.39 -22.07
N MET C 235 23.22 5.82 -21.22
CA MET C 235 24.31 4.95 -20.81
C MET C 235 23.76 3.72 -20.11
N VAL C 236 22.87 3.92 -19.16
CA VAL C 236 22.35 2.78 -18.41
C VAL C 236 21.44 1.93 -19.29
N HIS C 237 20.70 2.58 -20.17
CA HIS C 237 19.86 1.90 -21.13
C HIS C 237 20.74 1.04 -22.05
N CYS C 238 21.91 1.58 -22.43
CA CYS C 238 22.86 0.78 -23.22
C CYS C 238 23.36 -0.43 -22.43
N ALA C 239 23.71 -0.22 -21.17
CA ALA C 239 24.14 -1.33 -20.33
C ALA C 239 23.05 -2.38 -20.22
N ASP C 240 21.80 -1.92 -20.13
CA ASP C 240 20.63 -2.80 -20.02
C ASP C 240 20.48 -3.65 -21.28
N LEU C 241 20.83 -3.06 -22.43
CA LEU C 241 20.75 -3.76 -23.72
C LEU C 241 22.15 -4.10 -24.27
N SER C 242 23.08 -4.45 -23.37
CA SER C 242 24.44 -4.73 -23.82
C SER C 242 24.74 -6.21 -24.13
N ASN C 243 23.77 -7.07 -23.89
N ASN C 243 23.79 -7.10 -23.85
CA ASN C 243 23.96 -8.52 -24.02
CA ASN C 243 24.04 -8.53 -24.02
C ASN C 243 24.55 -8.98 -25.36
C ASN C 243 24.64 -8.90 -25.38
N PRO C 244 24.00 -8.46 -26.47
CA PRO C 244 24.49 -8.83 -27.81
C PRO C 244 25.86 -8.25 -28.16
N THR C 245 26.37 -7.30 -27.38
CA THR C 245 27.70 -6.73 -27.59
C THR C 245 28.77 -7.41 -26.73
N LYS C 246 28.39 -8.45 -26.00
CA LYS C 246 29.35 -9.14 -25.14
C LYS C 246 29.95 -10.33 -25.87
N PRO C 247 31.12 -10.81 -25.41
CA PRO C 247 31.64 -12.08 -25.93
C PRO C 247 30.56 -13.14 -26.00
N LEU C 248 30.56 -13.88 -27.11
CA LEU C 248 29.51 -14.81 -27.47
C LEU C 248 29.12 -15.81 -26.39
N GLN C 249 30.08 -16.28 -25.59
CA GLN C 249 29.72 -17.29 -24.59
C GLN C 249 28.79 -16.65 -23.55
N LEU C 250 28.97 -15.35 -23.32
CA LEU C 250 28.07 -14.62 -22.43
C LEU C 250 26.71 -14.36 -23.09
N TYR C 251 26.75 -13.76 -24.27
CA TYR C 251 25.54 -13.45 -25.02
C TYR C 251 24.64 -14.68 -25.16
N ARG C 252 25.24 -15.82 -25.51
CA ARG C 252 24.47 -17.05 -25.67
C ARG C 252 23.75 -17.45 -24.38
N GLN C 253 24.37 -17.21 -23.24
CA GLN C 253 23.71 -17.54 -21.98
C GLN C 253 22.55 -16.58 -21.71
N TRP C 254 22.75 -15.31 -22.02
CA TRP C 254 21.69 -14.32 -21.83
C TRP C 254 20.51 -14.60 -22.75
N THR C 255 20.80 -14.98 -23.98
CA THR C 255 19.74 -15.26 -24.92
C THR C 255 18.91 -16.45 -24.43
N ASP C 256 19.58 -17.54 -24.04
CA ASP C 256 18.86 -18.69 -23.50
C ASP C 256 17.99 -18.31 -22.30
N ARG C 257 18.51 -17.45 -21.44
CA ARG C 257 17.80 -17.06 -20.22
C ARG C 257 16.58 -16.20 -20.51
N ILE C 258 16.71 -15.21 -21.38
CA ILE C 258 15.56 -14.36 -21.69
C ILE C 258 14.48 -15.12 -22.46
N MET C 259 14.89 -16.05 -23.31
CA MET C 259 13.91 -16.89 -23.98
C MET C 259 13.16 -17.77 -22.99
N GLU C 260 13.87 -18.36 -22.03
CA GLU C 260 13.20 -19.14 -21.01
C GLU C 260 12.16 -18.30 -20.28
N GLU C 261 12.54 -17.09 -19.89
CA GLU C 261 11.62 -16.21 -19.16
C GLU C 261 10.39 -15.86 -20.01
N PHE C 262 10.64 -15.45 -21.24
CA PHE C 262 9.56 -15.16 -22.19
C PHE C 262 8.62 -16.36 -22.39
N PHE C 263 9.20 -17.54 -22.60
CA PHE C 263 8.38 -18.73 -22.81
C PHE C 263 7.54 -19.03 -21.58
N ARG C 264 8.11 -18.79 -20.40
CA ARG C 264 7.37 -19.00 -19.17
C ARG C 264 6.19 -18.03 -19.05
N GLN C 265 6.37 -16.80 -19.52
CA GLN C 265 5.25 -15.85 -19.54
C GLN C 265 4.17 -16.34 -20.51
N GLY C 266 4.61 -16.85 -21.66
CA GLY C 266 3.69 -17.42 -22.62
C GLY C 266 2.86 -18.55 -22.03
N ASP C 267 3.51 -19.39 -21.25
CA ASP C 267 2.82 -20.49 -20.57
C ASP C 267 1.78 -19.95 -19.59
N ARG C 268 2.14 -18.90 -18.86
CA ARG C 268 1.25 -18.25 -17.90
C ARG C 268 0.06 -17.62 -18.60
N GLU C 269 0.32 -16.95 -19.71
CA GLU C 269 -0.76 -16.38 -20.51
C GLU C 269 -1.60 -17.50 -21.10
N ARG C 270 -0.94 -18.53 -21.63
CA ARG C 270 -1.63 -19.65 -22.28
C ARG C 270 -2.43 -20.52 -21.30
N GLU C 271 -2.06 -20.45 -20.02
CA GLU C 271 -2.80 -21.12 -18.97
C GLU C 271 -4.18 -20.52 -18.85
N ARG C 272 -4.28 -19.22 -19.14
CA ARG C 272 -5.50 -18.45 -18.86
C ARG C 272 -6.17 -17.96 -20.12
N GLY C 273 -5.84 -18.60 -21.25
CA GLY C 273 -6.33 -18.18 -22.55
C GLY C 273 -6.17 -16.69 -22.79
N MET C 274 -5.07 -16.11 -22.32
CA MET C 274 -4.82 -14.69 -22.53
C MET C 274 -4.30 -14.47 -23.94
N GLU C 275 -4.36 -13.21 -24.37
CA GLU C 275 -3.65 -12.78 -25.57
C GLU C 275 -2.18 -13.17 -25.37
N ILE C 276 -1.73 -14.18 -26.10
CA ILE C 276 -0.37 -14.72 -25.95
C ILE C 276 0.71 -13.83 -26.58
N SER C 277 1.54 -13.23 -25.73
CA SER C 277 2.51 -12.20 -26.15
C SER C 277 3.50 -12.68 -27.22
N PRO C 278 4.08 -11.72 -27.96
CA PRO C 278 5.08 -11.97 -29.03
C PRO C 278 6.38 -12.58 -28.50
N MET C 279 6.88 -13.61 -29.19
CA MET C 279 8.12 -14.29 -28.80
C MET C 279 7.97 -15.10 -27.53
N CYS C 280 6.77 -15.14 -26.96
CA CYS C 280 6.53 -15.85 -25.71
C CYS C 280 6.01 -17.27 -25.96
N ASP C 281 5.75 -17.59 -27.22
CA ASP C 281 5.17 -18.87 -27.58
C ASP C 281 6.25 -19.88 -27.94
N LYS C 282 6.54 -20.80 -27.01
CA LYS C 282 7.61 -21.76 -27.20
C LYS C 282 7.36 -22.70 -28.39
N HIS C 283 6.09 -22.94 -28.70
CA HIS C 283 5.74 -23.84 -29.80
C HIS C 283 5.74 -23.13 -31.15
N ASN C 284 6.02 -21.83 -31.13
CA ASN C 284 6.02 -21.04 -32.35
C ASN C 284 6.95 -19.83 -32.24
N ALA C 285 8.22 -20.10 -31.96
CA ALA C 285 9.21 -19.05 -31.83
C ALA C 285 10.55 -19.46 -32.42
N SER C 286 11.18 -18.53 -33.13
CA SER C 286 12.49 -18.75 -33.70
C SER C 286 13.53 -17.89 -32.97
N VAL C 287 14.22 -18.50 -32.01
CA VAL C 287 15.16 -17.79 -31.17
C VAL C 287 16.20 -16.99 -31.97
N GLU C 288 16.83 -17.62 -32.94
CA GLU C 288 17.89 -16.97 -33.71
C GLU C 288 17.38 -15.82 -34.58
N LYS C 289 16.23 -16.01 -35.23
CA LYS C 289 15.64 -14.94 -36.02
C LYS C 289 15.27 -13.74 -35.14
N SER C 290 14.72 -14.01 -33.96
CA SER C 290 14.33 -12.96 -33.05
C SER C 290 15.53 -12.12 -32.61
N GLN C 291 16.64 -12.79 -32.29
CA GLN C 291 17.84 -12.06 -31.90
C GLN C 291 18.33 -11.14 -33.01
N VAL C 292 18.39 -11.66 -34.23
CA VAL C 292 18.85 -10.84 -35.36
C VAL C 292 17.94 -9.63 -35.55
N GLY C 293 16.63 -9.87 -35.49
CA GLY C 293 15.68 -8.78 -35.60
C GLY C 293 15.88 -7.75 -34.50
N PHE C 294 16.05 -8.23 -33.27
CA PHE C 294 16.20 -7.34 -32.12
C PHE C 294 17.47 -6.50 -32.24
N ILE C 295 18.57 -7.11 -32.68
CA ILE C 295 19.79 -6.35 -32.94
C ILE C 295 19.54 -5.29 -34.02
N ASP C 296 18.94 -5.74 -35.11
CA ASP C 296 18.70 -4.90 -36.28
C ASP C 296 17.82 -3.68 -36.00
N TYR C 297 16.78 -3.86 -35.20
CA TYR C 297 15.84 -2.76 -34.98
C TYR C 297 16.04 -1.97 -33.69
N ILE C 298 16.60 -2.61 -32.67
CA ILE C 298 16.80 -1.91 -31.41
C ILE C 298 18.25 -1.77 -30.98
N VAL C 299 18.96 -2.88 -30.87
CA VAL C 299 20.29 -2.85 -30.25
C VAL C 299 21.35 -2.13 -31.10
N HIS C 300 21.45 -2.46 -32.39
CA HIS C 300 22.44 -1.80 -33.26
C HIS C 300 22.22 -0.29 -33.46
N PRO C 301 20.98 0.13 -33.75
CA PRO C 301 20.73 1.58 -33.81
C PRO C 301 21.14 2.29 -32.52
N LEU C 302 20.78 1.73 -31.38
CA LEU C 302 21.17 2.33 -30.11
C LEU C 302 22.68 2.44 -29.98
N TRP C 303 23.38 1.31 -30.15
CA TRP C 303 24.82 1.28 -29.91
C TRP C 303 25.61 2.04 -30.98
N GLU C 304 25.09 2.07 -32.20
CA GLU C 304 25.70 2.86 -33.26
C GLU C 304 25.70 4.33 -32.88
N THR C 305 24.63 4.77 -32.21
CA THR C 305 24.51 6.18 -31.83
C THR C 305 25.37 6.49 -30.62
N TRP C 306 25.41 5.57 -29.66
CA TRP C 306 26.33 5.74 -28.54
C TRP C 306 27.76 5.81 -29.08
N ALA C 307 28.06 4.98 -30.07
CA ALA C 307 29.39 4.95 -30.66
C ALA C 307 29.74 6.29 -31.27
N ASP C 308 28.79 6.90 -31.99
CA ASP C 308 29.02 8.22 -32.57
C ASP C 308 29.25 9.29 -31.50
N LEU C 309 28.57 9.14 -30.37
CA LEU C 309 28.69 10.12 -29.30
C LEU C 309 30.08 10.09 -28.67
N VAL C 310 30.62 8.90 -28.44
CA VAL C 310 31.91 8.77 -27.77
C VAL C 310 33.02 8.28 -28.72
N HIS C 311 32.79 8.43 -30.02
CA HIS C 311 33.72 7.95 -31.04
C HIS C 311 35.16 8.35 -30.72
N PRO C 312 36.11 7.40 -30.84
CA PRO C 312 35.88 6.02 -31.30
C PRO C 312 35.94 5.02 -30.15
N ASP C 313 35.65 5.46 -28.93
CA ASP C 313 35.87 4.63 -27.75
C ASP C 313 35.15 3.30 -27.84
N ALA C 314 34.02 3.28 -28.53
CA ALA C 314 33.14 2.11 -28.48
C ALA C 314 33.32 1.20 -29.69
N GLN C 315 34.24 1.54 -30.57
CA GLN C 315 34.41 0.79 -31.82
C GLN C 315 34.48 -0.72 -31.64
N ASP C 316 35.23 -1.19 -30.65
CA ASP C 316 35.35 -2.63 -30.40
C ASP C 316 34.03 -3.26 -29.96
N ILE C 317 33.25 -2.50 -29.19
CA ILE C 317 31.93 -2.97 -28.75
C ILE C 317 31.00 -3.13 -29.95
N LEU C 318 30.94 -2.08 -30.77
CA LEU C 318 30.17 -2.10 -32.00
C LEU C 318 30.64 -3.24 -32.91
N ASP C 319 31.95 -3.52 -32.92
CA ASP C 319 32.49 -4.61 -33.72
C ASP C 319 32.05 -5.99 -33.21
N THR C 320 32.08 -6.17 -31.90
CA THR C 320 31.64 -7.43 -31.31
C THR C 320 30.15 -7.64 -31.61
N LEU C 321 29.37 -6.56 -31.48
CA LEU C 321 27.95 -6.63 -31.79
C LEU C 321 27.69 -7.15 -33.20
N GLU C 322 28.33 -6.55 -34.19
CA GLU C 322 28.10 -6.94 -35.58
C GLU C 322 28.55 -8.37 -35.84
N ASP C 323 29.63 -8.79 -35.20
CA ASP C 323 30.10 -10.17 -35.29
C ASP C 323 29.10 -11.15 -34.69
N ASN C 324 28.54 -10.80 -33.54
CA ASN C 324 27.55 -11.65 -32.90
C ASN C 324 26.29 -11.74 -33.76
N ARG C 325 25.96 -10.64 -34.42
CA ARG C 325 24.77 -10.62 -35.26
C ARG C 325 24.92 -11.65 -36.40
N GLU C 326 26.05 -11.63 -37.08
CA GLU C 326 26.30 -12.58 -38.17
C GLU C 326 26.29 -14.01 -37.67
N TRP C 327 26.87 -14.22 -36.49
CA TRP C 327 26.90 -15.56 -35.91
C TRP C 327 25.50 -16.14 -35.74
N TYR C 328 24.60 -15.37 -35.14
CA TYR C 328 23.23 -15.85 -34.95
C TYR C 328 22.54 -16.06 -36.30
N GLN C 329 22.71 -15.11 -37.21
CA GLN C 329 22.17 -15.25 -38.56
C GLN C 329 22.64 -16.58 -39.16
N SER C 330 23.91 -16.91 -38.92
CA SER C 330 24.50 -18.13 -39.45
C SER C 330 23.77 -19.38 -38.98
N THR C 331 23.06 -19.26 -37.85
CA THR C 331 22.42 -20.41 -37.22
C THR C 331 20.95 -20.59 -37.64
N ILE C 332 20.43 -19.62 -38.39
CA ILE C 332 19.04 -19.68 -38.85
C ILE C 332 18.84 -20.77 -39.90
N GLN D 10 -38.90 20.67 -1.17
CA GLN D 10 -37.73 19.89 -0.76
C GLN D 10 -37.11 19.15 -1.94
N GLU D 11 -37.53 17.90 -2.13
CA GLU D 11 -37.03 17.09 -3.23
C GLU D 11 -37.47 17.66 -4.57
N ASP D 12 -38.62 18.33 -4.59
CA ASP D 12 -39.17 18.89 -5.83
C ASP D 12 -38.39 20.12 -6.28
N VAL D 13 -38.00 20.96 -5.33
CA VAL D 13 -37.15 22.09 -5.64
C VAL D 13 -35.87 21.58 -6.28
N LEU D 14 -35.26 20.60 -5.62
CA LEU D 14 -34.03 19.95 -6.09
C LEU D 14 -34.24 19.39 -7.48
N ALA D 15 -35.33 18.65 -7.66
CA ALA D 15 -35.59 17.99 -8.93
C ALA D 15 -35.82 19.02 -10.03
N LYS D 16 -36.31 20.19 -9.66
CA LYS D 16 -36.53 21.24 -10.64
C LYS D 16 -35.22 21.88 -11.06
N GLU D 17 -34.40 22.23 -10.08
CA GLU D 17 -33.09 22.80 -10.36
C GLU D 17 -32.31 21.89 -11.30
N LEU D 18 -32.50 20.58 -11.15
CA LEU D 18 -31.71 19.63 -11.91
C LEU D 18 -32.19 19.56 -13.35
N GLU D 19 -33.26 20.28 -13.65
CA GLU D 19 -33.69 20.38 -15.03
C GLU D 19 -32.73 21.26 -15.83
N ASP D 20 -31.93 22.07 -15.12
CA ASP D 20 -30.95 22.94 -15.77
C ASP D 20 -29.63 22.19 -16.07
N VAL D 21 -29.64 20.88 -15.92
CA VAL D 21 -28.41 20.08 -16.01
C VAL D 21 -27.70 20.21 -17.36
N ASN D 22 -28.43 20.55 -18.41
CA ASN D 22 -27.85 20.70 -19.74
C ASN D 22 -27.39 22.13 -20.04
N LYS D 23 -27.48 23.01 -19.05
CA LYS D 23 -27.17 24.43 -19.27
C LYS D 23 -25.91 24.90 -18.55
N TRP D 24 -25.13 25.72 -19.25
CA TRP D 24 -23.96 26.37 -18.67
C TRP D 24 -24.42 27.35 -17.60
N GLY D 25 -23.89 27.23 -16.40
CA GLY D 25 -24.30 28.11 -15.32
C GLY D 25 -25.32 27.53 -14.35
N LEU D 26 -25.45 26.21 -14.33
CA LEU D 26 -26.29 25.53 -13.35
C LEU D 26 -26.00 26.04 -11.93
N HIS D 27 -27.03 26.21 -11.12
CA HIS D 27 -26.83 26.69 -9.74
C HIS D 27 -26.29 25.54 -8.90
N VAL D 28 -24.99 25.26 -9.02
CA VAL D 28 -24.46 24.06 -8.39
C VAL D 28 -24.39 24.15 -6.87
N PHE D 29 -24.20 25.36 -6.35
CA PHE D 29 -24.18 25.53 -4.89
C PHE D 29 -25.56 25.30 -4.31
N ARG D 30 -26.59 25.76 -5.02
CA ARG D 30 -27.96 25.54 -4.59
C ARG D 30 -28.28 24.04 -4.62
N ILE D 31 -27.84 23.35 -5.67
CA ILE D 31 -28.04 21.90 -5.72
C ILE D 31 -27.30 21.21 -4.57
N ALA D 32 -26.10 21.69 -4.24
CA ALA D 32 -25.36 21.11 -3.11
C ALA D 32 -26.18 21.25 -1.81
N GLU D 33 -26.75 22.43 -1.61
CA GLU D 33 -27.58 22.68 -0.43
C GLU D 33 -28.84 21.82 -0.39
N LEU D 34 -29.59 21.82 -1.49
CA LEU D 34 -30.83 21.06 -1.56
C LEU D 34 -30.68 19.57 -1.40
N SER D 35 -29.50 19.04 -1.78
CA SER D 35 -29.31 17.60 -1.82
C SER D 35 -28.63 17.04 -0.56
N GLY D 36 -28.45 17.89 0.44
CA GLY D 36 -27.74 17.51 1.64
C GLY D 36 -26.25 17.25 1.41
N ASN D 37 -25.62 18.14 0.65
CA ASN D 37 -24.21 17.98 0.27
C ASN D 37 -23.96 16.74 -0.57
N ARG D 38 -24.86 16.46 -1.50
CA ARG D 38 -24.64 15.38 -2.45
C ARG D 38 -24.66 15.84 -3.90
N PRO D 39 -24.05 17.00 -4.18
CA PRO D 39 -24.16 17.50 -5.55
C PRO D 39 -23.55 16.53 -6.58
N LEU D 40 -22.43 15.89 -6.24
CA LEU D 40 -21.80 14.99 -7.19
C LEU D 40 -22.70 13.79 -7.48
N THR D 41 -23.29 13.22 -6.44
CA THR D 41 -24.15 12.06 -6.61
C THR D 41 -25.41 12.38 -7.42
N VAL D 42 -26.10 13.47 -7.09
CA VAL D 42 -27.35 13.75 -7.83
C VAL D 42 -27.08 14.19 -9.27
N ILE D 43 -26.05 14.99 -9.45
CA ILE D 43 -25.70 15.43 -10.81
C ILE D 43 -25.22 14.26 -11.70
N MET D 44 -24.33 13.40 -11.20
CA MET D 44 -23.92 12.20 -11.97
C MET D 44 -25.11 11.30 -12.29
N HIS D 45 -25.96 11.05 -11.30
CA HIS D 45 -27.12 10.18 -11.51
C HIS D 45 -28.00 10.76 -12.61
N THR D 46 -28.27 12.07 -12.52
CA THR D 46 -29.09 12.77 -13.52
C THR D 46 -28.48 12.63 -14.91
N ILE D 47 -27.18 12.86 -15.02
CA ILE D 47 -26.48 12.76 -16.29
C ILE D 47 -26.50 11.34 -16.85
N PHE D 48 -26.26 10.35 -16.00
CA PHE D 48 -26.33 8.98 -16.45
C PHE D 48 -27.72 8.60 -16.99
N GLN D 49 -28.77 9.02 -16.31
CA GLN D 49 -30.12 8.70 -16.80
C GLN D 49 -30.40 9.44 -18.12
N GLU D 50 -30.02 10.71 -18.17
CA GLU D 50 -30.21 11.56 -19.36
C GLU D 50 -29.53 11.00 -20.60
N ARG D 51 -28.30 10.51 -20.42
CA ARG D 51 -27.56 9.91 -21.51
C ARG D 51 -27.87 8.41 -21.69
N ASP D 52 -28.76 7.87 -20.88
CA ASP D 52 -29.12 6.45 -20.95
C ASP D 52 -27.93 5.51 -20.73
N LEU D 53 -26.96 5.96 -19.93
CA LEU D 53 -25.77 5.17 -19.68
C LEU D 53 -26.00 3.92 -18.83
N LEU D 54 -27.03 3.91 -18.00
CA LEU D 54 -27.28 2.73 -17.17
C LEU D 54 -27.70 1.55 -18.04
N LYS D 55 -28.62 1.80 -18.98
CA LYS D 55 -29.04 0.75 -19.91
C LYS D 55 -27.93 0.33 -20.86
N THR D 56 -27.24 1.29 -21.45
CA THR D 56 -26.21 1.01 -22.44
C THR D 56 -25.10 0.14 -21.85
N PHE D 57 -24.67 0.46 -20.63
CA PHE D 57 -23.56 -0.28 -20.02
C PHE D 57 -23.98 -1.24 -18.91
N LYS D 58 -25.28 -1.49 -18.82
CA LYS D 58 -25.83 -2.47 -17.90
C LYS D 58 -25.39 -2.18 -16.46
N ILE D 59 -25.48 -0.92 -16.06
CA ILE D 59 -25.08 -0.57 -14.70
C ILE D 59 -26.29 -0.65 -13.76
N PRO D 60 -26.23 -1.55 -12.75
CA PRO D 60 -27.34 -1.61 -11.80
C PRO D 60 -27.46 -0.27 -11.10
N VAL D 61 -28.68 0.25 -10.95
CA VAL D 61 -28.84 1.58 -10.36
C VAL D 61 -28.32 1.67 -8.91
N ASP D 62 -28.54 0.63 -8.12
N ASP D 62 -28.54 0.61 -8.14
CA ASP D 62 -28.07 0.66 -6.73
CA ASP D 62 -28.07 0.57 -6.75
C ASP D 62 -26.53 0.64 -6.67
C ASP D 62 -26.55 0.66 -6.71
N THR D 63 -25.91 -0.04 -7.64
CA THR D 63 -24.45 -0.04 -7.73
C THR D 63 -23.95 1.38 -8.09
N LEU D 64 -24.61 2.01 -9.05
CA LEU D 64 -24.20 3.37 -9.43
C LEU D 64 -24.32 4.32 -8.26
N ILE D 65 -25.46 4.28 -7.59
CA ILE D 65 -25.65 5.19 -6.46
C ILE D 65 -24.65 4.94 -5.33
N THR D 66 -24.37 3.68 -5.02
CA THR D 66 -23.44 3.35 -3.94
C THR D 66 -22.02 3.83 -4.27
N TYR D 67 -21.59 3.56 -5.50
CA TYR D 67 -20.30 4.06 -5.95
C TYR D 67 -20.24 5.57 -5.87
N LEU D 68 -21.28 6.25 -6.36
CA LEU D 68 -21.26 7.73 -6.33
C LEU D 68 -21.17 8.28 -4.91
N MET D 69 -21.94 7.72 -3.99
CA MET D 69 -21.88 8.23 -2.63
C MET D 69 -20.50 7.97 -2.06
N THR D 70 -19.95 6.80 -2.37
CA THR D 70 -18.61 6.46 -1.92
C THR D 70 -17.55 7.42 -2.46
N LEU D 71 -17.61 7.68 -3.76
CA LEU D 71 -16.66 8.61 -4.39
C LEU D 71 -16.81 9.99 -3.79
N GLU D 72 -18.05 10.43 -3.65
CA GLU D 72 -18.30 11.76 -3.10
C GLU D 72 -17.78 11.89 -1.67
N ASP D 73 -17.91 10.82 -0.89
CA ASP D 73 -17.45 10.79 0.50
C ASP D 73 -15.94 10.90 0.59
N HIS D 74 -15.25 10.57 -0.50
CA HIS D 74 -13.80 10.66 -0.52
C HIS D 74 -13.24 12.00 -1.02
N TYR D 75 -14.14 12.94 -1.35
CA TYR D 75 -13.73 14.34 -1.45
C TYR D 75 -13.80 14.94 -0.04
N HIS D 76 -12.89 15.87 0.26
CA HIS D 76 -12.77 16.40 1.62
C HIS D 76 -13.72 17.58 1.88
N ALA D 77 -14.62 17.42 2.83
CA ALA D 77 -15.57 18.50 3.16
C ALA D 77 -14.87 19.74 3.74
N ASP D 78 -13.66 19.58 4.23
CA ASP D 78 -12.94 20.70 4.85
C ASP D 78 -12.00 21.42 3.89
N VAL D 79 -12.05 21.05 2.61
CA VAL D 79 -11.27 21.72 1.57
C VAL D 79 -12.21 22.69 0.83
N ALA D 80 -11.84 23.97 0.77
CA ALA D 80 -12.77 25.00 0.31
C ALA D 80 -13.07 24.99 -1.19
N TYR D 81 -12.08 24.61 -2.00
CA TYR D 81 -12.31 24.56 -3.44
C TYR D 81 -12.33 23.13 -4.02
N HIS D 82 -11.24 22.41 -3.80
CA HIS D 82 -11.08 21.07 -4.40
C HIS D 82 -11.90 20.00 -3.71
N ASN D 83 -13.22 20.19 -3.71
CA ASN D 83 -14.11 19.29 -3.01
C ASN D 83 -15.18 18.68 -3.94
N ASN D 84 -16.18 18.04 -3.34
CA ASN D 84 -17.24 17.39 -4.13
C ASN D 84 -18.06 18.37 -4.95
N ILE D 85 -18.18 19.61 -4.51
CA ILE D 85 -18.94 20.59 -5.29
C ILE D 85 -18.18 20.92 -6.59
N HIS D 86 -16.87 21.06 -6.47
CA HIS D 86 -16.02 21.29 -7.64
C HIS D 86 -16.08 20.09 -8.59
N ALA D 87 -16.04 18.89 -8.05
CA ALA D 87 -16.12 17.70 -8.89
C ALA D 87 -17.45 17.72 -9.63
N ALA D 88 -18.53 18.03 -8.91
CA ALA D 88 -19.87 18.06 -9.52
C ALA D 88 -19.93 19.07 -10.67
N ASP D 89 -19.31 20.23 -10.44
CA ASP D 89 -19.28 21.32 -11.42
C ASP D 89 -18.52 20.91 -12.68
N VAL D 90 -17.37 20.27 -12.49
CA VAL D 90 -16.58 19.84 -13.65
C VAL D 90 -17.30 18.73 -14.42
N VAL D 91 -17.94 17.80 -13.71
CA VAL D 91 -18.73 16.78 -14.39
C VAL D 91 -19.80 17.44 -15.24
N GLN D 92 -20.53 18.39 -14.64
CA GLN D 92 -21.65 19.00 -15.36
C GLN D 92 -21.16 19.83 -16.54
N SER D 93 -20.03 20.52 -16.36
CA SER D 93 -19.48 21.36 -17.43
C SER D 93 -18.99 20.49 -18.58
N THR D 94 -18.33 19.38 -18.24
CA THR D 94 -17.95 18.42 -19.26
C THR D 94 -19.19 17.89 -20.00
N HIS D 95 -20.26 17.59 -19.27
CA HIS D 95 -21.49 17.12 -19.89
C HIS D 95 -22.04 18.12 -20.91
N VAL D 96 -21.98 19.41 -20.59
CA VAL D 96 -22.42 20.45 -21.52
C VAL D 96 -21.50 20.54 -22.75
N LEU D 97 -20.20 20.53 -22.53
CA LEU D 97 -19.23 20.58 -23.64
C LEU D 97 -19.36 19.40 -24.60
N LEU D 98 -19.58 18.19 -24.07
CA LEU D 98 -19.80 17.00 -24.88
C LEU D 98 -21.04 17.15 -25.76
N SER D 99 -22.00 17.93 -25.30
CA SER D 99 -23.26 18.13 -26.02
C SER D 99 -23.20 19.21 -27.11
N THR D 100 -22.04 19.82 -27.29
CA THR D 100 -21.93 20.94 -28.22
C THR D 100 -22.23 20.49 -29.68
N PRO D 101 -22.93 21.33 -30.47
CA PRO D 101 -23.29 20.90 -31.83
C PRO D 101 -22.10 20.42 -32.66
N ALA D 102 -20.98 21.12 -32.60
CA ALA D 102 -19.79 20.74 -33.35
C ALA D 102 -19.29 19.33 -33.04
N LEU D 103 -19.69 18.78 -31.90
CA LEU D 103 -19.24 17.43 -31.52
C LEU D 103 -20.32 16.34 -31.62
N GLU D 104 -21.46 16.67 -32.21
CA GLU D 104 -22.57 15.74 -32.22
C GLU D 104 -22.25 14.44 -32.95
N ALA D 105 -22.42 13.31 -32.25
CA ALA D 105 -22.14 12.00 -32.80
C ALA D 105 -20.66 11.75 -33.07
N VAL D 106 -19.79 12.63 -32.60
CA VAL D 106 -18.36 12.42 -32.82
C VAL D 106 -17.80 11.29 -31.94
N PHE D 107 -18.18 11.28 -30.66
CA PHE D 107 -17.65 10.31 -29.69
C PHE D 107 -18.58 9.13 -29.44
N THR D 108 -17.99 7.97 -29.17
CA THR D 108 -18.74 6.78 -28.81
C THR D 108 -19.29 6.87 -27.40
N ASP D 109 -20.27 5.99 -27.09
CA ASP D 109 -20.80 5.90 -25.75
C ASP D 109 -19.69 5.65 -24.72
N LEU D 110 -18.72 4.81 -25.12
CA LEU D 110 -17.62 4.49 -24.21
C LEU D 110 -16.73 5.69 -23.93
N GLU D 111 -16.46 6.49 -24.97
CA GLU D 111 -15.67 7.69 -24.80
C GLU D 111 -16.39 8.72 -23.95
N ILE D 112 -17.69 8.82 -24.13
CA ILE D 112 -18.52 9.73 -23.33
C ILE D 112 -18.47 9.30 -21.86
N LEU D 113 -18.64 8.00 -21.63
CA LEU D 113 -18.53 7.43 -20.29
C LEU D 113 -17.17 7.75 -19.67
N ALA D 114 -16.10 7.58 -20.45
CA ALA D 114 -14.76 7.88 -19.98
C ALA D 114 -14.63 9.35 -19.54
N ALA D 115 -15.10 10.26 -20.37
CA ALA D 115 -14.92 11.69 -20.07
C ALA D 115 -15.69 12.10 -18.82
N ILE D 116 -16.91 11.60 -18.69
CA ILE D 116 -17.73 11.91 -17.50
C ILE D 116 -17.17 11.26 -16.23
N PHE D 117 -16.78 10.00 -16.33
CA PHE D 117 -16.19 9.33 -15.18
C PHE D 117 -14.88 10.00 -14.78
N ALA D 118 -14.04 10.30 -15.76
CA ALA D 118 -12.80 11.01 -15.48
C ALA D 118 -13.08 12.31 -14.75
N SER D 119 -14.07 13.07 -15.22
CA SER D 119 -14.42 14.33 -14.56
C SER D 119 -14.82 14.11 -13.11
N ALA D 120 -15.63 13.08 -12.87
CA ALA D 120 -16.13 12.82 -11.52
C ALA D 120 -15.01 12.47 -10.54
N ILE D 121 -14.03 11.68 -10.97
CA ILE D 121 -12.96 11.26 -10.07
C ILE D 121 -11.73 12.17 -10.08
N HIS D 122 -11.71 13.20 -10.94
CA HIS D 122 -10.45 13.87 -11.27
C HIS D 122 -9.70 14.56 -10.13
N ASP D 123 -10.40 14.93 -9.05
CA ASP D 123 -9.76 15.53 -7.89
C ASP D 123 -10.05 14.76 -6.58
N VAL D 124 -10.44 13.51 -6.67
CA VAL D 124 -10.89 12.81 -5.45
C VAL D 124 -9.75 12.69 -4.40
N ASP D 125 -10.10 12.88 -3.13
CA ASP D 125 -9.14 12.83 -2.02
C ASP D 125 -8.04 13.89 -2.12
N HIS D 126 -8.37 15.01 -2.75
CA HIS D 126 -7.47 16.17 -2.79
C HIS D 126 -7.32 16.74 -1.37
N PRO D 127 -6.08 16.97 -0.92
CA PRO D 127 -5.84 17.52 0.42
C PRO D 127 -5.91 19.05 0.53
N GLY D 128 -6.02 19.74 -0.60
CA GLY D 128 -6.21 21.18 -0.55
C GLY D 128 -4.88 21.93 -0.52
N VAL D 129 -3.80 21.23 -0.85
CA VAL D 129 -2.49 21.86 -1.05
C VAL D 129 -1.93 21.40 -2.37
N SER D 130 -1.01 22.18 -2.93
CA SER D 130 -0.48 21.95 -4.26
C SER D 130 0.50 20.79 -4.33
N ASN D 131 0.76 20.32 -5.55
CA ASN D 131 1.82 19.35 -5.77
C ASN D 131 3.14 19.84 -5.18
N GLN D 132 3.47 21.12 -5.36
CA GLN D 132 4.77 21.60 -4.90
C GLN D 132 4.88 21.49 -3.38
N PHE D 133 3.80 21.82 -2.68
CA PHE D 133 3.74 21.67 -1.24
C PHE D 133 4.00 20.24 -0.82
N LEU D 134 3.36 19.28 -1.49
CA LEU D 134 3.55 17.86 -1.17
C LEU D 134 4.98 17.39 -1.42
N ILE D 135 5.58 17.91 -2.49
CA ILE D 135 6.98 17.61 -2.79
C ILE D 135 7.93 18.22 -1.74
N ASN D 136 7.69 19.47 -1.38
CA ASN D 136 8.55 20.20 -0.46
C ASN D 136 8.45 19.72 0.98
N THR D 137 7.37 19.03 1.33
CA THR D 137 7.24 18.45 2.66
C THR D 137 7.74 17.00 2.69
N ASN D 138 8.19 16.51 1.54
CA ASN D 138 8.66 15.14 1.45
C ASN D 138 7.55 14.13 1.77
N SER D 139 6.33 14.46 1.37
CA SER D 139 5.16 13.66 1.73
C SER D 139 5.21 12.29 1.08
N GLU D 140 4.55 11.33 1.73
CA GLU D 140 4.48 9.97 1.22
C GLU D 140 3.92 9.92 -0.20
N LEU D 141 2.97 10.79 -0.50
CA LEU D 141 2.37 10.80 -1.85
C LEU D 141 3.42 11.24 -2.90
N ALA D 142 4.18 12.28 -2.59
CA ALA D 142 5.18 12.79 -3.52
C ALA D 142 6.25 11.74 -3.75
N LEU D 143 6.56 10.98 -2.71
CA LEU D 143 7.56 9.93 -2.84
C LEU D 143 7.01 8.81 -3.69
N MET D 144 5.74 8.48 -3.52
CA MET D 144 5.21 7.33 -4.28
C MET D 144 5.16 7.60 -5.77
N TYR D 145 5.00 8.86 -6.14
CA TYR D 145 4.81 9.24 -7.53
C TYR D 145 5.97 10.10 -8.09
N ASN D 146 7.12 10.05 -7.41
CA ASN D 146 8.32 10.65 -7.97
C ASN D 146 8.19 12.12 -8.28
N ASP D 147 7.47 12.84 -7.42
CA ASP D 147 7.28 14.27 -7.64
C ASP D 147 6.59 14.63 -8.96
N SER D 148 6.06 13.65 -9.68
N SER D 148 6.07 13.66 -9.70
CA SER D 148 5.47 13.90 -10.99
CA SER D 148 5.47 13.95 -11.01
C SER D 148 3.95 13.70 -11.01
C SER D 148 3.97 13.69 -11.08
N SER D 149 3.20 14.75 -11.30
CA SER D 149 1.74 14.68 -11.33
C SER D 149 1.27 13.94 -10.08
N VAL D 150 1.73 14.41 -8.92
CA VAL D 150 1.58 13.65 -7.69
C VAL D 150 0.09 13.48 -7.36
N LEU D 151 -0.61 14.60 -7.26
CA LEU D 151 -2.02 14.55 -6.91
C LEU D 151 -2.84 13.84 -7.99
N GLU D 152 -2.56 14.15 -9.26
CA GLU D 152 -3.36 13.56 -10.35
C GLU D 152 -3.22 12.02 -10.41
N ASN D 153 -2.01 11.53 -10.17
CA ASN D 153 -1.81 10.10 -10.07
C ASN D 153 -2.63 9.55 -8.91
N HIS D 154 -2.65 10.27 -7.79
CA HIS D 154 -3.40 9.80 -6.63
C HIS D 154 -4.91 9.80 -6.90
N HIS D 155 -5.43 10.85 -7.52
CA HIS D 155 -6.87 10.88 -7.86
C HIS D 155 -7.32 9.65 -8.65
N LEU D 156 -6.52 9.29 -9.66
CA LEU D 156 -6.80 8.11 -10.46
C LEU D 156 -6.84 6.83 -9.62
N ALA D 157 -5.80 6.63 -8.83
CA ALA D 157 -5.68 5.40 -8.07
C ALA D 157 -6.87 5.25 -7.12
N VAL D 158 -7.25 6.34 -6.48
CA VAL D 158 -8.38 6.30 -5.54
C VAL D 158 -9.71 6.07 -6.28
N GLY D 159 -9.92 6.83 -7.35
CA GLY D 159 -11.12 6.70 -8.17
C GLY D 159 -11.34 5.27 -8.64
N PHE D 160 -10.26 4.64 -9.08
CA PHE D 160 -10.34 3.24 -9.49
C PHE D 160 -10.46 2.27 -8.29
N LYS D 161 -9.69 2.51 -7.25
CA LYS D 161 -9.72 1.60 -6.09
C LYS D 161 -11.13 1.51 -5.48
N LEU D 162 -11.87 2.62 -5.47
CA LEU D 162 -13.20 2.64 -4.87
C LEU D 162 -14.21 1.73 -5.56
N LEU D 163 -13.93 1.35 -6.81
CA LEU D 163 -14.82 0.41 -7.50
C LEU D 163 -14.82 -0.94 -6.79
N GLN D 164 -13.82 -1.17 -5.94
CA GLN D 164 -13.70 -2.47 -5.26
C GLN D 164 -14.44 -2.54 -3.91
N GLU D 165 -14.98 -1.42 -3.44
CA GLU D 165 -15.80 -1.49 -2.22
C GLU D 165 -17.14 -2.19 -2.48
N GLU D 166 -17.88 -2.52 -1.42
CA GLU D 166 -19.08 -3.33 -1.54
C GLU D 166 -20.11 -2.71 -2.48
N ASN D 167 -20.52 -3.48 -3.49
CA ASN D 167 -21.51 -3.05 -4.50
C ASN D 167 -21.12 -1.73 -5.19
N CYS D 168 -19.84 -1.57 -5.52
CA CYS D 168 -19.35 -0.32 -6.10
C CYS D 168 -18.90 -0.47 -7.55
N ASP D 169 -18.85 -1.70 -8.08
CA ASP D 169 -18.25 -1.89 -9.40
C ASP D 169 -19.22 -1.56 -10.52
N ILE D 170 -19.29 -0.28 -10.85
CA ILE D 170 -20.23 0.13 -11.88
C ILE D 170 -19.87 -0.40 -13.27
N PHE D 171 -18.64 -0.86 -13.48
CA PHE D 171 -18.21 -1.37 -14.78
C PHE D 171 -18.25 -2.90 -14.89
N GLN D 172 -18.95 -3.54 -13.96
CA GLN D 172 -18.91 -5.00 -13.83
C GLN D 172 -19.40 -5.71 -15.09
N ASN D 173 -20.28 -5.03 -15.83
CA ASN D 173 -20.88 -5.63 -17.03
C ASN D 173 -20.24 -5.21 -18.36
N LEU D 174 -19.19 -4.39 -18.29
CA LEU D 174 -18.37 -4.11 -19.48
C LEU D 174 -17.46 -5.29 -19.84
N THR D 175 -17.29 -5.54 -21.14
CA THR D 175 -16.31 -6.53 -21.59
C THR D 175 -14.89 -6.12 -21.20
N LYS D 176 -13.95 -7.06 -21.26
CA LYS D 176 -12.57 -6.74 -20.95
C LYS D 176 -12.00 -5.69 -21.91
N LYS D 177 -12.34 -5.80 -23.19
CA LYS D 177 -11.86 -4.82 -24.17
C LYS D 177 -12.37 -3.43 -23.83
N GLN D 178 -13.65 -3.33 -23.49
CA GLN D 178 -14.26 -2.07 -23.08
C GLN D 178 -13.60 -1.50 -21.82
N ARG D 179 -13.38 -2.36 -20.83
CA ARG D 179 -12.75 -1.91 -19.59
C ARG D 179 -11.32 -1.42 -19.81
N GLN D 180 -10.56 -2.12 -20.64
CA GLN D 180 -9.21 -1.67 -20.93
C GLN D 180 -9.22 -0.35 -21.69
N SER D 181 -10.12 -0.20 -22.63
CA SER D 181 -10.15 1.04 -23.41
C SER D 181 -10.58 2.20 -22.49
N LEU D 182 -11.60 1.97 -21.68
CA LEU D 182 -12.13 2.96 -20.76
C LEU D 182 -11.06 3.41 -19.79
N ARG D 183 -10.38 2.44 -19.17
CA ARG D 183 -9.33 2.74 -18.21
C ARG D 183 -8.21 3.59 -18.82
N LYS D 184 -7.79 3.28 -20.03
CA LYS D 184 -6.71 4.04 -20.64
C LYS D 184 -7.12 5.49 -20.87
N MET D 185 -8.31 5.68 -21.44
CA MET D 185 -8.79 7.02 -21.70
C MET D 185 -8.91 7.82 -20.42
N VAL D 186 -9.45 7.21 -19.37
CA VAL D 186 -9.63 7.91 -18.10
C VAL D 186 -8.29 8.35 -17.55
N ILE D 187 -7.30 7.46 -17.63
CA ILE D 187 -5.98 7.81 -17.16
C ILE D 187 -5.41 8.97 -17.99
N ASP D 188 -5.51 8.87 -19.31
CA ASP D 188 -4.99 9.93 -20.19
C ASP D 188 -5.64 11.28 -19.88
N ILE D 189 -6.94 11.27 -19.58
CA ILE D 189 -7.66 12.52 -19.28
C ILE D 189 -7.28 13.11 -17.93
N VAL D 190 -7.32 12.31 -16.87
CA VAL D 190 -7.03 12.88 -15.56
C VAL D 190 -5.57 13.37 -15.46
N LEU D 191 -4.63 12.63 -16.00
CA LEU D 191 -3.23 13.08 -15.96
C LEU D 191 -3.05 14.43 -16.67
N ALA D 192 -3.89 14.68 -17.67
CA ALA D 192 -3.88 15.97 -18.39
C ALA D 192 -4.43 17.15 -17.60
N THR D 193 -5.02 16.91 -16.42
CA THR D 193 -5.51 18.02 -15.61
C THR D 193 -4.41 18.65 -14.76
N ASP D 194 -3.22 18.06 -14.81
CA ASP D 194 -2.06 18.65 -14.14
C ASP D 194 -1.72 19.99 -14.82
N MET D 195 -1.82 21.09 -14.09
CA MET D 195 -1.55 22.41 -14.71
C MET D 195 -0.15 22.49 -15.38
N SER D 196 0.79 21.65 -14.94
CA SER D 196 2.11 21.67 -15.55
C SER D 196 2.04 21.25 -17.00
N LYS D 197 0.94 20.60 -17.39
CA LYS D 197 0.80 20.09 -18.76
C LYS D 197 0.03 21.06 -19.66
N HIS D 198 -0.40 22.18 -19.09
CA HIS D 198 -1.26 23.13 -19.80
C HIS D 198 -0.71 23.66 -21.12
N MET D 199 0.53 24.15 -21.09
CA MET D 199 1.08 24.77 -22.29
C MET D 199 1.16 23.78 -23.44
N ASN D 200 1.57 22.55 -23.16
CA ASN D 200 1.63 21.54 -24.21
C ASN D 200 0.26 21.10 -24.72
N LEU D 201 -0.69 20.91 -23.81
CA LEU D 201 -2.05 20.62 -24.21
C LEU D 201 -2.57 21.69 -25.16
N LEU D 202 -2.36 22.94 -24.78
CA LEU D 202 -2.90 24.08 -25.54
C LEU D 202 -2.22 24.16 -26.90
N ALA D 203 -0.93 23.85 -26.92
CA ALA D 203 -0.18 23.90 -28.17
C ALA D 203 -0.78 22.90 -29.14
N ASP D 204 -1.08 21.69 -28.63
CA ASP D 204 -1.68 20.65 -29.47
C ASP D 204 -3.11 21.00 -29.90
N LEU D 205 -3.86 21.63 -29.01
CA LEU D 205 -5.20 22.08 -29.35
C LEU D 205 -5.12 23.10 -30.50
N LYS D 206 -4.13 23.98 -30.45
CA LYS D 206 -3.96 25.01 -31.48
C LYS D 206 -3.62 24.40 -32.85
N THR D 207 -2.80 23.36 -32.84
CA THR D 207 -2.45 22.66 -34.07
C THR D 207 -3.68 22.00 -34.68
N MET D 208 -4.51 21.43 -33.81
CA MET D 208 -5.76 20.84 -34.25
C MET D 208 -6.64 21.90 -34.88
N VAL D 209 -6.71 23.07 -34.27
CA VAL D 209 -7.52 24.17 -34.82
C VAL D 209 -6.96 24.62 -36.19
N GLU D 210 -5.64 24.67 -36.30
CA GLU D 210 -4.99 25.12 -37.54
C GLU D 210 -5.22 24.15 -38.70
N THR D 211 -5.38 22.88 -38.37
CA THR D 211 -5.60 21.85 -39.38
C THR D 211 -7.02 21.24 -39.27
N LYS D 212 -7.95 22.04 -38.77
CA LYS D 212 -9.32 21.60 -38.49
C LYS D 212 -10.06 21.08 -39.72
N LYS D 213 -10.61 19.89 -39.62
CA LYS D 213 -11.46 19.37 -40.68
C LYS D 213 -12.83 18.99 -40.11
N VAL D 214 -13.86 19.09 -40.95
CA VAL D 214 -15.21 18.78 -40.55
C VAL D 214 -15.83 17.79 -41.52
N THR D 215 -16.73 16.94 -41.03
CA THR D 215 -17.40 15.98 -41.90
C THR D 215 -18.47 16.71 -42.71
N SER D 216 -19.18 15.99 -43.57
CA SER D 216 -20.24 16.59 -44.38
C SER D 216 -21.47 16.97 -43.54
N SER D 217 -21.58 16.41 -42.34
CA SER D 217 -22.69 16.72 -41.46
C SER D 217 -22.32 17.90 -40.56
N GLY D 218 -21.12 18.43 -40.78
CA GLY D 218 -20.69 19.66 -40.14
C GLY D 218 -20.12 19.50 -38.74
N VAL D 219 -19.75 18.27 -38.38
CA VAL D 219 -19.11 18.05 -37.08
C VAL D 219 -17.62 17.81 -37.25
N LEU D 220 -16.89 17.95 -36.15
CA LEU D 220 -15.45 17.79 -36.13
C LEU D 220 -15.06 16.38 -36.59
N LEU D 221 -14.11 16.31 -37.51
CA LEU D 221 -13.57 15.04 -37.95
C LEU D 221 -12.34 14.64 -37.11
N LEU D 222 -12.46 13.53 -36.39
CA LEU D 222 -11.38 13.05 -35.52
C LEU D 222 -11.12 11.59 -35.84
N ASP D 223 -10.06 11.29 -36.59
CA ASP D 223 -9.95 9.93 -37.15
C ASP D 223 -8.81 9.06 -36.63
N ASN D 224 -8.25 9.42 -35.47
CA ASN D 224 -7.25 8.60 -34.82
C ASN D 224 -7.31 8.87 -33.31
N TYR D 225 -6.86 7.90 -32.50
CA TYR D 225 -6.92 8.02 -31.05
C TYR D 225 -6.25 9.28 -30.54
N SER D 226 -5.09 9.60 -31.11
CA SER D 226 -4.33 10.74 -30.64
C SER D 226 -5.15 12.04 -30.70
N ASP D 227 -5.84 12.26 -31.80
CA ASP D 227 -6.69 13.45 -31.93
C ASP D 227 -7.92 13.34 -31.02
N ARG D 228 -8.54 12.17 -30.99
CA ARG D 228 -9.70 11.94 -30.13
C ARG D 228 -9.40 12.21 -28.65
N ILE D 229 -8.35 11.60 -28.13
CA ILE D 229 -8.02 11.80 -26.73
C ILE D 229 -7.57 13.23 -26.45
N GLN D 230 -6.89 13.87 -27.41
CA GLN D 230 -6.45 15.24 -27.17
C GLN D 230 -7.67 16.14 -27.00
N VAL D 231 -8.69 15.90 -27.81
CA VAL D 231 -9.90 16.72 -27.69
C VAL D 231 -10.56 16.47 -26.34
N LEU D 232 -10.63 15.21 -25.90
CA LEU D 232 -11.24 14.92 -24.60
C LEU D 232 -10.42 15.49 -23.45
N GLN D 233 -9.11 15.38 -23.55
CA GLN D 233 -8.24 15.94 -22.52
C GLN D 233 -8.46 17.43 -22.40
N ASN D 234 -8.44 18.12 -23.54
CA ASN D 234 -8.66 19.57 -23.51
C ASN D 234 -10.07 19.93 -23.03
N MET D 235 -11.07 19.14 -23.42
CA MET D 235 -12.44 19.39 -22.97
C MET D 235 -12.52 19.39 -21.44
N VAL D 236 -11.98 18.35 -20.83
CA VAL D 236 -12.05 18.24 -19.38
C VAL D 236 -11.20 19.30 -18.71
N HIS D 237 -10.07 19.64 -19.34
CA HIS D 237 -9.19 20.70 -18.85
C HIS D 237 -9.95 22.04 -18.90
N CYS D 238 -10.70 22.26 -19.98
CA CYS D 238 -11.54 23.45 -20.09
C CYS D 238 -12.61 23.47 -19.02
N ALA D 239 -13.25 22.32 -18.77
CA ALA D 239 -14.26 22.25 -17.70
C ALA D 239 -13.63 22.57 -16.33
N ASP D 240 -12.45 22.01 -16.09
CA ASP D 240 -11.69 22.27 -14.87
C ASP D 240 -11.35 23.76 -14.69
N LEU D 241 -11.14 24.46 -15.81
CA LEU D 241 -10.80 25.88 -15.75
C LEU D 241 -11.95 26.74 -16.22
N SER D 242 -13.18 26.30 -15.93
CA SER D 242 -14.37 26.97 -16.45
C SER D 242 -14.96 28.04 -15.53
N ASN D 243 -14.46 28.14 -14.30
CA ASN D 243 -15.06 29.03 -13.29
C ASN D 243 -15.25 30.47 -13.81
N PRO D 244 -14.23 31.04 -14.46
CA PRO D 244 -14.36 32.43 -14.92
C PRO D 244 -15.28 32.59 -16.12
N THR D 245 -15.78 31.48 -16.68
CA THR D 245 -16.69 31.59 -17.83
C THR D 245 -18.15 31.52 -17.39
N LYS D 246 -18.36 31.34 -16.09
CA LYS D 246 -19.72 31.15 -15.57
C LYS D 246 -20.35 32.49 -15.19
N PRO D 247 -21.68 32.51 -14.99
CA PRO D 247 -22.31 33.71 -14.43
C PRO D 247 -21.50 34.24 -13.26
N LEU D 248 -21.30 35.56 -13.23
CA LEU D 248 -20.38 36.20 -12.28
C LEU D 248 -20.62 35.83 -10.83
N GLN D 249 -21.89 35.69 -10.42
CA GLN D 249 -22.14 35.31 -9.03
C GLN D 249 -21.55 33.92 -8.70
N LEU D 250 -21.56 33.02 -9.67
CA LEU D 250 -20.92 31.71 -9.47
C LEU D 250 -19.41 31.86 -9.45
N TYR D 251 -18.87 32.54 -10.45
CA TYR D 251 -17.44 32.82 -10.53
C TYR D 251 -16.90 33.41 -9.22
N ARG D 252 -17.61 34.39 -8.65
CA ARG D 252 -17.11 35.03 -7.44
C ARG D 252 -17.05 34.08 -6.23
N GLN D 253 -18.05 33.23 -6.08
CA GLN D 253 -18.00 32.22 -5.02
C GLN D 253 -16.82 31.25 -5.23
N TRP D 254 -16.52 30.93 -6.49
CA TRP D 254 -15.40 30.04 -6.78
C TRP D 254 -14.08 30.74 -6.47
N THR D 255 -13.97 32.01 -6.84
CA THR D 255 -12.80 32.78 -6.47
C THR D 255 -12.59 32.85 -4.95
N ASP D 256 -13.67 33.07 -4.20
CA ASP D 256 -13.59 33.11 -2.75
C ASP D 256 -13.08 31.78 -2.20
N ARG D 257 -13.59 30.68 -2.75
CA ARG D 257 -13.19 29.36 -2.29
C ARG D 257 -11.74 29.01 -2.61
N ILE D 258 -11.27 29.35 -3.81
CA ILE D 258 -9.91 28.98 -4.14
C ILE D 258 -8.89 29.86 -3.40
N MET D 259 -9.24 31.12 -3.16
CA MET D 259 -8.33 31.98 -2.42
C MET D 259 -8.27 31.53 -0.97
N GLU D 260 -9.40 31.06 -0.43
CA GLU D 260 -9.42 30.52 0.92
C GLU D 260 -8.47 29.32 1.02
N GLU D 261 -8.54 28.46 0.02
CA GLU D 261 -7.67 27.30 -0.04
C GLU D 261 -6.19 27.70 -0.20
N PHE D 262 -5.92 28.63 -1.11
CA PHE D 262 -4.57 29.12 -1.31
C PHE D 262 -4.01 29.78 -0.04
N PHE D 263 -4.82 30.62 0.61
CA PHE D 263 -4.38 31.32 1.81
C PHE D 263 -4.10 30.37 2.98
N ARG D 264 -4.88 29.30 3.07
CA ARG D 264 -4.64 28.27 4.09
C ARG D 264 -3.31 27.58 3.87
N GLN D 265 -3.01 27.23 2.63
CA GLN D 265 -1.69 26.67 2.31
C GLN D 265 -0.58 27.68 2.66
N GLY D 266 -0.79 28.95 2.34
CA GLY D 266 0.18 29.99 2.69
C GLY D 266 0.49 30.01 4.18
N ASP D 267 -0.55 29.86 4.99
CA ASP D 267 -0.41 29.81 6.43
C ASP D 267 0.39 28.58 6.85
N ARG D 268 0.10 27.43 6.24
CA ARG D 268 0.83 26.20 6.56
C ARG D 268 2.30 26.32 6.17
N GLU D 269 2.57 26.99 5.06
CA GLU D 269 3.94 27.24 4.64
C GLU D 269 4.64 28.16 5.65
N ARG D 270 4.02 29.30 5.94
CA ARG D 270 4.55 30.23 6.93
C ARG D 270 4.78 29.50 8.27
N GLU D 271 3.77 28.79 8.72
CA GLU D 271 3.87 27.98 9.93
C GLU D 271 5.12 27.12 9.93
N ARG D 272 5.09 26.00 9.21
CA ARG D 272 6.20 25.06 9.25
C ARG D 272 7.43 25.56 8.49
N GLY D 273 7.64 26.87 8.53
CA GLY D 273 8.83 27.49 8.00
C GLY D 273 9.16 27.14 6.57
N MET D 274 8.45 27.77 5.63
CA MET D 274 8.71 27.57 4.21
C MET D 274 8.55 28.87 3.45
N GLU D 275 9.08 28.90 2.23
CA GLU D 275 8.84 30.02 1.34
C GLU D 275 7.40 29.96 0.82
N ILE D 276 6.63 31.00 1.10
CA ILE D 276 5.22 31.02 0.70
C ILE D 276 5.04 31.02 -0.82
N SER D 277 4.09 30.23 -1.30
CA SER D 277 3.80 30.13 -2.73
C SER D 277 3.06 31.36 -3.26
N PRO D 278 3.15 31.60 -4.58
CA PRO D 278 2.50 32.73 -5.25
C PRO D 278 1.00 32.78 -4.95
N MET D 279 0.50 33.96 -4.63
CA MET D 279 -0.93 34.16 -4.33
C MET D 279 -1.40 33.39 -3.09
N CYS D 280 -0.46 32.81 -2.34
CA CYS D 280 -0.80 32.12 -1.11
C CYS D 280 -0.61 33.00 0.13
N ASP D 281 0.06 34.13 -0.05
CA ASP D 281 0.30 35.03 1.07
C ASP D 281 -0.88 35.99 1.24
N LYS D 282 -1.68 35.76 2.27
CA LYS D 282 -2.87 36.58 2.50
C LYS D 282 -2.54 38.00 2.95
N HIS D 283 -1.32 38.22 3.43
CA HIS D 283 -0.90 39.55 3.88
C HIS D 283 -0.45 40.40 2.70
N ASN D 284 0.10 39.75 1.68
CA ASN D 284 0.46 40.41 0.44
C ASN D 284 -0.25 39.73 -0.72
N ALA D 285 -1.54 40.04 -0.86
CA ALA D 285 -2.38 39.39 -1.86
C ALA D 285 -2.99 40.39 -2.84
N SER D 286 -3.20 39.93 -4.06
CA SER D 286 -3.84 40.75 -5.10
C SER D 286 -4.95 39.95 -5.77
N VAL D 287 -5.98 39.58 -5.00
CA VAL D 287 -7.01 38.68 -5.50
C VAL D 287 -7.50 39.07 -6.88
N GLU D 288 -7.92 40.34 -7.03
CA GLU D 288 -8.52 40.78 -8.29
C GLU D 288 -7.51 40.78 -9.44
N LYS D 289 -6.32 41.32 -9.18
CA LYS D 289 -5.26 41.38 -10.18
C LYS D 289 -4.82 39.97 -10.57
N SER D 290 -4.81 39.08 -9.60
CA SER D 290 -4.46 37.68 -9.85
C SER D 290 -5.46 36.97 -10.76
N GLN D 291 -6.76 37.25 -10.58
CA GLN D 291 -7.79 36.70 -11.48
C GLN D 291 -7.59 37.23 -12.91
N VAL D 292 -7.43 38.55 -13.03
CA VAL D 292 -7.21 39.15 -14.36
C VAL D 292 -6.00 38.55 -15.03
N GLY D 293 -4.92 38.36 -14.27
CA GLY D 293 -3.70 37.77 -14.80
C GLY D 293 -3.87 36.32 -15.22
N PHE D 294 -4.62 35.56 -14.43
CA PHE D 294 -4.89 34.15 -14.73
C PHE D 294 -5.77 34.05 -15.97
N ILE D 295 -6.74 34.95 -16.09
CA ILE D 295 -7.56 34.99 -17.27
C ILE D 295 -6.72 35.32 -18.50
N ASP D 296 -6.00 36.44 -18.46
CA ASP D 296 -5.18 36.88 -19.59
C ASP D 296 -4.15 35.84 -20.06
N TYR D 297 -3.52 35.13 -19.14
CA TYR D 297 -2.40 34.29 -19.51
C TYR D 297 -2.75 32.80 -19.63
N ILE D 298 -3.82 32.38 -18.97
CA ILE D 298 -4.19 30.96 -18.96
C ILE D 298 -5.58 30.65 -19.51
N VAL D 299 -6.60 31.26 -18.90
CA VAL D 299 -7.98 30.87 -19.16
C VAL D 299 -8.49 31.39 -20.51
N HIS D 300 -8.24 32.66 -20.82
CA HIS D 300 -8.69 33.18 -22.11
C HIS D 300 -8.01 32.52 -23.31
N PRO D 301 -6.67 32.34 -23.26
CA PRO D 301 -6.02 31.67 -24.40
C PRO D 301 -6.61 30.28 -24.66
N LEU D 302 -6.82 29.52 -23.59
CA LEU D 302 -7.45 28.20 -23.70
C LEU D 302 -8.87 28.26 -24.28
N TRP D 303 -9.73 29.09 -23.70
CA TRP D 303 -11.11 29.15 -24.14
C TRP D 303 -11.28 29.77 -25.53
N GLU D 304 -10.46 30.76 -25.84
CA GLU D 304 -10.46 31.31 -27.18
C GLU D 304 -10.15 30.21 -28.17
N THR D 305 -9.20 29.35 -27.84
CA THR D 305 -8.80 28.28 -28.75
C THR D 305 -9.87 27.18 -28.87
N TRP D 306 -10.43 26.77 -27.73
CA TRP D 306 -11.55 25.83 -27.74
C TRP D 306 -12.68 26.40 -28.60
N ALA D 307 -12.97 27.69 -28.42
CA ALA D 307 -14.10 28.32 -29.10
C ALA D 307 -13.90 28.26 -30.61
N ASP D 308 -12.64 28.31 -31.04
CA ASP D 308 -12.30 28.20 -32.44
C ASP D 308 -12.55 26.79 -32.95
N LEU D 309 -12.21 25.79 -32.13
CA LEU D 309 -12.41 24.39 -32.50
C LEU D 309 -13.88 24.11 -32.74
N VAL D 310 -14.74 24.65 -31.88
CA VAL D 310 -16.16 24.33 -31.97
C VAL D 310 -16.98 25.50 -32.52
N HIS D 311 -16.32 26.44 -33.19
CA HIS D 311 -16.94 27.69 -33.63
C HIS D 311 -18.27 27.43 -34.35
N PRO D 312 -19.32 28.19 -34.01
CA PRO D 312 -19.38 29.26 -33.01
C PRO D 312 -20.06 28.82 -31.71
N ASP D 313 -20.07 27.53 -31.42
CA ASP D 313 -20.84 26.99 -30.28
C ASP D 313 -20.56 27.68 -28.95
N ALA D 314 -19.33 28.17 -28.78
CA ALA D 314 -18.91 28.63 -27.47
C ALA D 314 -18.81 30.16 -27.36
N GLN D 315 -19.32 30.88 -28.35
CA GLN D 315 -19.23 32.34 -28.32
C GLN D 315 -19.77 32.97 -27.03
N ASP D 316 -20.91 32.49 -26.54
CA ASP D 316 -21.50 33.07 -25.33
C ASP D 316 -20.60 32.86 -24.11
N ILE D 317 -19.97 31.69 -24.05
CA ILE D 317 -19.02 31.39 -22.99
C ILE D 317 -17.84 32.37 -23.01
N LEU D 318 -17.28 32.60 -24.19
CA LEU D 318 -16.17 33.52 -24.36
C LEU D 318 -16.59 34.94 -24.01
N ASP D 319 -17.78 35.35 -24.44
CA ASP D 319 -18.30 36.67 -24.10
C ASP D 319 -18.44 36.86 -22.60
N THR D 320 -18.98 35.85 -21.92
CA THR D 320 -19.09 35.92 -20.48
C THR D 320 -17.72 36.04 -19.83
N LEU D 321 -16.75 35.27 -20.31
CA LEU D 321 -15.41 35.32 -19.76
C LEU D 321 -14.88 36.75 -19.83
N GLU D 322 -15.09 37.37 -20.99
CA GLU D 322 -14.57 38.72 -21.20
C GLU D 322 -15.26 39.74 -20.30
N ASP D 323 -16.57 39.61 -20.14
CA ASP D 323 -17.31 40.48 -19.23
C ASP D 323 -16.78 40.32 -17.80
N ASN D 324 -16.54 39.09 -17.40
CA ASN D 324 -16.08 38.82 -16.04
C ASN D 324 -14.69 39.36 -15.77
N ARG D 325 -13.83 39.31 -16.78
CA ARG D 325 -12.48 39.83 -16.62
C ARG D 325 -12.57 41.32 -16.33
N GLU D 326 -13.39 42.01 -17.11
CA GLU D 326 -13.52 43.44 -16.98
C GLU D 326 -14.05 43.79 -15.60
N TRP D 327 -14.89 42.92 -15.04
CA TRP D 327 -15.37 43.18 -13.68
C TRP D 327 -14.27 43.11 -12.62
N TYR D 328 -13.40 42.11 -12.70
CA TYR D 328 -12.29 41.99 -11.73
C TYR D 328 -11.25 43.09 -11.94
N GLN D 329 -10.99 43.44 -13.19
CA GLN D 329 -10.14 44.58 -13.50
C GLN D 329 -10.62 45.84 -12.79
N SER D 330 -11.93 46.05 -12.78
CA SER D 330 -12.53 47.28 -12.27
C SER D 330 -12.57 47.34 -10.76
N THR D 331 -12.12 46.27 -10.10
CA THR D 331 -12.10 46.23 -8.63
C THR D 331 -10.72 45.95 -8.07
N ILE D 332 -9.68 46.16 -8.89
CA ILE D 332 -8.32 46.11 -8.37
C ILE D 332 -8.06 47.38 -7.58
N PRO D 333 -7.58 47.25 -6.33
CA PRO D 333 -7.38 48.43 -5.49
C PRO D 333 -6.43 49.44 -6.12
ZN ZN E . 2.42 -23.34 6.77
ZN ZN F . 2.74 -19.85 8.19
C1 EDO G . -11.51 -11.99 12.71
O1 EDO G . -12.25 -12.29 13.91
C2 EDO G . -11.87 -10.59 12.25
O2 EDO G . -13.26 -10.57 11.91
C1 EDO H . 6.47 0.11 -0.80
O1 EDO H . 7.74 0.46 -0.25
C2 EDO H . 6.66 -0.64 -2.11
O2 EDO H . 7.35 -1.86 -1.86
S DMS I . -16.64 -16.27 -15.87
O DMS I . -17.38 -17.75 -16.57
C1 DMS I . -15.80 -15.36 -17.20
C2 DMS I . -17.94 -15.08 -15.40
C1 EDO J . 18.74 -9.67 4.79
O1 EDO J . 20.09 -9.87 4.39
C2 EDO J . 17.81 -9.92 3.62
O2 EDO J . 16.55 -9.32 3.93
C1 EDO K . 14.45 -19.80 1.59
O1 EDO K . 14.88 -21.11 1.17
C2 EDO K . 15.13 -18.74 0.72
O2 EDO K . 14.55 -17.44 0.98
C1 EDO L . -7.71 -37.86 11.50
O1 EDO L . -8.53 -37.04 12.33
C2 EDO L . -8.57 -38.79 10.67
O2 EDO L . -7.84 -39.15 9.49
C1 EDO M . -20.50 -23.91 -12.14
O1 EDO M . -19.11 -24.14 -11.88
C2 EDO M . -21.17 -23.42 -10.86
O2 EDO M . -22.26 -22.56 -11.22
C1 PEG N . 6.17 -17.37 -8.67
O1 PEG N . 6.26 -16.86 -7.31
C2 PEG N . 6.35 -18.88 -8.64
O2 PEG N . 5.10 -19.49 -8.31
C3 PEG N . 5.25 -20.88 -8.05
C4 PEG N . 5.10 -21.59 -9.39
O4 PEG N . 4.12 -22.64 -9.29
C1 EDO O . -23.46 -17.29 6.46
O1 EDO O . -24.29 -17.87 5.46
C2 EDO O . -23.76 -17.97 7.79
O2 EDO O . -24.57 -17.08 8.56
C1 EDO P . -13.93 -12.89 0.81
O1 EDO P . -13.94 -11.58 1.38
C2 EDO P . -15.33 -13.22 0.30
O2 EDO P . -15.72 -12.20 -0.61
C1 EDO Q . -5.95 -16.42 16.83
O1 EDO Q . -6.99 -16.09 15.90
C2 EDO Q . -6.48 -17.46 17.83
O2 EDO Q . -5.46 -17.75 18.80
C1 EDO R . 10.32 -4.08 1.26
O1 EDO R . 10.48 -2.75 1.75
C2 EDO R . 10.38 -4.03 -0.25
O2 EDO R . 10.11 -5.34 -0.76
C1 EDO S . 8.90 -25.68 -5.22
O1 EDO S . 8.41 -26.29 -6.43
C2 EDO S . 8.78 -24.18 -5.38
O2 EDO S . 7.75 -23.92 -6.36
C1 EDO T . -22.03 -20.81 9.20
O1 EDO T . -20.95 -19.88 9.05
C2 EDO T . -21.96 -21.87 8.12
O2 EDO T . -22.94 -21.62 7.11
C1 EDO U . 19.27 -38.36 8.69
O1 EDO U . 19.44 -39.10 9.92
C2 EDO U . 18.29 -37.21 8.88
O2 EDO U . 18.94 -36.10 9.50
P PO4 V . 4.81 -22.39 9.04
O1 PO4 V . 4.69 -20.96 8.53
O2 PO4 V . 3.94 -22.59 10.26
O3 PO4 V . 4.32 -23.29 7.93
O4 PO4 V . 6.24 -22.73 9.41
C1 EDO W . -6.21 -3.89 -6.83
O1 EDO W . -6.50 -4.83 -5.78
C2 EDO W . -6.54 -4.55 -8.17
O2 EDO W . -6.09 -5.91 -8.16
C1 JN4 X . 11.15 -23.05 16.00
N2 JN4 X . 9.83 -22.44 16.04
C3 JN4 X . 8.98 -22.52 14.82
C4 JN4 X . 9.05 -23.85 14.02
C5 JN4 X . 10.17 -24.72 14.25
C6 JN4 X . 11.29 -24.36 15.22
C7 JN4 X . 9.28 -22.15 17.32
O8 JN4 X . 8.15 -21.68 17.42
N9 JN4 X . 10.14 -22.21 18.48
C10 JN4 X . 9.69 -21.76 19.77
C11 JN4 X . 10.73 -21.28 20.73
S12 JN4 X . 8.00 -24.59 12.86
C13 JN4 X . 8.68 -25.98 12.48
C14 JN4 X . 9.98 -26.11 13.29
C15 JN4 X . 10.93 -27.27 13.25
O16 JN4 X . 11.88 -27.31 14.08
C17 JN4 X . 12.81 -28.34 13.98
C18 JN4 X . 13.83 -28.23 12.91
O19 JN4 X . 10.70 -28.24 12.47
N20 JN4 X . 8.26 -27.05 11.59
C21 JN4 X . 7.00 -27.11 10.90
C22 JN4 X . 6.68 -28.34 10.10
C23 JN4 X . 7.75 -29.39 10.02
C24 JN4 X . 7.93 -30.27 11.05
C25 JN4 X . 8.61 -29.47 8.84
C26 JN4 X . 9.62 -30.45 8.76
C27 JN4 X . 9.82 -31.36 9.83
C28 JN4 X . 8.98 -31.29 10.97
O29 JN4 X . 6.30 -26.11 10.87
C1 EDO Y . -22.27 -7.15 10.99
O1 EDO Y . -21.67 -8.03 10.04
C2 EDO Y . -22.94 -5.99 10.26
O2 EDO Y . -22.70 -4.76 10.97
S DMS Z . 6.60 -38.48 -3.20
O DMS Z . 5.42 -37.44 -4.02
C1 DMS Z . 6.50 -40.16 -3.90
C2 DMS Z . 8.25 -38.00 -3.76
C1 EDO AA . -0.58 -11.95 -10.66
O1 EDO AA . -0.14 -11.10 -11.72
C2 EDO AA . -1.40 -13.11 -11.22
O2 EDO AA . -0.95 -13.51 -12.52
ZN ZN BA . -9.75 8.69 20.96
ZN ZN CA . -9.65 5.66 18.57
C1 EDO DA . -20.89 4.00 16.50
O1 EDO DA . -20.08 2.97 15.92
C2 EDO DA . -21.49 3.47 17.79
O2 EDO DA . -22.05 2.16 17.57
N1 EPE EA . -0.49 -3.48 50.12
C2 EPE EA . 0.88 -3.95 49.83
C3 EPE EA . 0.93 -5.47 49.57
N4 EPE EA . 0.33 -6.21 50.67
C5 EPE EA . -0.32 -5.40 51.70
C6 EPE EA . -1.22 -4.35 51.07
C7 EPE EA . 0.84 -7.52 51.03
C8 EPE EA . 0.87 -8.49 49.85
O8 EPE EA . 2.09 -8.32 49.15
C9 EPE EA . -0.47 -2.09 50.61
C10 EPE EA . -1.34 -1.23 49.70
S EPE EA . -1.13 0.57 49.86
O1S EPE EA . -1.54 1.04 51.18
O2S EPE EA . -1.93 1.21 48.82
O3S EPE EA . 0.28 0.94 49.67
S DMS FA . -6.92 20.76 11.15
O DMS FA . -6.21 19.27 10.43
C1 DMS FA . -7.77 20.32 12.69
C2 DMS FA . -5.59 21.81 11.82
C1 EDO GA . -4.10 2.51 -3.33
O1 EDO GA . -4.41 1.21 -3.89
C2 EDO GA . -5.25 3.45 -3.62
O2 EDO GA . -4.80 4.78 -3.34
C1 EDO HA . -23.14 -5.40 6.13
O1 EDO HA . -23.59 -4.08 5.81
C2 EDO HA . -24.21 -6.18 6.89
O2 EDO HA . -25.44 -6.16 6.16
C1 EDO IA . -8.47 5.40 -0.81
O1 EDO IA . -8.98 5.58 0.53
C2 EDO IA . -9.05 4.11 -1.37
O2 EDO IA . -9.43 3.34 -0.22
C1 EDO JA . -14.11 -5.46 15.67
O1 EDO JA . -13.46 -4.21 15.45
C2 EDO JA . -15.35 -5.48 14.80
O2 EDO JA . -15.81 -4.13 14.68
C1 EDO KA . -11.54 21.29 14.92
O1 EDO KA . -10.56 20.99 13.92
C2 EDO KA . -12.84 20.58 14.57
O2 EDO KA . -13.86 20.92 15.53
C1 EDO LA . -22.13 0.01 9.12
O1 EDO LA . -21.59 -0.40 10.39
C2 EDO LA . -23.01 -1.08 8.51
O2 EDO LA . -24.28 -1.20 9.19
C1 EDO MA . 5.02 11.62 38.66
O1 EDO MA . 5.52 12.93 38.96
C2 EDO MA . 3.61 11.52 39.22
O2 EDO MA . 3.16 10.17 39.15
C1 EDO NA . 12.48 4.47 37.27
O1 EDO NA . 13.62 3.72 36.84
C2 EDO NA . 12.76 5.95 37.10
O2 EDO NA . 11.60 6.70 37.46
C1 EDO OA . -0.88 3.39 46.40
O1 EDO OA . -0.52 4.76 46.57
C2 EDO OA . -2.26 3.24 45.74
O2 EDO OA . -3.09 4.39 45.99
C1 EDO PA . -1.03 7.59 47.64
O1 EDO PA . -2.01 6.57 47.63
C2 EDO PA . -1.73 8.93 47.43
O2 EDO PA . -1.00 9.71 46.48
P PO4 QA . -12.45 6.56 20.19
O1 PO4 QA . -11.88 7.86 20.71
O2 PO4 QA . -12.14 5.45 21.16
O3 PO4 QA . -13.95 6.60 20.06
O4 PO4 QA . -11.79 6.28 18.85
C1 JN4 RA . -20.55 2.08 21.34
N2 JN4 RA . -19.20 1.56 21.56
C3 JN4 RA . -18.07 2.47 21.28
C4 JN4 RA . -18.22 3.86 21.92
C5 JN4 RA . -19.55 4.32 22.21
C6 JN4 RA . -20.78 3.51 21.83
C7 JN4 RA . -19.06 0.47 22.49
O8 JN4 RA . -17.96 0.15 22.91
N9 JN4 RA . -20.24 -0.20 22.96
C10 JN4 RA . -20.16 -1.48 23.62
C11 JN4 RA . -20.22 -2.69 22.75
S12 JN4 RA . -17.09 5.05 22.47
C13 JN4 RA . -17.95 6.21 23.09
C14 JN4 RA . -19.43 5.83 22.97
C15 JN4 RA . -20.59 6.64 23.46
O16 JN4 RA . -21.73 6.09 23.49
C17 JN4 RA . -22.81 6.85 23.91
C18 JN4 RA . -23.67 7.42 22.83
O19 JN4 RA . -20.37 7.72 24.08
N20 JN4 RA . -17.53 7.43 23.74
C21 JN4 RA . -16.15 7.80 23.84
C22 JN4 RA . -15.85 9.12 24.50
C23 JN4 RA . -17.05 9.92 24.93
C24 JN4 RA . -17.43 11.03 24.21
C25 JN4 RA . -17.85 9.51 26.08
C26 JN4 RA . -18.99 10.25 26.44
C27 JN4 RA . -19.37 11.39 25.70
C28 JN4 RA . -18.61 11.78 24.58
O29 JN4 RA . -15.34 7.27 23.09
C1 EDO SA . 13.78 -8.57 4.52
O1 EDO SA . 14.66 -7.87 3.62
C2 EDO SA . 12.37 -8.53 3.93
O2 EDO SA . 12.08 -7.17 3.56
ZN ZN TA . 17.25 -4.74 -16.87
ZN ZN UA . 13.75 -3.43 -16.32
C1 EDO VA . 20.46 -16.22 -10.16
O1 EDO VA . 19.62 -16.16 -9.00
C2 EDO VA . 20.29 -17.56 -10.87
O2 EDO VA . 19.02 -17.62 -11.51
C1 EDO WA . 29.75 12.67 2.86
O1 EDO WA . 30.38 12.43 4.12
C2 EDO WA . 30.79 12.69 1.75
O2 EDO WA . 30.10 12.71 0.49
C1 EDO XA . 24.82 18.19 -3.85
O1 EDO XA . 25.12 19.58 -3.69
C2 EDO XA . 24.71 17.89 -5.34
O2 EDO XA . 23.80 18.83 -5.93
N1 EPE YA . 30.84 -20.42 -16.72
C2 EPE YA . 29.75 -20.99 -17.52
C3 EPE YA . 28.96 -21.99 -16.69
N4 EPE YA . 29.85 -22.99 -16.13
C5 EPE YA . 31.02 -22.53 -15.42
C6 EPE YA . 31.76 -21.44 -16.18
C7 EPE YA . 29.41 -24.37 -16.01
C8 EPE YA . 28.83 -24.90 -17.32
O8 EPE YA . 29.83 -24.92 -18.31
C9 EPE YA . 31.63 -19.56 -17.63
C10 EPE YA . 30.64 -18.68 -18.37
S EPE YA . 31.03 -16.92 -18.34
O1S EPE YA . 30.94 -16.43 -16.95
O2S EPE YA . 30.04 -16.29 -19.20
O3S EPE YA . 32.37 -16.63 -18.87
C1 EDO ZA . 33.86 2.08 -24.36
O1 EDO ZA . 34.86 1.79 -23.38
C2 EDO ZA . 32.75 2.87 -23.69
O2 EDO ZA . 31.84 3.40 -24.67
S DMS AB . 17.56 9.24 -0.91
O DMS AB . 16.11 8.19 -0.68
C1 DMS AB . 18.79 8.82 0.35
C2 DMS AB . 18.47 8.75 -2.41
C1 EDO BB . 11.62 13.48 -10.21
O1 EDO BB . 12.07 14.44 -9.25
C2 EDO BB . 12.47 13.63 -11.48
O2 EDO BB . 11.65 13.58 -12.66
C1 EDO CB . 11.56 9.32 -18.15
O1 EDO CB . 12.57 9.73 -17.23
C2 EDO CB . 12.18 8.42 -19.22
O2 EDO CB . 12.36 9.15 -20.44
C1 EDO DB . 11.40 -17.36 -14.80
O1 EDO DB . 12.21 -17.28 -15.97
C2 EDO DB . 10.16 -16.47 -14.93
O2 EDO DB . 9.35 -16.58 -13.75
C1 EDO EB . 18.03 -14.34 -4.93
O1 EDO EB . 19.43 -14.07 -5.13
C2 EDO EB . 17.66 -14.20 -3.47
O2 EDO EB . 16.23 -14.22 -3.32
C1 EDO FB . 7.12 -8.76 -7.58
O1 EDO FB . 7.69 -10.01 -8.03
C2 EDO FB . 6.07 -8.26 -8.55
O2 EDO FB . 5.15 -7.45 -7.82
P PO4 GB . 14.49 -5.34 -18.97
O1 PO4 GB . 14.55 -4.06 -19.77
O2 PO4 GB . 14.03 -6.42 -19.93
O3 PO4 GB . 15.88 -5.67 -18.46
O4 PO4 GB . 13.52 -5.18 -17.81
C1 JN4 HB . 10.24 -7.19 -26.85
N2 JN4 HB . 10.50 -5.85 -26.34
C3 JN4 HB . 11.29 -5.80 -25.08
C4 JN4 HB . 12.57 -6.66 -25.12
C5 JN4 HB . 12.67 -7.73 -26.08
C6 JN4 HB . 11.50 -8.05 -27.01
C7 JN4 HB . 10.66 -4.81 -27.32
O8 JN4 HB . 11.16 -3.74 -27.00
N9 JN4 HB . 10.13 -5.00 -28.64
C10 JN4 HB . 10.15 -3.92 -29.60
C11 JN4 HB . 9.05 -2.91 -29.55
S12 JN4 HB . 14.06 -6.61 -24.23
C13 JN4 HB . 14.97 -7.74 -24.83
C14 JN4 HB . 14.19 -8.46 -25.95
C15 JN4 HB . 14.70 -9.60 -26.78
O16 JN4 HB . 14.01 -9.97 -27.77
C17 JN4 HB . 14.40 -11.06 -28.55
C18 JN4 HB . 14.32 -12.39 -27.87
O19 JN4 HB . 15.85 -10.09 -26.57
N20 JN4 HB . 16.34 -8.05 -24.49
C21 JN4 HB . 17.03 -7.30 -23.49
C22 JN4 HB . 18.44 -7.74 -23.23
C23 JN4 HB . 18.83 -8.92 -24.08
C24 JN4 HB . 18.71 -10.19 -23.59
C25 JN4 HB . 19.27 -8.74 -25.46
C26 JN4 HB . 19.60 -9.84 -26.25
C27 JN4 HB . 19.48 -11.15 -25.73
C28 JN4 HB . 19.05 -11.34 -24.40
O29 JN4 HB . 16.37 -6.71 -22.65
C1 EDO IB . -15.28 4.34 2.96
O1 EDO IB . -15.56 3.13 3.66
C2 EDO IB . -16.15 4.40 1.71
O2 EDO IB . -17.53 4.43 2.13
C1 PEG JB . -23.34 27.47 -23.60
O1 PEG JB . -23.43 28.83 -24.05
C2 PEG JB . -24.49 26.65 -24.19
O2 PEG JB . -24.75 25.50 -23.38
C3 PEG JB . -26.07 25.52 -22.84
C4 PEG JB . -26.05 26.52 -21.68
O4 PEG JB . -26.74 27.73 -22.03
ZN ZN KB . -10.16 20.17 -10.64
ZN ZN LB . -6.77 18.65 -10.03
C1 EDO MB . -24.47 26.08 -33.23
O1 EDO MB . -23.75 26.56 -32.07
C2 EDO MB . -25.94 26.49 -33.15
O2 EDO MB . -26.62 25.72 -32.16
C1 EDO NB . -21.22 12.39 -29.31
O1 EDO NB . -20.03 13.20 -29.28
C2 EDO NB . -22.40 13.20 -28.78
O2 EDO NB . -23.53 13.10 -29.66
C1 EDO OB . -22.37 23.03 0.92
O1 EDO OB . -23.15 24.22 0.75
C2 EDO OB . -23.27 21.80 0.83
O2 EDO OB . -24.34 21.92 1.78
C1 EDO PB . -19.73 24.54 -25.63
O1 EDO PB . -18.96 24.28 -26.80
C2 EDO PB . -20.99 25.31 -25.97
O2 EDO PB . -22.11 24.69 -25.34
S DMS QB . -26.69 19.13 -30.03
O DMS QB . -27.51 18.00 -28.89
C1 DMS QB . -25.14 18.41 -30.60
C2 DMS QB . -27.61 19.15 -31.60
S DMS RB . -28.79 2.51 -2.15
O DMS RB . -27.16 3.21 -1.90
C1 DMS RB . -29.25 2.79 -3.88
C2 DMS RB . -28.69 0.69 -2.12
C1 EDO SB . -29.65 10.20 -6.24
O1 EDO SB . -29.87 9.32 -5.12
C2 EDO SB . -30.98 10.53 -6.89
O2 EDO SB . -30.91 11.80 -7.56
C1 EDO TB . -2.37 10.96 -24.33
O1 EDO TB . -1.48 11.85 -23.63
C2 EDO TB . -1.59 9.78 -24.90
O2 EDO TB . -2.23 8.53 -24.57
C1 PEG UB . -1.51 5.60 -20.21
O1 PEG UB . -1.95 5.96 -21.54
C2 PEG UB . -2.47 4.57 -19.62
O2 PEG UB . -2.24 3.27 -20.17
C3 PEG UB . -3.46 2.60 -20.52
C4 PEG UB . -4.14 1.85 -19.37
O4 PEG UB . -5.11 0.90 -19.85
S DMS VB . -18.29 15.16 1.37
O DMS VB . -19.87 14.44 0.85
C1 DMS VB . -17.29 13.90 2.21
C2 DMS VB . -17.25 15.51 -0.07
C1 EDO WB . -0.56 13.70 -19.74
O1 EDO WB . -1.57 12.75 -20.14
C2 EDO WB . 0.08 14.33 -20.97
O2 EDO WB . -0.89 15.04 -21.73
C1 EDO XB . -8.33 18.12 -35.98
O1 EDO XB . -7.47 18.23 -37.13
C2 EDO XB . -9.76 18.49 -36.36
O2 EDO XB . -10.17 17.71 -37.49
C1 PEG YB . -24.00 36.10 -16.05
O1 PEG YB . -23.63 35.73 -17.39
C2 PEG YB . -22.86 36.89 -15.41
O2 PEG YB . -22.59 38.02 -16.22
C3 PEG YB . -21.20 38.35 -16.32
C4 PEG YB . -20.99 38.90 -17.73
O4 PEG YB . -21.93 38.34 -18.66
C1 EDO ZB . -17.78 19.54 0.96
O1 EDO ZB . -18.49 18.29 1.00
C2 EDO ZB . -18.69 20.67 0.47
O2 EDO ZB . -18.00 21.91 0.72
C1 EDO AC . -28.51 16.50 -23.41
O1 EDO AC . -27.27 17.21 -23.52
C2 EDO AC . -28.29 15.18 -22.69
O2 EDO AC . -27.49 14.30 -23.47
C1 PEG BC . -9.25 24.24 3.01
O1 PEG BC . -9.61 25.31 2.14
C2 PEG BC . -7.96 23.55 2.52
O2 PEG BC . -7.20 23.19 3.67
C3 PEG BC . -6.51 21.95 3.48
C4 PEG BC . -5.12 22.05 4.11
O4 PEG BC . -4.68 23.41 4.20
C1 EDO CC . 9.70 6.43 -5.69
O1 EDO CC . 10.68 6.23 -4.66
C2 EDO CC . 9.96 5.50 -6.88
O2 EDO CC . 8.72 4.94 -7.37
C1 EDO DC . 4.23 7.26 -10.85
O1 EDO DC . 5.36 7.00 -10.00
C2 EDO DC . 4.58 8.19 -12.00
O2 EDO DC . 4.67 9.55 -11.56
C1 EDO EC . 2.67 8.63 -15.00
O1 EDO EC . 1.51 8.15 -14.30
C2 EDO EC . 2.67 10.16 -15.02
O2 EDO EC . 3.11 10.71 -13.77
S DMS FC . -26.26 29.53 -6.81
O DMS FC . -27.34 29.85 -8.22
C1 DMS FC . -25.94 27.78 -6.81
C2 DMS FC . -24.60 30.14 -7.14
P PO4 GC . -7.18 21.98 -9.94
O1 PO4 GC . -6.74 23.28 -9.29
O2 PO4 GC . -6.68 20.77 -9.17
O3 PO4 GC . -8.70 21.91 -9.95
O4 PO4 GC . -6.65 22.01 -11.36
C1 JN4 HC . -1.30 28.94 -9.73
N2 JN4 HC . -1.25 27.83 -10.68
C3 JN4 HC . -2.35 26.85 -10.53
C4 JN4 HC . -3.76 27.48 -10.49
C5 JN4 HC . -3.86 28.87 -10.11
C6 JN4 HC . -2.64 29.68 -9.72
C7 JN4 HC . -0.73 28.05 -12.00
O8 JN4 HC . -0.99 27.21 -12.85
N9 JN4 HC . 0.36 28.95 -12.25
C10 JN4 HC . 0.62 30.15 -11.48
C11 JN4 HC . 1.88 30.26 -10.70
S12 JN4 HC . -5.33 26.88 -10.86
C13 JN4 HC . -6.29 28.11 -10.64
C14 JN4 HC . -5.48 29.32 -10.19
C15 JN4 HC . -6.02 30.69 -9.89
O16 JN4 HC . -5.26 31.54 -9.34
C17 JN4 HC . -5.70 32.84 -9.12
C18 JN4 HC . -5.27 33.50 -7.86
O19 JN4 HC . -7.26 30.94 -10.08
N20 JN4 HC . -7.72 28.21 -10.81
C21 JN4 HC . -8.49 27.10 -11.25
C22 JN4 HC . -9.97 27.31 -11.30
C23 JN4 HC . -10.39 28.70 -10.88
C24 JN4 HC . -11.01 28.89 -9.67
C25 JN4 HC . -10.14 29.85 -11.75
C26 JN4 HC . -10.54 31.12 -11.35
C27 JN4 HC . -11.18 31.32 -10.10
C28 JN4 HC . -11.44 30.21 -9.27
O29 JN4 HC . -8.00 25.97 -11.22
#